data_2BFQ
# 
_entry.id   2BFQ 
# 
_audit_conform.dict_name       mmcif_pdbx.dic 
_audit_conform.dict_version    5.397 
_audit_conform.dict_location   http://mmcif.pdb.org/dictionaries/ascii/mmcif_pdbx.dic 
# 
loop_
_database_2.database_id 
_database_2.database_code 
_database_2.pdbx_database_accession 
_database_2.pdbx_DOI 
PDB   2BFQ         pdb_00002bfq 10.2210/pdb2bfq/pdb 
PDBE  EBI-21929    ?            ?                   
WWPDB D_1290021929 ?            ?                   
# 
loop_
_pdbx_audit_revision_history.ordinal 
_pdbx_audit_revision_history.data_content_type 
_pdbx_audit_revision_history.major_revision 
_pdbx_audit_revision_history.minor_revision 
_pdbx_audit_revision_history.revision_date 
1 'Structure model' 1 0 2005-01-18 
2 'Structure model' 1 1 2012-02-22 
3 'Structure model' 1 2 2018-01-24 
4 'Structure model' 1 3 2023-12-13 
5 'Structure model' 1 4 2024-10-23 
# 
_pdbx_audit_revision_details.ordinal             1 
_pdbx_audit_revision_details.revision_ordinal    1 
_pdbx_audit_revision_details.data_content_type   'Structure model' 
_pdbx_audit_revision_details.provider            repository 
_pdbx_audit_revision_details.type                'Initial release' 
_pdbx_audit_revision_details.description         ? 
_pdbx_audit_revision_details.details             ? 
# 
loop_
_pdbx_audit_revision_group.ordinal 
_pdbx_audit_revision_group.revision_ordinal 
_pdbx_audit_revision_group.data_content_type 
_pdbx_audit_revision_group.group 
1  2 'Structure model' 'Atomic model'              
2  2 'Structure model' 'Data collection'           
3  2 'Structure model' 'Derived calculations'      
4  2 'Structure model' 'Non-polymer description'   
5  2 'Structure model' Other                       
6  2 'Structure model' 'Refinement description'    
7  2 'Structure model' 'Structure summary'         
8  2 'Structure model' 'Version format compliance' 
9  3 'Structure model' 'Source and taxonomy'       
10 4 'Structure model' 'Data collection'           
11 4 'Structure model' 'Database references'       
12 4 'Structure model' 'Derived calculations'      
13 4 'Structure model' Other                       
14 4 'Structure model' 'Refinement description'    
15 4 'Structure model' 'Structure summary'         
16 5 'Structure model' 'Structure summary'         
# 
loop_
_pdbx_audit_revision_category.ordinal 
_pdbx_audit_revision_category.revision_ordinal 
_pdbx_audit_revision_category.data_content_type 
_pdbx_audit_revision_category.category 
1  3 'Structure model' entity_src_gen                
2  4 'Structure model' chem_comp                     
3  4 'Structure model' chem_comp_atom                
4  4 'Structure model' chem_comp_bond                
5  4 'Structure model' database_2                    
6  4 'Structure model' pdbx_database_status          
7  4 'Structure model' pdbx_initial_refinement_model 
8  4 'Structure model' struct_conn                   
9  4 'Structure model' struct_site                   
10 5 'Structure model' pdbx_entry_details            
11 5 'Structure model' pdbx_modification_feature     
# 
loop_
_pdbx_audit_revision_item.ordinal 
_pdbx_audit_revision_item.revision_ordinal 
_pdbx_audit_revision_item.data_content_type 
_pdbx_audit_revision_item.item 
1  3 'Structure model' '_entity_src_gen.pdbx_host_org_ncbi_taxonomy_id' 
2  3 'Structure model' '_entity_src_gen.pdbx_host_org_scientific_name'  
3  3 'Structure model' '_entity_src_gen.pdbx_host_org_strain'           
4  3 'Structure model' '_entity_src_gen.pdbx_host_org_variant'          
5  4 'Structure model' '_chem_comp.pdbx_synonyms'                       
6  4 'Structure model' '_database_2.pdbx_DOI'                           
7  4 'Structure model' '_database_2.pdbx_database_accession'            
8  4 'Structure model' '_pdbx_database_status.status_code_sf'           
9  4 'Structure model' '_struct_conn.pdbx_leaving_atom_flag'            
10 4 'Structure model' '_struct_site.pdbx_auth_asym_id'                 
11 4 'Structure model' '_struct_site.pdbx_auth_comp_id'                 
12 4 'Structure model' '_struct_site.pdbx_auth_seq_id'                  
# 
_pdbx_database_status.status_code                     REL 
_pdbx_database_status.entry_id                        2BFQ 
_pdbx_database_status.deposit_site                    PDBE 
_pdbx_database_status.process_site                    PDBE 
_pdbx_database_status.SG_entry                        . 
_pdbx_database_status.recvd_initial_deposition_date   2004-12-10 
_pdbx_database_status.pdb_format_compatible           Y 
_pdbx_database_status.status_code_sf                  REL 
_pdbx_database_status.status_code_mr                  ? 
_pdbx_database_status.status_code_cs                  ? 
_pdbx_database_status.methods_development_category    ? 
_pdbx_database_status.status_code_nmr_data            ? 
# 
loop_
_pdbx_database_related.db_name 
_pdbx_database_related.db_id 
_pdbx_database_related.content_type 
_pdbx_database_related.details 
PDB 1HJZ unspecified 'CRYSTAL STRUCTURE OF AF1521 PROTEIN CONTAINING A MACROH2A DOMAIN' 
PDB 1VHU unspecified 'CRYSTAL STRUCTURE OF A PUTATIVE PHOSPHOESTERASE'                  
PDB 2BFR unspecified 'THE MACRO DOMAIN IS AN ADP-RIBOSE BINDING MODULE'                 
# 
loop_
_audit_author.name 
_audit_author.pdbx_ordinal 
'Karras, G.I.'   1 
'Buhecha, H.R.'  2 
'Allen, M.D.'    3 
'Pugieux, C.'    4 
'Sait, F.'       5 
'Bycroft, M.'    6 
'Ladurner, A.G.' 7 
# 
_citation.id                        primary 
_citation.title                     'The Macro Domain is an Adp-Ribose Binding Module.' 
_citation.journal_abbrev            'Embo J.' 
_citation.journal_volume            24 
_citation.page_first                1911 
_citation.page_last                 ? 
_citation.year                      2005 
_citation.journal_id_ASTM           EMJODG 
_citation.country                   UK 
_citation.journal_id_ISSN           0261-4189 
_citation.journal_id_CSD            0897 
_citation.book_publisher            ? 
_citation.pdbx_database_id_PubMed   15902274 
_citation.pdbx_database_id_DOI      10.1038/SJ.EMBOJ.7600664 
# 
loop_
_citation_author.citation_id 
_citation_author.name 
_citation_author.ordinal 
_citation_author.identifier_ORCID 
primary 'Karras, G.I.'    1 ? 
primary 'Kustatscher, G.' 2 ? 
primary 'Buhecha, H.R.'   3 ? 
primary 'Allen, M.D.'     4 ? 
primary 'Pugieux, C.'     5 ? 
primary 'Sait, F.'        6 ? 
primary 'Bycroft, M.'     7 ? 
primary 'Ladurner, A.G.'  8 ? 
# 
loop_
_entity.id 
_entity.type 
_entity.src_method 
_entity.pdbx_description 
_entity.formula_weight 
_entity.pdbx_number_of_molecules 
_entity.pdbx_ec 
_entity.pdbx_mutation 
_entity.pdbx_fragment 
_entity.details 
1 polymer     man 'HYPOTHETICAL PROTEIN AF1521' 21011.246 1   ? ? ? ? 
2 non-polymer syn 
;[(2R,3S,4R,5R)-5-(6-AMINOPURIN-9-YL)-3,4-DIHYDROXY-OXOLAN-2-YL]METHYL [HYDROXY-[[(2R,3S,4R,5S)-3,4,5-TRIHYDROXYOXOLAN-2-YL]METHOXY]PHOSPHORYL] HYDROGEN PHOSPHATE
;
559.316   1   ? ? ? ? 
3 water       nat water 18.015    155 ? ? ? ? 
# 
_entity_poly.entity_id                      1 
_entity_poly.type                           'polypeptide(L)' 
_entity_poly.nstd_linkage                   no 
_entity_poly.nstd_monomer                   yes 
_entity_poly.pdbx_seq_one_letter_code       
;(FME)EVLFEAKVGDITLKLAQGDITQYPAKAIVNAANKRLEHGGGVAYAIAKACAGDAGLYTEISKKAMREQFGRDYID
HGEVVVTPAMNLEERGIKYVFHTVGPICSGMWSEELKEKLYKAFLGPLEKAEEMGVESIAFPAVSAGIYGCDLEKVVETF
LEAVKNFKGSAVKEVALVIYDRKSAEVALKVFERSL
;
_entity_poly.pdbx_seq_one_letter_code_can   
;MEVLFEAKVGDITLKLAQGDITQYPAKAIVNAANKRLEHGGGVAYAIAKACAGDAGLYTEISKKAMREQFGRDYIDHGEV
VVTPAMNLEERGIKYVFHTVGPICSGMWSEELKEKLYKAFLGPLEKAEEMGVESIAFPAVSAGIYGCDLEKVVETFLEAV
KNFKGSAVKEVALVIYDRKSAEVALKVFERSL
;
_entity_poly.pdbx_strand_id                 A 
_entity_poly.pdbx_target_identifier         ? 
# 
loop_
_pdbx_entity_nonpoly.entity_id 
_pdbx_entity_nonpoly.name 
_pdbx_entity_nonpoly.comp_id 
2 
;[(2R,3S,4R,5R)-5-(6-AMINOPURIN-9-YL)-3,4-DIHYDROXY-OXOLAN-2-YL]METHYL [HYDROXY-[[(2R,3S,4R,5S)-3,4,5-TRIHYDROXYOXOLAN-2-YL]METHOXY]PHOSPHORYL] HYDROGEN PHOSPHATE
;
AR6 
3 water HOH 
# 
loop_
_entity_poly_seq.entity_id 
_entity_poly_seq.num 
_entity_poly_seq.mon_id 
_entity_poly_seq.hetero 
1 1   FME n 
1 2   GLU n 
1 3   VAL n 
1 4   LEU n 
1 5   PHE n 
1 6   GLU n 
1 7   ALA n 
1 8   LYS n 
1 9   VAL n 
1 10  GLY n 
1 11  ASP n 
1 12  ILE n 
1 13  THR n 
1 14  LEU n 
1 15  LYS n 
1 16  LEU n 
1 17  ALA n 
1 18  GLN n 
1 19  GLY n 
1 20  ASP n 
1 21  ILE n 
1 22  THR n 
1 23  GLN n 
1 24  TYR n 
1 25  PRO n 
1 26  ALA n 
1 27  LYS n 
1 28  ALA n 
1 29  ILE n 
1 30  VAL n 
1 31  ASN n 
1 32  ALA n 
1 33  ALA n 
1 34  ASN n 
1 35  LYS n 
1 36  ARG n 
1 37  LEU n 
1 38  GLU n 
1 39  HIS n 
1 40  GLY n 
1 41  GLY n 
1 42  GLY n 
1 43  VAL n 
1 44  ALA n 
1 45  TYR n 
1 46  ALA n 
1 47  ILE n 
1 48  ALA n 
1 49  LYS n 
1 50  ALA n 
1 51  CYS n 
1 52  ALA n 
1 53  GLY n 
1 54  ASP n 
1 55  ALA n 
1 56  GLY n 
1 57  LEU n 
1 58  TYR n 
1 59  THR n 
1 60  GLU n 
1 61  ILE n 
1 62  SER n 
1 63  LYS n 
1 64  LYS n 
1 65  ALA n 
1 66  MET n 
1 67  ARG n 
1 68  GLU n 
1 69  GLN n 
1 70  PHE n 
1 71  GLY n 
1 72  ARG n 
1 73  ASP n 
1 74  TYR n 
1 75  ILE n 
1 76  ASP n 
1 77  HIS n 
1 78  GLY n 
1 79  GLU n 
1 80  VAL n 
1 81  VAL n 
1 82  VAL n 
1 83  THR n 
1 84  PRO n 
1 85  ALA n 
1 86  MET n 
1 87  ASN n 
1 88  LEU n 
1 89  GLU n 
1 90  GLU n 
1 91  ARG n 
1 92  GLY n 
1 93  ILE n 
1 94  LYS n 
1 95  TYR n 
1 96  VAL n 
1 97  PHE n 
1 98  HIS n 
1 99  THR n 
1 100 VAL n 
1 101 GLY n 
1 102 PRO n 
1 103 ILE n 
1 104 CYS n 
1 105 SER n 
1 106 GLY n 
1 107 MET n 
1 108 TRP n 
1 109 SER n 
1 110 GLU n 
1 111 GLU n 
1 112 LEU n 
1 113 LYS n 
1 114 GLU n 
1 115 LYS n 
1 116 LEU n 
1 117 TYR n 
1 118 LYS n 
1 119 ALA n 
1 120 PHE n 
1 121 LEU n 
1 122 GLY n 
1 123 PRO n 
1 124 LEU n 
1 125 GLU n 
1 126 LYS n 
1 127 ALA n 
1 128 GLU n 
1 129 GLU n 
1 130 MET n 
1 131 GLY n 
1 132 VAL n 
1 133 GLU n 
1 134 SER n 
1 135 ILE n 
1 136 ALA n 
1 137 PHE n 
1 138 PRO n 
1 139 ALA n 
1 140 VAL n 
1 141 SER n 
1 142 ALA n 
1 143 GLY n 
1 144 ILE n 
1 145 TYR n 
1 146 GLY n 
1 147 CYS n 
1 148 ASP n 
1 149 LEU n 
1 150 GLU n 
1 151 LYS n 
1 152 VAL n 
1 153 VAL n 
1 154 GLU n 
1 155 THR n 
1 156 PHE n 
1 157 LEU n 
1 158 GLU n 
1 159 ALA n 
1 160 VAL n 
1 161 LYS n 
1 162 ASN n 
1 163 PHE n 
1 164 LYS n 
1 165 GLY n 
1 166 SER n 
1 167 ALA n 
1 168 VAL n 
1 169 LYS n 
1 170 GLU n 
1 171 VAL n 
1 172 ALA n 
1 173 LEU n 
1 174 VAL n 
1 175 ILE n 
1 176 TYR n 
1 177 ASP n 
1 178 ARG n 
1 179 LYS n 
1 180 SER n 
1 181 ALA n 
1 182 GLU n 
1 183 VAL n 
1 184 ALA n 
1 185 LEU n 
1 186 LYS n 
1 187 VAL n 
1 188 PHE n 
1 189 GLU n 
1 190 ARG n 
1 191 SER n 
1 192 LEU n 
# 
_entity_src_gen.entity_id                          1 
_entity_src_gen.pdbx_src_id                        1 
_entity_src_gen.pdbx_alt_source_flag               sample 
_entity_src_gen.pdbx_seq_type                      ? 
_entity_src_gen.pdbx_beg_seq_num                   ? 
_entity_src_gen.pdbx_end_seq_num                   ? 
_entity_src_gen.gene_src_common_name               ? 
_entity_src_gen.gene_src_genus                     ? 
_entity_src_gen.pdbx_gene_src_gene                 ? 
_entity_src_gen.gene_src_species                   ? 
_entity_src_gen.gene_src_strain                    ? 
_entity_src_gen.gene_src_tissue                    ? 
_entity_src_gen.gene_src_tissue_fraction           ? 
_entity_src_gen.gene_src_details                   ? 
_entity_src_gen.pdbx_gene_src_fragment             ? 
_entity_src_gen.pdbx_gene_src_scientific_name      'ARCHAEOGLOBUS FULGIDUS' 
_entity_src_gen.pdbx_gene_src_ncbi_taxonomy_id     2234 
_entity_src_gen.pdbx_gene_src_variant              ? 
_entity_src_gen.pdbx_gene_src_cell_line            ? 
_entity_src_gen.pdbx_gene_src_atcc                 ? 
_entity_src_gen.pdbx_gene_src_organ                ? 
_entity_src_gen.pdbx_gene_src_organelle            ? 
_entity_src_gen.pdbx_gene_src_cell                 ? 
_entity_src_gen.pdbx_gene_src_cellular_location    ? 
_entity_src_gen.host_org_common_name               ? 
_entity_src_gen.pdbx_host_org_scientific_name      'ESCHERICHIA COLI BL21(DE3)' 
_entity_src_gen.pdbx_host_org_ncbi_taxonomy_id     469008 
_entity_src_gen.host_org_genus                     ? 
_entity_src_gen.pdbx_host_org_gene                 ? 
_entity_src_gen.pdbx_host_org_organ                ? 
_entity_src_gen.host_org_species                   ? 
_entity_src_gen.pdbx_host_org_tissue               ? 
_entity_src_gen.pdbx_host_org_tissue_fraction      ? 
_entity_src_gen.pdbx_host_org_strain               ? 
_entity_src_gen.pdbx_host_org_variant              C41 
_entity_src_gen.pdbx_host_org_cell_line            ? 
_entity_src_gen.pdbx_host_org_atcc                 ? 
_entity_src_gen.pdbx_host_org_culture_collection   ? 
_entity_src_gen.pdbx_host_org_cell                 ? 
_entity_src_gen.pdbx_host_org_organelle            ? 
_entity_src_gen.pdbx_host_org_cellular_location    ? 
_entity_src_gen.pdbx_host_org_vector_type          ? 
_entity_src_gen.pdbx_host_org_vector               ? 
_entity_src_gen.host_org_details                   ? 
_entity_src_gen.expression_system_id               ? 
_entity_src_gen.plasmid_name                       PBE 
_entity_src_gen.plasmid_details                    ? 
_entity_src_gen.pdbx_description                   ? 
# 
loop_
_chem_comp.id 
_chem_comp.type 
_chem_comp.mon_nstd_flag 
_chem_comp.name 
_chem_comp.pdbx_synonyms 
_chem_comp.formula 
_chem_comp.formula_weight 
ALA 'L-peptide linking' y ALANINE ?                           'C3 H7 N O2'        89.093  
AR6 non-polymer         . 
;[(2R,3S,4R,5R)-5-(6-AMINOPURIN-9-YL)-3,4-DIHYDROXY-OXOLAN-2-YL]METHYL [HYDROXY-[[(2R,3S,4R,5S)-3,4,5-TRIHYDROXYOXOLAN-2-YL]METHOXY]PHOSPHORYL] HYDROGEN PHOSPHATE
;
Adenosine-5-Diphosphoribose 'C15 H23 N5 O14 P2' 559.316 
ARG 'L-peptide linking' y ARGININE ?                           'C6 H15 N4 O2 1'    175.209 
ASN 'L-peptide linking' y ASPARAGINE ?                           'C4 H8 N2 O3'       132.118 
ASP 'L-peptide linking' y 'ASPARTIC ACID' ?                           'C4 H7 N O4'        133.103 
CYS 'L-peptide linking' y CYSTEINE ?                           'C3 H7 N O2 S'      121.158 
FME 'L-peptide linking' n N-FORMYLMETHIONINE ?                           'C6 H11 N O3 S'     177.221 
GLN 'L-peptide linking' y GLUTAMINE ?                           'C5 H10 N2 O3'      146.144 
GLU 'L-peptide linking' y 'GLUTAMIC ACID' ?                           'C5 H9 N O4'        147.129 
GLY 'peptide linking'   y GLYCINE ?                           'C2 H5 N O2'        75.067  
HIS 'L-peptide linking' y HISTIDINE ?                           'C6 H10 N3 O2 1'    156.162 
HOH non-polymer         . WATER ?                           'H2 O'              18.015  
ILE 'L-peptide linking' y ISOLEUCINE ?                           'C6 H13 N O2'       131.173 
LEU 'L-peptide linking' y LEUCINE ?                           'C6 H13 N O2'       131.173 
LYS 'L-peptide linking' y LYSINE ?                           'C6 H15 N2 O2 1'    147.195 
MET 'L-peptide linking' y METHIONINE ?                           'C5 H11 N O2 S'     149.211 
PHE 'L-peptide linking' y PHENYLALANINE ?                           'C9 H11 N O2'       165.189 
PRO 'L-peptide linking' y PROLINE ?                           'C5 H9 N O2'        115.130 
SER 'L-peptide linking' y SERINE ?                           'C3 H7 N O3'        105.093 
THR 'L-peptide linking' y THREONINE ?                           'C4 H9 N O3'        119.119 
TRP 'L-peptide linking' y TRYPTOPHAN ?                           'C11 H12 N2 O2'     204.225 
TYR 'L-peptide linking' y TYROSINE ?                           'C9 H11 N O3'       181.189 
VAL 'L-peptide linking' y VALINE ?                           'C5 H11 N O2'       117.146 
# 
loop_
_pdbx_poly_seq_scheme.asym_id 
_pdbx_poly_seq_scheme.entity_id 
_pdbx_poly_seq_scheme.seq_id 
_pdbx_poly_seq_scheme.mon_id 
_pdbx_poly_seq_scheme.ndb_seq_num 
_pdbx_poly_seq_scheme.pdb_seq_num 
_pdbx_poly_seq_scheme.auth_seq_num 
_pdbx_poly_seq_scheme.pdb_mon_id 
_pdbx_poly_seq_scheme.auth_mon_id 
_pdbx_poly_seq_scheme.pdb_strand_id 
_pdbx_poly_seq_scheme.pdb_ins_code 
_pdbx_poly_seq_scheme.hetero 
A 1 1   FME 1   1   1   FME FME A . n 
A 1 2   GLU 2   2   2   GLU GLU A . n 
A 1 3   VAL 3   3   3   VAL VAL A . n 
A 1 4   LEU 4   4   4   LEU LEU A . n 
A 1 5   PHE 5   5   5   PHE PHE A . n 
A 1 6   GLU 6   6   6   GLU GLU A . n 
A 1 7   ALA 7   7   7   ALA ALA A . n 
A 1 8   LYS 8   8   8   LYS LYS A . n 
A 1 9   VAL 9   9   9   VAL VAL A . n 
A 1 10  GLY 10  10  10  GLY GLY A . n 
A 1 11  ASP 11  11  11  ASP ASP A . n 
A 1 12  ILE 12  12  12  ILE ILE A . n 
A 1 13  THR 13  13  13  THR THR A . n 
A 1 14  LEU 14  14  14  LEU LEU A . n 
A 1 15  LYS 15  15  15  LYS LYS A . n 
A 1 16  LEU 16  16  16  LEU LEU A . n 
A 1 17  ALA 17  17  17  ALA ALA A . n 
A 1 18  GLN 18  18  18  GLN GLN A . n 
A 1 19  GLY 19  19  19  GLY GLY A . n 
A 1 20  ASP 20  20  20  ASP ASP A . n 
A 1 21  ILE 21  21  21  ILE ILE A . n 
A 1 22  THR 22  22  22  THR THR A . n 
A 1 23  GLN 23  23  23  GLN GLN A . n 
A 1 24  TYR 24  24  24  TYR TYR A . n 
A 1 25  PRO 25  25  25  PRO PRO A . n 
A 1 26  ALA 26  26  26  ALA ALA A . n 
A 1 27  LYS 27  27  27  LYS LYS A . n 
A 1 28  ALA 28  28  28  ALA ALA A . n 
A 1 29  ILE 29  29  29  ILE ILE A . n 
A 1 30  VAL 30  30  30  VAL VAL A . n 
A 1 31  ASN 31  31  31  ASN ASN A . n 
A 1 32  ALA 32  32  32  ALA ALA A . n 
A 1 33  ALA 33  33  33  ALA ALA A . n 
A 1 34  ASN 34  34  34  ASN ASN A . n 
A 1 35  LYS 35  35  35  LYS LYS A . n 
A 1 36  ARG 36  36  36  ARG ARG A . n 
A 1 37  LEU 37  37  37  LEU LEU A . n 
A 1 38  GLU 38  38  38  GLU GLU A . n 
A 1 39  HIS 39  39  39  HIS HIS A . n 
A 1 40  GLY 40  40  40  GLY GLY A . n 
A 1 41  GLY 41  41  41  GLY GLY A . n 
A 1 42  GLY 42  42  42  GLY GLY A . n 
A 1 43  VAL 43  43  43  VAL VAL A . n 
A 1 44  ALA 44  44  44  ALA ALA A . n 
A 1 45  TYR 45  45  45  TYR TYR A . n 
A 1 46  ALA 46  46  46  ALA ALA A . n 
A 1 47  ILE 47  47  47  ILE ILE A . n 
A 1 48  ALA 48  48  48  ALA ALA A . n 
A 1 49  LYS 49  49  49  LYS LYS A . n 
A 1 50  ALA 50  50  50  ALA ALA A . n 
A 1 51  CYS 51  51  51  CYS CYS A . n 
A 1 52  ALA 52  52  52  ALA ALA A . n 
A 1 53  GLY 53  53  53  GLY GLY A . n 
A 1 54  ASP 54  54  54  ASP ASP A . n 
A 1 55  ALA 55  55  55  ALA ALA A . n 
A 1 56  GLY 56  56  56  GLY GLY A . n 
A 1 57  LEU 57  57  57  LEU LEU A . n 
A 1 58  TYR 58  58  58  TYR TYR A . n 
A 1 59  THR 59  59  59  THR THR A . n 
A 1 60  GLU 60  60  60  GLU GLU A . n 
A 1 61  ILE 61  61  61  ILE ILE A . n 
A 1 62  SER 62  62  62  SER SER A . n 
A 1 63  LYS 63  63  63  LYS LYS A . n 
A 1 64  LYS 64  64  64  LYS LYS A . n 
A 1 65  ALA 65  65  65  ALA ALA A . n 
A 1 66  MET 66  66  66  MET MET A . n 
A 1 67  ARG 67  67  67  ARG ARG A . n 
A 1 68  GLU 68  68  68  GLU GLU A . n 
A 1 69  GLN 69  69  69  GLN GLN A . n 
A 1 70  PHE 70  70  70  PHE PHE A . n 
A 1 71  GLY 71  71  71  GLY GLY A . n 
A 1 72  ARG 72  72  72  ARG ARG A . n 
A 1 73  ASP 73  73  73  ASP ASP A . n 
A 1 74  TYR 74  74  74  TYR TYR A . n 
A 1 75  ILE 75  75  75  ILE ILE A . n 
A 1 76  ASP 76  76  76  ASP ASP A . n 
A 1 77  HIS 77  77  77  HIS HIS A . n 
A 1 78  GLY 78  78  78  GLY GLY A . n 
A 1 79  GLU 79  79  79  GLU GLU A . n 
A 1 80  VAL 80  80  80  VAL VAL A . n 
A 1 81  VAL 81  81  81  VAL VAL A . n 
A 1 82  VAL 82  82  82  VAL VAL A . n 
A 1 83  THR 83  83  83  THR THR A . n 
A 1 84  PRO 84  84  84  PRO PRO A . n 
A 1 85  ALA 85  85  85  ALA ALA A . n 
A 1 86  MET 86  86  86  MET MET A . n 
A 1 87  ASN 87  87  87  ASN ASN A . n 
A 1 88  LEU 88  88  88  LEU LEU A . n 
A 1 89  GLU 89  89  89  GLU GLU A . n 
A 1 90  GLU 90  90  90  GLU GLU A . n 
A 1 91  ARG 91  91  91  ARG ARG A . n 
A 1 92  GLY 92  92  92  GLY GLY A . n 
A 1 93  ILE 93  93  93  ILE ILE A . n 
A 1 94  LYS 94  94  94  LYS LYS A . n 
A 1 95  TYR 95  95  95  TYR TYR A . n 
A 1 96  VAL 96  96  96  VAL VAL A . n 
A 1 97  PHE 97  97  97  PHE PHE A . n 
A 1 98  HIS 98  98  98  HIS HIS A . n 
A 1 99  THR 99  99  99  THR THR A . n 
A 1 100 VAL 100 100 100 VAL VAL A . n 
A 1 101 GLY 101 101 101 GLY GLY A . n 
A 1 102 PRO 102 102 102 PRO PRO A . n 
A 1 103 ILE 103 103 103 ILE ILE A . n 
A 1 104 CYS 104 104 104 CYS CYS A . n 
A 1 105 SER 105 105 105 SER SER A . n 
A 1 106 GLY 106 106 106 GLY GLY A . n 
A 1 107 MET 107 107 107 MET MET A . n 
A 1 108 TRP 108 108 108 TRP TRP A . n 
A 1 109 SER 109 109 109 SER SER A . n 
A 1 110 GLU 110 110 110 GLU GLU A . n 
A 1 111 GLU 111 111 111 GLU GLU A . n 
A 1 112 LEU 112 112 112 LEU LEU A . n 
A 1 113 LYS 113 113 113 LYS LYS A . n 
A 1 114 GLU 114 114 114 GLU GLU A . n 
A 1 115 LYS 115 115 115 LYS LYS A . n 
A 1 116 LEU 116 116 116 LEU LEU A . n 
A 1 117 TYR 117 117 117 TYR TYR A . n 
A 1 118 LYS 118 118 118 LYS LYS A . n 
A 1 119 ALA 119 119 119 ALA ALA A . n 
A 1 120 PHE 120 120 120 PHE PHE A . n 
A 1 121 LEU 121 121 121 LEU LEU A . n 
A 1 122 GLY 122 122 122 GLY GLY A . n 
A 1 123 PRO 123 123 123 PRO PRO A . n 
A 1 124 LEU 124 124 124 LEU LEU A . n 
A 1 125 GLU 125 125 125 GLU GLU A . n 
A 1 126 LYS 126 126 126 LYS LYS A . n 
A 1 127 ALA 127 127 127 ALA ALA A . n 
A 1 128 GLU 128 128 128 GLU GLU A . n 
A 1 129 GLU 129 129 129 GLU GLU A . n 
A 1 130 MET 130 130 130 MET MET A . n 
A 1 131 GLY 131 131 131 GLY GLY A . n 
A 1 132 VAL 132 132 132 VAL VAL A . n 
A 1 133 GLU 133 133 133 GLU GLU A . n 
A 1 134 SER 134 134 134 SER SER A . n 
A 1 135 ILE 135 135 135 ILE ILE A . n 
A 1 136 ALA 136 136 136 ALA ALA A . n 
A 1 137 PHE 137 137 137 PHE PHE A . n 
A 1 138 PRO 138 138 138 PRO PRO A . n 
A 1 139 ALA 139 139 139 ALA ALA A . n 
A 1 140 VAL 140 140 140 VAL VAL A . n 
A 1 141 SER 141 141 141 SER SER A . n 
A 1 142 ALA 142 142 142 ALA ALA A . n 
A 1 143 GLY 143 143 143 GLY GLY A . n 
A 1 144 ILE 144 144 144 ILE ILE A . n 
A 1 145 TYR 145 145 145 TYR TYR A . n 
A 1 146 GLY 146 146 146 GLY GLY A . n 
A 1 147 CYS 147 147 147 CYS CYS A . n 
A 1 148 ASP 148 148 148 ASP ASP A . n 
A 1 149 LEU 149 149 149 LEU LEU A . n 
A 1 150 GLU 150 150 150 GLU GLU A . n 
A 1 151 LYS 151 151 151 LYS LYS A . n 
A 1 152 VAL 152 152 152 VAL VAL A . n 
A 1 153 VAL 153 153 153 VAL VAL A . n 
A 1 154 GLU 154 154 154 GLU GLU A . n 
A 1 155 THR 155 155 155 THR THR A . n 
A 1 156 PHE 156 156 156 PHE PHE A . n 
A 1 157 LEU 157 157 157 LEU LEU A . n 
A 1 158 GLU 158 158 158 GLU GLU A . n 
A 1 159 ALA 159 159 159 ALA ALA A . n 
A 1 160 VAL 160 160 160 VAL VAL A . n 
A 1 161 LYS 161 161 161 LYS LYS A . n 
A 1 162 ASN 162 162 162 ASN ASN A . n 
A 1 163 PHE 163 163 163 PHE PHE A . n 
A 1 164 LYS 164 164 164 LYS LYS A . n 
A 1 165 GLY 165 165 165 GLY GLY A . n 
A 1 166 SER 166 166 166 SER SER A . n 
A 1 167 ALA 167 167 167 ALA ALA A . n 
A 1 168 VAL 168 168 168 VAL VAL A . n 
A 1 169 LYS 169 169 169 LYS LYS A . n 
A 1 170 GLU 170 170 170 GLU GLU A . n 
A 1 171 VAL 171 171 171 VAL VAL A . n 
A 1 172 ALA 172 172 172 ALA ALA A . n 
A 1 173 LEU 173 173 173 LEU LEU A . n 
A 1 174 VAL 174 174 174 VAL VAL A . n 
A 1 175 ILE 175 175 175 ILE ILE A . n 
A 1 176 TYR 176 176 176 TYR TYR A . n 
A 1 177 ASP 177 177 177 ASP ASP A . n 
A 1 178 ARG 178 178 178 ARG ARG A . n 
A 1 179 LYS 179 179 179 LYS LYS A . n 
A 1 180 SER 180 180 180 SER SER A . n 
A 1 181 ALA 181 181 181 ALA ALA A . n 
A 1 182 GLU 182 182 182 GLU GLU A . n 
A 1 183 VAL 183 183 183 VAL VAL A . n 
A 1 184 ALA 184 184 184 ALA ALA A . n 
A 1 185 LEU 185 185 185 LEU LEU A . n 
A 1 186 LYS 186 186 186 LYS LYS A . n 
A 1 187 VAL 187 187 187 VAL VAL A . n 
A 1 188 PHE 188 188 188 PHE PHE A . n 
A 1 189 GLU 189 189 189 GLU GLU A . n 
A 1 190 ARG 190 190 190 ARG ARG A . n 
A 1 191 SER 191 191 191 SER SER A . n 
A 1 192 LEU 192 192 192 LEU LEU A . n 
# 
loop_
_pdbx_nonpoly_scheme.asym_id 
_pdbx_nonpoly_scheme.entity_id 
_pdbx_nonpoly_scheme.mon_id 
_pdbx_nonpoly_scheme.ndb_seq_num 
_pdbx_nonpoly_scheme.pdb_seq_num 
_pdbx_nonpoly_scheme.auth_seq_num 
_pdbx_nonpoly_scheme.pdb_mon_id 
_pdbx_nonpoly_scheme.auth_mon_id 
_pdbx_nonpoly_scheme.pdb_strand_id 
_pdbx_nonpoly_scheme.pdb_ins_code 
B 2 AR6 1   1193 1193 AR6 AR6 A . 
C 3 HOH 1   2001 2001 HOH HOH A . 
C 3 HOH 2   2002 2002 HOH HOH A . 
C 3 HOH 3   2003 2003 HOH HOH A . 
C 3 HOH 4   2004 2004 HOH HOH A . 
C 3 HOH 5   2005 2005 HOH HOH A . 
C 3 HOH 6   2006 2006 HOH HOH A . 
C 3 HOH 7   2007 2007 HOH HOH A . 
C 3 HOH 8   2008 2008 HOH HOH A . 
C 3 HOH 9   2009 2009 HOH HOH A . 
C 3 HOH 10  2010 2010 HOH HOH A . 
C 3 HOH 11  2011 2011 HOH HOH A . 
C 3 HOH 12  2012 2012 HOH HOH A . 
C 3 HOH 13  2013 2013 HOH HOH A . 
C 3 HOH 14  2014 2014 HOH HOH A . 
C 3 HOH 15  2015 2015 HOH HOH A . 
C 3 HOH 16  2016 2016 HOH HOH A . 
C 3 HOH 17  2017 2017 HOH HOH A . 
C 3 HOH 18  2018 2018 HOH HOH A . 
C 3 HOH 19  2019 2019 HOH HOH A . 
C 3 HOH 20  2020 2020 HOH HOH A . 
C 3 HOH 21  2021 2021 HOH HOH A . 
C 3 HOH 22  2022 2022 HOH HOH A . 
C 3 HOH 23  2023 2023 HOH HOH A . 
C 3 HOH 24  2024 2024 HOH HOH A . 
C 3 HOH 25  2025 2025 HOH HOH A . 
C 3 HOH 26  2026 2026 HOH HOH A . 
C 3 HOH 27  2027 2027 HOH HOH A . 
C 3 HOH 28  2028 2028 HOH HOH A . 
C 3 HOH 29  2029 2029 HOH HOH A . 
C 3 HOH 30  2030 2030 HOH HOH A . 
C 3 HOH 31  2031 2031 HOH HOH A . 
C 3 HOH 32  2032 2032 HOH HOH A . 
C 3 HOH 33  2033 2033 HOH HOH A . 
C 3 HOH 34  2034 2034 HOH HOH A . 
C 3 HOH 35  2035 2035 HOH HOH A . 
C 3 HOH 36  2036 2036 HOH HOH A . 
C 3 HOH 37  2037 2037 HOH HOH A . 
C 3 HOH 38  2038 2038 HOH HOH A . 
C 3 HOH 39  2039 2039 HOH HOH A . 
C 3 HOH 40  2040 2040 HOH HOH A . 
C 3 HOH 41  2041 2041 HOH HOH A . 
C 3 HOH 42  2042 2042 HOH HOH A . 
C 3 HOH 43  2043 2043 HOH HOH A . 
C 3 HOH 44  2044 2044 HOH HOH A . 
C 3 HOH 45  2045 2045 HOH HOH A . 
C 3 HOH 46  2046 2046 HOH HOH A . 
C 3 HOH 47  2047 2047 HOH HOH A . 
C 3 HOH 48  2048 2048 HOH HOH A . 
C 3 HOH 49  2049 2049 HOH HOH A . 
C 3 HOH 50  2050 2050 HOH HOH A . 
C 3 HOH 51  2051 2051 HOH HOH A . 
C 3 HOH 52  2052 2052 HOH HOH A . 
C 3 HOH 53  2053 2053 HOH HOH A . 
C 3 HOH 54  2054 2054 HOH HOH A . 
C 3 HOH 55  2055 2055 HOH HOH A . 
C 3 HOH 56  2056 2056 HOH HOH A . 
C 3 HOH 57  2057 2057 HOH HOH A . 
C 3 HOH 58  2058 2058 HOH HOH A . 
C 3 HOH 59  2059 2059 HOH HOH A . 
C 3 HOH 60  2060 2060 HOH HOH A . 
C 3 HOH 61  2061 2061 HOH HOH A . 
C 3 HOH 62  2062 2062 HOH HOH A . 
C 3 HOH 63  2063 2063 HOH HOH A . 
C 3 HOH 64  2064 2064 HOH HOH A . 
C 3 HOH 65  2065 2065 HOH HOH A . 
C 3 HOH 66  2066 2066 HOH HOH A . 
C 3 HOH 67  2067 2067 HOH HOH A . 
C 3 HOH 68  2068 2068 HOH HOH A . 
C 3 HOH 69  2069 2069 HOH HOH A . 
C 3 HOH 70  2070 2070 HOH HOH A . 
C 3 HOH 71  2071 2071 HOH HOH A . 
C 3 HOH 72  2072 2072 HOH HOH A . 
C 3 HOH 73  2073 2073 HOH HOH A . 
C 3 HOH 74  2074 2074 HOH HOH A . 
C 3 HOH 75  2075 2075 HOH HOH A . 
C 3 HOH 76  2076 2076 HOH HOH A . 
C 3 HOH 77  2077 2077 HOH HOH A . 
C 3 HOH 78  2078 2078 HOH HOH A . 
C 3 HOH 79  2079 2079 HOH HOH A . 
C 3 HOH 80  2080 2080 HOH HOH A . 
C 3 HOH 81  2081 2081 HOH HOH A . 
C 3 HOH 82  2082 2082 HOH HOH A . 
C 3 HOH 83  2083 2083 HOH HOH A . 
C 3 HOH 84  2084 2084 HOH HOH A . 
C 3 HOH 85  2085 2085 HOH HOH A . 
C 3 HOH 86  2086 2086 HOH HOH A . 
C 3 HOH 87  2087 2087 HOH HOH A . 
C 3 HOH 88  2088 2088 HOH HOH A . 
C 3 HOH 89  2089 2089 HOH HOH A . 
C 3 HOH 90  2090 2090 HOH HOH A . 
C 3 HOH 91  2091 2091 HOH HOH A . 
C 3 HOH 92  2092 2092 HOH HOH A . 
C 3 HOH 93  2093 2093 HOH HOH A . 
C 3 HOH 94  2094 2094 HOH HOH A . 
C 3 HOH 95  2095 2095 HOH HOH A . 
C 3 HOH 96  2096 2096 HOH HOH A . 
C 3 HOH 97  2097 2097 HOH HOH A . 
C 3 HOH 98  2098 2098 HOH HOH A . 
C 3 HOH 99  2099 2099 HOH HOH A . 
C 3 HOH 100 2100 2100 HOH HOH A . 
C 3 HOH 101 2101 2101 HOH HOH A . 
C 3 HOH 102 2102 2102 HOH HOH A . 
C 3 HOH 103 2103 2103 HOH HOH A . 
C 3 HOH 104 2104 2104 HOH HOH A . 
C 3 HOH 105 2105 2105 HOH HOH A . 
C 3 HOH 106 2106 2106 HOH HOH A . 
C 3 HOH 107 2107 2107 HOH HOH A . 
C 3 HOH 108 2108 2108 HOH HOH A . 
C 3 HOH 109 2109 2109 HOH HOH A . 
C 3 HOH 110 2110 2110 HOH HOH A . 
C 3 HOH 111 2111 2111 HOH HOH A . 
C 3 HOH 112 2112 2112 HOH HOH A . 
C 3 HOH 113 2113 2113 HOH HOH A . 
C 3 HOH 114 2114 2114 HOH HOH A . 
C 3 HOH 115 2115 2115 HOH HOH A . 
C 3 HOH 116 2116 2116 HOH HOH A . 
C 3 HOH 117 2117 2117 HOH HOH A . 
C 3 HOH 118 2118 2118 HOH HOH A . 
C 3 HOH 119 2119 2119 HOH HOH A . 
C 3 HOH 120 2120 2120 HOH HOH A . 
C 3 HOH 121 2121 2121 HOH HOH A . 
C 3 HOH 122 2122 2122 HOH HOH A . 
C 3 HOH 123 2123 2123 HOH HOH A . 
C 3 HOH 124 2124 2124 HOH HOH A . 
C 3 HOH 125 2125 2125 HOH HOH A . 
C 3 HOH 126 2126 2126 HOH HOH A . 
C 3 HOH 127 2127 2127 HOH HOH A . 
C 3 HOH 128 2128 2128 HOH HOH A . 
C 3 HOH 129 2129 2129 HOH HOH A . 
C 3 HOH 130 2130 2130 HOH HOH A . 
C 3 HOH 131 2131 2131 HOH HOH A . 
C 3 HOH 132 2132 2132 HOH HOH A . 
C 3 HOH 133 2133 2133 HOH HOH A . 
C 3 HOH 134 2134 2134 HOH HOH A . 
C 3 HOH 135 2135 2135 HOH HOH A . 
C 3 HOH 136 2136 2136 HOH HOH A . 
C 3 HOH 137 2137 2137 HOH HOH A . 
C 3 HOH 138 2138 2138 HOH HOH A . 
C 3 HOH 139 2139 2139 HOH HOH A . 
C 3 HOH 140 2140 2140 HOH HOH A . 
C 3 HOH 141 2141 2141 HOH HOH A . 
C 3 HOH 142 2142 2142 HOH HOH A . 
C 3 HOH 143 2143 2143 HOH HOH A . 
C 3 HOH 144 2144 2144 HOH HOH A . 
C 3 HOH 145 2145 2145 HOH HOH A . 
C 3 HOH 146 2146 2146 HOH HOH A . 
C 3 HOH 147 2147 2147 HOH HOH A . 
C 3 HOH 148 2148 2148 HOH HOH A . 
C 3 HOH 149 2149 2149 HOH HOH A . 
C 3 HOH 150 2150 2150 HOH HOH A . 
C 3 HOH 151 2151 2151 HOH HOH A . 
C 3 HOH 152 2152 2152 HOH HOH A . 
C 3 HOH 153 2153 2153 HOH HOH A . 
C 3 HOH 154 2154 2154 HOH HOH A . 
C 3 HOH 155 2155 2155 HOH HOH A . 
# 
loop_
_software.name 
_software.classification 
_software.version 
_software.citation_id 
_software.pdbx_ordinal 
CNS    refinement       1.1 ? 1 
MOSFLM 'data reduction' .   ? 2 
SCALA  'data scaling'   .   ? 3 
MOLREP phasing          .   ? 4 
# 
_cell.entry_id           2BFQ 
_cell.length_a           88.116 
_cell.length_b           88.116 
_cell.length_c           60.280 
_cell.angle_alpha        90.00 
_cell.angle_beta         90.00 
_cell.angle_gamma        120.00 
_cell.Z_PDB              6 
_cell.pdbx_unique_axis   ? 
# 
_symmetry.entry_id                         2BFQ 
_symmetry.space_group_name_H-M             'P 61' 
_symmetry.pdbx_full_space_group_name_H-M   ? 
_symmetry.cell_setting                     ? 
_symmetry.Int_Tables_number                169 
# 
_exptl.entry_id          2BFQ 
_exptl.method            'X-RAY DIFFRACTION' 
_exptl.crystals_number   1 
# 
_exptl_crystal.id                    1 
_exptl_crystal.density_meas          ? 
_exptl_crystal.density_Matthews      3.15 
_exptl_crystal.density_percent_sol   61 
_exptl_crystal.description           ? 
# 
_exptl_crystal_grow.crystal_id      1 
_exptl_crystal_grow.method          ? 
_exptl_crystal_grow.temp            ? 
_exptl_crystal_grow.temp_details    ? 
_exptl_crystal_grow.pH              5.60 
_exptl_crystal_grow.pdbx_pH_range   ? 
_exptl_crystal_grow.pdbx_details    
;30% PEG 4000, 0.2 AMMONIUM ACETATE, 0.1 TRI SODIUM CITRATE (PH 5.6), 18MG/ML PROTEIN, 1.5 MM ADP-RIBOSE, 5MM DTT. CRYO BUFFER CONTAINED 20% GLYCEROL
;
# 
_diffrn.id                     1 
_diffrn.ambient_temp           100.0 
_diffrn.ambient_temp_details   ? 
_diffrn.crystal_id             1 
# 
_diffrn_detector.diffrn_id              1 
_diffrn_detector.detector               ? 
_diffrn_detector.type                   ? 
_diffrn_detector.pdbx_collection_date   2004-05-02 
_diffrn_detector.details                ? 
# 
_diffrn_radiation.diffrn_id                        1 
_diffrn_radiation.wavelength_id                    1 
_diffrn_radiation.pdbx_monochromatic_or_laue_m_l   M 
_diffrn_radiation.monochromator                    ? 
_diffrn_radiation.pdbx_diffrn_protocol             'SINGLE WAVELENGTH' 
_diffrn_radiation.pdbx_scattering_type             x-ray 
# 
_diffrn_radiation_wavelength.id           1 
_diffrn_radiation_wavelength.wavelength   0.934 
_diffrn_radiation_wavelength.wt           1.0 
# 
_diffrn_source.diffrn_id                   1 
_diffrn_source.source                      SYNCHROTRON 
_diffrn_source.type                        'ESRF BEAMLINE ID29' 
_diffrn_source.pdbx_synchrotron_site       ESRF 
_diffrn_source.pdbx_synchrotron_beamline   ID29 
_diffrn_source.pdbx_wavelength             0.934 
_diffrn_source.pdbx_wavelength_list        ? 
# 
_reflns.pdbx_diffrn_id               1 
_reflns.pdbx_ordinal                 1 
_reflns.entry_id                     2BFQ 
_reflns.observed_criterion_sigma_I   2.000 
_reflns.observed_criterion_sigma_F   ? 
_reflns.d_resolution_low             23.440 
_reflns.d_resolution_high            1.500 
_reflns.number_obs                   41551 
_reflns.number_all                   ? 
_reflns.percent_possible_obs         97.0 
_reflns.pdbx_Rmerge_I_obs            0.05000 
_reflns.pdbx_Rsym_value              ? 
_reflns.pdbx_netI_over_sigmaI        18.3000 
_reflns.B_iso_Wilson_estimate        ? 
_reflns.pdbx_redundancy              4.800 
# 
_reflns_shell.pdbx_diffrn_id         1 
_reflns_shell.pdbx_ordinal           1 
_reflns_shell.d_res_high             1.50 
_reflns_shell.d_res_low              1.58 
_reflns_shell.percent_possible_all   98.3 
_reflns_shell.Rmerge_I_obs           0.26000 
_reflns_shell.pdbx_Rsym_value        ? 
_reflns_shell.meanI_over_sigI_obs    5.300 
_reflns_shell.pdbx_redundancy        4.70 
# 
_refine.pdbx_refine_id                           'X-RAY DIFFRACTION' 
_refine.entry_id                                 2BFQ 
_refine.pdbx_diffrn_id                           1 
_refine.pdbx_TLS_residual_ADP_flag               ? 
_refine.ls_number_reflns_obs                     41432 
_refine.ls_number_reflns_all                     ? 
_refine.pdbx_ls_sigma_I                          ? 
_refine.pdbx_ls_sigma_F                          0.0 
_refine.pdbx_data_cutoff_high_absF               10000 
_refine.pdbx_data_cutoff_low_absF                ? 
_refine.pdbx_data_cutoff_high_rms_absF           ? 
_refine.ls_d_res_low                             20.0 
_refine.ls_d_res_high                            1.5 
_refine.ls_percent_reflns_obs                    97.1 
_refine.ls_R_factor_obs                          0.2103 
_refine.ls_R_factor_all                          ? 
_refine.ls_R_factor_R_work                       0.2103 
_refine.ls_R_factor_R_free                       0.2325 
_refine.ls_R_factor_R_free_error                 ? 
_refine.ls_R_factor_R_free_error_details         ? 
_refine.ls_percent_reflns_R_free                 4.8 
_refine.ls_number_reflns_R_free                  2041 
_refine.ls_number_parameters                     ? 
_refine.ls_number_restraints                     ? 
_refine.occupancy_min                            ? 
_refine.occupancy_max                            ? 
_refine.correlation_coeff_Fo_to_Fc               ? 
_refine.correlation_coeff_Fo_to_Fc_free          ? 
_refine.B_iso_mean                               24.4 
_refine.aniso_B[1][1]                            1.056 
_refine.aniso_B[2][2]                            1.056 
_refine.aniso_B[3][3]                            -2.111 
_refine.aniso_B[1][2]                            -0.226 
_refine.aniso_B[1][3]                            0.000 
_refine.aniso_B[2][3]                            0.000 
_refine.solvent_model_details                    ? 
_refine.solvent_model_param_ksol                 0.464477 
_refine.solvent_model_param_bsol                 58.4494 
_refine.pdbx_solvent_vdw_probe_radii             ? 
_refine.pdbx_solvent_ion_probe_radii             ? 
_refine.pdbx_solvent_shrinkage_radii             ? 
_refine.pdbx_ls_cross_valid_method               THROUGHOUT 
_refine.details                                  ? 
_refine.pdbx_starting_model                      'PDB ENTRY 1HJZ' 
_refine.pdbx_method_to_determine_struct          'MOLECULAR REPLACEMENT' 
_refine.pdbx_isotropic_thermal_model             ? 
_refine.pdbx_stereochemistry_target_values       ? 
_refine.pdbx_stereochem_target_val_spec_case     ? 
_refine.pdbx_R_Free_selection_details            RANDOM 
_refine.pdbx_overall_ESU_R                       ? 
_refine.pdbx_overall_ESU_R_Free                  ? 
_refine.overall_SU_ML                            ? 
_refine.pdbx_overall_phase_error                 ? 
_refine.overall_SU_B                             ? 
_refine.overall_SU_R_Cruickshank_DPI             ? 
_refine.pdbx_overall_SU_R_free_Cruickshank_DPI   ? 
_refine.pdbx_overall_SU_R_Blow_DPI               ? 
_refine.pdbx_overall_SU_R_free_Blow_DPI          ? 
# 
_refine_hist.pdbx_refine_id                   'X-RAY DIFFRACTION' 
_refine_hist.cycle_id                         LAST 
_refine_hist.pdbx_number_atoms_protein        1475 
_refine_hist.pdbx_number_atoms_nucleic_acid   0 
_refine_hist.pdbx_number_atoms_ligand         36 
_refine_hist.number_atoms_solvent             155 
_refine_hist.number_atoms_total               1666 
_refine_hist.d_res_high                       1.5 
_refine_hist.d_res_low                        20.0 
# 
loop_
_refine_ls_restr.type 
_refine_ls_restr.dev_ideal 
_refine_ls_restr.dev_ideal_target 
_refine_ls_restr.weight 
_refine_ls_restr.number 
_refine_ls_restr.pdbx_refine_id 
_refine_ls_restr.pdbx_restraint_function 
c_bond_d                0.012 ? ? ? 'X-RAY DIFFRACTION' ? 
c_bond_d_na             ?     ? ? ? 'X-RAY DIFFRACTION' ? 
c_bond_d_prot           ?     ? ? ? 'X-RAY DIFFRACTION' ? 
c_angle_d               ?     ? ? ? 'X-RAY DIFFRACTION' ? 
c_angle_d_na            ?     ? ? ? 'X-RAY DIFFRACTION' ? 
c_angle_d_prot          ?     ? ? ? 'X-RAY DIFFRACTION' ? 
c_angle_deg             1.59  ? ? ? 'X-RAY DIFFRACTION' ? 
c_angle_deg_na          ?     ? ? ? 'X-RAY DIFFRACTION' ? 
c_angle_deg_prot        ?     ? ? ? 'X-RAY DIFFRACTION' ? 
c_dihedral_angle_d      ?     ? ? ? 'X-RAY DIFFRACTION' ? 
c_dihedral_angle_d_na   ?     ? ? ? 'X-RAY DIFFRACTION' ? 
c_dihedral_angle_d_prot ?     ? ? ? 'X-RAY DIFFRACTION' ? 
c_improper_angle_d      ?     ? ? ? 'X-RAY DIFFRACTION' ? 
c_improper_angle_d_na   ?     ? ? ? 'X-RAY DIFFRACTION' ? 
c_improper_angle_d_prot ?     ? ? ? 'X-RAY DIFFRACTION' ? 
c_mcbond_it             ?     ? ? ? 'X-RAY DIFFRACTION' ? 
c_mcangle_it            ?     ? ? ? 'X-RAY DIFFRACTION' ? 
c_scbond_it             ?     ? ? ? 'X-RAY DIFFRACTION' ? 
c_scangle_it            ?     ? ? ? 'X-RAY DIFFRACTION' ? 
# 
loop_
_pdbx_xplor_file.pdbx_refine_id 
_pdbx_xplor_file.serial_no 
_pdbx_xplor_file.param_file 
_pdbx_xplor_file.topol_file 
'X-RAY DIFFRACTION' 1 ION.PARAM   ? 
'X-RAY DIFFRACTION' 2 WATER.PARAM ? 
# 
_struct.entry_id                  2BFQ 
_struct.title                     'MACRO DOMAINS ARE ADP-RIBOSE BINDING MOLECULES' 
_struct.pdbx_model_details        ? 
_struct.pdbx_CASP_flag            ? 
_struct.pdbx_model_type_details   ? 
# 
_struct_keywords.entry_id        2BFQ 
_struct_keywords.pdbx_keywords   'ADP RIBOSE-BINDING PROTEIN' 
_struct_keywords.text            'HISTONE MACROH2A, P-LOOP, NUCLEOTIDE, HYDROLASE, MACRO_H2A DOMAIN, ADP RIBOSE-BINDING PROTEIN' 
# 
loop_
_struct_asym.id 
_struct_asym.pdbx_blank_PDB_chainid_flag 
_struct_asym.pdbx_modified 
_struct_asym.entity_id 
_struct_asym.details 
A N N 1 ? 
B N N 2 ? 
C N N 3 ? 
# 
_struct_ref.id                         1 
_struct_ref.db_name                    UNP 
_struct_ref.db_code                    YF21_ARCFU 
_struct_ref.entity_id                  1 
_struct_ref.pdbx_seq_one_letter_code   ? 
_struct_ref.pdbx_align_begin           ? 
_struct_ref.pdbx_db_accession          O28751 
_struct_ref.pdbx_db_isoform            ? 
# 
_struct_ref_seq.align_id                      1 
_struct_ref_seq.ref_id                        1 
_struct_ref_seq.pdbx_PDB_id_code              2BFQ 
_struct_ref_seq.pdbx_strand_id                A 
_struct_ref_seq.seq_align_beg                 1 
_struct_ref_seq.pdbx_seq_align_beg_ins_code   ? 
_struct_ref_seq.seq_align_end                 192 
_struct_ref_seq.pdbx_seq_align_end_ins_code   ? 
_struct_ref_seq.pdbx_db_accession             O28751 
_struct_ref_seq.db_align_beg                  1 
_struct_ref_seq.pdbx_db_align_beg_ins_code    ? 
_struct_ref_seq.db_align_end                  192 
_struct_ref_seq.pdbx_db_align_end_ins_code    ? 
_struct_ref_seq.pdbx_auth_seq_align_beg       1 
_struct_ref_seq.pdbx_auth_seq_align_end       192 
# 
_pdbx_struct_assembly.id                   1 
_pdbx_struct_assembly.details              author_and_software_defined_assembly 
_pdbx_struct_assembly.method_details       PISA 
_pdbx_struct_assembly.oligomeric_details   monomeric 
_pdbx_struct_assembly.oligomeric_count     1 
# 
_pdbx_struct_assembly_gen.assembly_id       1 
_pdbx_struct_assembly_gen.oper_expression   1 
_pdbx_struct_assembly_gen.asym_id_list      A,B,C 
# 
_pdbx_struct_oper_list.id                   1 
_pdbx_struct_oper_list.type                 'identity operation' 
_pdbx_struct_oper_list.name                 1_555 
_pdbx_struct_oper_list.symmetry_operation   x,y,z 
_pdbx_struct_oper_list.matrix[1][1]         1.0000000000 
_pdbx_struct_oper_list.matrix[1][2]         0.0000000000 
_pdbx_struct_oper_list.matrix[1][3]         0.0000000000 
_pdbx_struct_oper_list.vector[1]            0.0000000000 
_pdbx_struct_oper_list.matrix[2][1]         0.0000000000 
_pdbx_struct_oper_list.matrix[2][2]         1.0000000000 
_pdbx_struct_oper_list.matrix[2][3]         0.0000000000 
_pdbx_struct_oper_list.vector[2]            0.0000000000 
_pdbx_struct_oper_list.matrix[3][1]         0.0000000000 
_pdbx_struct_oper_list.matrix[3][2]         0.0000000000 
_pdbx_struct_oper_list.matrix[3][3]         1.0000000000 
_pdbx_struct_oper_list.vector[3]            0.0000000000 
# 
_struct_biol.id   1 
# 
loop_
_struct_conf.conf_type_id 
_struct_conf.id 
_struct_conf.pdbx_PDB_helix_id 
_struct_conf.beg_label_comp_id 
_struct_conf.beg_label_asym_id 
_struct_conf.beg_label_seq_id 
_struct_conf.pdbx_beg_PDB_ins_code 
_struct_conf.end_label_comp_id 
_struct_conf.end_label_asym_id 
_struct_conf.end_label_seq_id 
_struct_conf.pdbx_end_PDB_ins_code 
_struct_conf.beg_auth_comp_id 
_struct_conf.beg_auth_asym_id 
_struct_conf.beg_auth_seq_id 
_struct_conf.end_auth_comp_id 
_struct_conf.end_auth_asym_id 
_struct_conf.end_auth_seq_id 
_struct_conf.pdbx_PDB_helix_class 
_struct_conf.details 
_struct_conf.pdbx_PDB_helix_length 
HELX_P HELX_P1 1 ASP A 20  ? TYR A 24  ? ASP A 20  TYR A 24  5 ? 5  
HELX_P HELX_P2 2 GLY A 41  ? GLY A 53  ? GLY A 41  GLY A 53  1 ? 13 
HELX_P HELX_P3 3 ASP A 54  ? GLY A 71  ? ASP A 54  GLY A 71  1 ? 18 
HELX_P HELX_P4 4 MET A 86  ? GLY A 92  ? MET A 86  GLY A 92  5 ? 7  
HELX_P HELX_P5 5 SER A 109 ? GLY A 131 ? SER A 109 GLY A 131 1 ? 23 
HELX_P HELX_P6 6 ASP A 148 ? PHE A 163 ? ASP A 148 PHE A 163 1 ? 16 
HELX_P HELX_P7 7 ASP A 177 ? LEU A 192 ? ASP A 177 LEU A 192 1 ? 16 
# 
_struct_conf_type.id          HELX_P 
_struct_conf_type.criteria    ? 
_struct_conf_type.reference   ? 
# 
_struct_conn.id                            covale1 
_struct_conn.conn_type_id                  covale 
_struct_conn.pdbx_leaving_atom_flag        both 
_struct_conn.pdbx_PDB_id                   ? 
_struct_conn.ptnr1_label_asym_id           A 
_struct_conn.ptnr1_label_comp_id           FME 
_struct_conn.ptnr1_label_seq_id            1 
_struct_conn.ptnr1_label_atom_id           C 
_struct_conn.pdbx_ptnr1_label_alt_id       ? 
_struct_conn.pdbx_ptnr1_PDB_ins_code       ? 
_struct_conn.pdbx_ptnr1_standard_comp_id   ? 
_struct_conn.ptnr1_symmetry                1_555 
_struct_conn.ptnr2_label_asym_id           A 
_struct_conn.ptnr2_label_comp_id           GLU 
_struct_conn.ptnr2_label_seq_id            2 
_struct_conn.ptnr2_label_atom_id           N 
_struct_conn.pdbx_ptnr2_label_alt_id       ? 
_struct_conn.pdbx_ptnr2_PDB_ins_code       ? 
_struct_conn.ptnr1_auth_asym_id            A 
_struct_conn.ptnr1_auth_comp_id            FME 
_struct_conn.ptnr1_auth_seq_id             1 
_struct_conn.ptnr2_auth_asym_id            A 
_struct_conn.ptnr2_auth_comp_id            GLU 
_struct_conn.ptnr2_auth_seq_id             2 
_struct_conn.ptnr2_symmetry                1_555 
_struct_conn.pdbx_ptnr3_label_atom_id      ? 
_struct_conn.pdbx_ptnr3_label_seq_id       ? 
_struct_conn.pdbx_ptnr3_label_comp_id      ? 
_struct_conn.pdbx_ptnr3_label_asym_id      ? 
_struct_conn.pdbx_ptnr3_label_alt_id       ? 
_struct_conn.pdbx_ptnr3_PDB_ins_code       ? 
_struct_conn.details                       ? 
_struct_conn.pdbx_dist_value               1.326 
_struct_conn.pdbx_value_order              ? 
_struct_conn.pdbx_role                     ? 
# 
_struct_conn_type.id          covale 
_struct_conn_type.criteria    ? 
_struct_conn_type.reference   ? 
# 
_pdbx_modification_feature.ordinal                            1 
_pdbx_modification_feature.label_comp_id                      FME 
_pdbx_modification_feature.label_asym_id                      A 
_pdbx_modification_feature.label_seq_id                       1 
_pdbx_modification_feature.label_alt_id                       ? 
_pdbx_modification_feature.modified_residue_label_comp_id     . 
_pdbx_modification_feature.modified_residue_label_asym_id     . 
_pdbx_modification_feature.modified_residue_label_seq_id      . 
_pdbx_modification_feature.modified_residue_label_alt_id      . 
_pdbx_modification_feature.auth_comp_id                       FME 
_pdbx_modification_feature.auth_asym_id                       A 
_pdbx_modification_feature.auth_seq_id                        1 
_pdbx_modification_feature.PDB_ins_code                       ? 
_pdbx_modification_feature.symmetry                           1_555 
_pdbx_modification_feature.modified_residue_auth_comp_id      . 
_pdbx_modification_feature.modified_residue_auth_asym_id      . 
_pdbx_modification_feature.modified_residue_auth_seq_id       . 
_pdbx_modification_feature.modified_residue_PDB_ins_code      . 
_pdbx_modification_feature.modified_residue_symmetry          . 
_pdbx_modification_feature.comp_id_linking_atom               . 
_pdbx_modification_feature.modified_residue_id_linking_atom   . 
_pdbx_modification_feature.modified_residue_id                MET 
_pdbx_modification_feature.ref_pcm_id                         1 
_pdbx_modification_feature.ref_comp_id                        FME 
_pdbx_modification_feature.type                               Formylation 
_pdbx_modification_feature.category                           'Named protein modification' 
# 
_struct_sheet.id               AA 
_struct_sheet.type             ? 
_struct_sheet.number_strands   7 
_struct_sheet.details          ? 
# 
loop_
_struct_sheet_order.sheet_id 
_struct_sheet_order.range_id_1 
_struct_sheet_order.range_id_2 
_struct_sheet_order.offset 
_struct_sheet_order.sense 
AA 1 2 ? anti-parallel 
AA 2 3 ? parallel      
AA 3 4 ? parallel      
AA 4 5 ? parallel      
AA 5 6 ? parallel      
AA 6 7 ? anti-parallel 
# 
loop_
_struct_sheet_range.sheet_id 
_struct_sheet_range.id 
_struct_sheet_range.beg_label_comp_id 
_struct_sheet_range.beg_label_asym_id 
_struct_sheet_range.beg_label_seq_id 
_struct_sheet_range.pdbx_beg_PDB_ins_code 
_struct_sheet_range.end_label_comp_id 
_struct_sheet_range.end_label_asym_id 
_struct_sheet_range.end_label_seq_id 
_struct_sheet_range.pdbx_end_PDB_ins_code 
_struct_sheet_range.beg_auth_comp_id 
_struct_sheet_range.beg_auth_asym_id 
_struct_sheet_range.beg_auth_seq_id 
_struct_sheet_range.end_auth_comp_id 
_struct_sheet_range.end_auth_asym_id 
_struct_sheet_range.end_auth_seq_id 
AA 1 GLU A 2   ? VAL A 9   ? GLU A 2   VAL A 9   
AA 2 ILE A 12  ? GLN A 18  ? ILE A 12  GLN A 18  
AA 3 GLU A 170 ? ILE A 175 ? GLU A 170 ILE A 175 
AA 4 SER A 134 ? PHE A 137 ? SER A 134 PHE A 137 
AA 5 ALA A 28  ? ALA A 33  ? ALA A 28  ALA A 33  
AA 6 TYR A 95  ? VAL A 100 ? TYR A 95  VAL A 100 
AA 7 VAL A 81  ? PRO A 84  ? VAL A 81  PRO A 84  
# 
loop_
_pdbx_struct_sheet_hbond.sheet_id 
_pdbx_struct_sheet_hbond.range_id_1 
_pdbx_struct_sheet_hbond.range_id_2 
_pdbx_struct_sheet_hbond.range_1_label_atom_id 
_pdbx_struct_sheet_hbond.range_1_label_comp_id 
_pdbx_struct_sheet_hbond.range_1_label_asym_id 
_pdbx_struct_sheet_hbond.range_1_label_seq_id 
_pdbx_struct_sheet_hbond.range_1_PDB_ins_code 
_pdbx_struct_sheet_hbond.range_1_auth_atom_id 
_pdbx_struct_sheet_hbond.range_1_auth_comp_id 
_pdbx_struct_sheet_hbond.range_1_auth_asym_id 
_pdbx_struct_sheet_hbond.range_1_auth_seq_id 
_pdbx_struct_sheet_hbond.range_2_label_atom_id 
_pdbx_struct_sheet_hbond.range_2_label_comp_id 
_pdbx_struct_sheet_hbond.range_2_label_asym_id 
_pdbx_struct_sheet_hbond.range_2_label_seq_id 
_pdbx_struct_sheet_hbond.range_2_PDB_ins_code 
_pdbx_struct_sheet_hbond.range_2_auth_atom_id 
_pdbx_struct_sheet_hbond.range_2_auth_comp_id 
_pdbx_struct_sheet_hbond.range_2_auth_asym_id 
_pdbx_struct_sheet_hbond.range_2_auth_seq_id 
AA 1 2 N VAL A 9   ? N VAL A 9   O ILE A 12  ? O ILE A 12  
AA 2 3 N LYS A 15  ? N LYS A 15  O VAL A 171 ? O VAL A 171 
AA 3 4 N ALA A 172 ? N ALA A 172 O ILE A 135 ? O ILE A 135 
AA 4 5 N ALA A 136 ? N ALA A 136 O ALA A 28  ? O ALA A 28  
AA 5 6 N ILE A 29  ? N ILE A 29  O TYR A 95  ? O TYR A 95  
AA 6 7 N HIS A 98  ? N HIS A 98  O VAL A 81  ? O VAL A 81  
# 
_struct_site.id                   AC1 
_struct_site.pdbx_evidence_code   Software 
_struct_site.pdbx_auth_asym_id    A 
_struct_site.pdbx_auth_comp_id    AR6 
_struct_site.pdbx_auth_seq_id     1193 
_struct_site.pdbx_auth_ins_code   ? 
_struct_site.pdbx_num_residues    30 
_struct_site.details              'BINDING SITE FOR RESIDUE AR6 A 1193' 
# 
loop_
_struct_site_gen.id 
_struct_site_gen.site_id 
_struct_site_gen.pdbx_num_res 
_struct_site_gen.label_comp_id 
_struct_site_gen.label_asym_id 
_struct_site_gen.label_seq_id 
_struct_site_gen.pdbx_auth_ins_code 
_struct_site_gen.auth_comp_id 
_struct_site_gen.auth_asym_id 
_struct_site_gen.auth_seq_id 
_struct_site_gen.label_atom_id 
_struct_site_gen.label_alt_id 
_struct_site_gen.symmetry 
_struct_site_gen.details 
1  AC1 30 ASP A 20  ? ASP A 20   . ? 1_555 ? 
2  AC1 30 ILE A 21  ? ILE A 21   . ? 1_555 ? 
3  AC1 30 ALA A 32  ? ALA A 32   . ? 1_555 ? 
4  AC1 30 ASN A 34  ? ASN A 34   . ? 1_555 ? 
5  AC1 30 GLU A 38  ? GLU A 38   . ? 1_555 ? 
6  AC1 30 GLY A 40  ? GLY A 40   . ? 1_555 ? 
7  AC1 30 GLY A 41  ? GLY A 41   . ? 1_555 ? 
8  AC1 30 GLY A 42  ? GLY A 42   . ? 1_555 ? 
9  AC1 30 VAL A 43  ? VAL A 43   . ? 1_555 ? 
10 AC1 30 ALA A 44  ? ALA A 44   . ? 1_555 ? 
11 AC1 30 ALA A 46  ? ALA A 46   . ? 1_555 ? 
12 AC1 30 GLU A 68  ? GLU A 68   . ? 6_555 ? 
13 AC1 30 ALA A 139 ? ALA A 139  . ? 1_555 ? 
14 AC1 30 SER A 141 ? SER A 141  . ? 1_555 ? 
15 AC1 30 ALA A 142 ? ALA A 142  . ? 1_555 ? 
16 AC1 30 GLY A 143 ? GLY A 143  . ? 1_555 ? 
17 AC1 30 ILE A 144 ? ILE A 144  . ? 1_555 ? 
18 AC1 30 TYR A 145 ? TYR A 145  . ? 1_555 ? 
19 AC1 30 TYR A 176 ? TYR A 176  . ? 1_555 ? 
20 AC1 30 HOH C .   ? HOH A 2029 . ? 1_555 ? 
21 AC1 30 HOH C .   ? HOH A 2034 . ? 1_555 ? 
22 AC1 30 HOH C .   ? HOH A 2137 . ? 1_555 ? 
23 AC1 30 HOH C .   ? HOH A 2147 . ? 1_555 ? 
24 AC1 30 HOH C .   ? HOH A 2148 . ? 1_555 ? 
25 AC1 30 HOH C .   ? HOH A 2149 . ? 1_555 ? 
26 AC1 30 HOH C .   ? HOH A 2150 . ? 1_555 ? 
27 AC1 30 HOH C .   ? HOH A 2151 . ? 1_555 ? 
28 AC1 30 HOH C .   ? HOH A 2152 . ? 1_555 ? 
29 AC1 30 HOH C .   ? HOH A 2153 . ? 1_555 ? 
30 AC1 30 HOH C .   ? HOH A 2155 . ? 1_555 ? 
# 
_pdbx_entry_details.entry_id                   2BFQ 
_pdbx_entry_details.compound_details           ? 
_pdbx_entry_details.source_details             ? 
_pdbx_entry_details.nonpolymer_details         ? 
_pdbx_entry_details.sequence_details           ? 
_pdbx_entry_details.has_ligand_of_interest     ? 
_pdbx_entry_details.has_protein_modification   Y 
# 
_pdbx_validate_close_contact.id               1 
_pdbx_validate_close_contact.PDB_model_num    1 
_pdbx_validate_close_contact.auth_atom_id_1   SG 
_pdbx_validate_close_contact.auth_asym_id_1   A 
_pdbx_validate_close_contact.auth_comp_id_1   CYS 
_pdbx_validate_close_contact.auth_seq_id_1    104 
_pdbx_validate_close_contact.PDB_ins_code_1   ? 
_pdbx_validate_close_contact.label_alt_id_1   ? 
_pdbx_validate_close_contact.auth_atom_id_2   O 
_pdbx_validate_close_contact.auth_asym_id_2   A 
_pdbx_validate_close_contact.auth_comp_id_2   HOH 
_pdbx_validate_close_contact.auth_seq_id_2    2091 
_pdbx_validate_close_contact.PDB_ins_code_2   ? 
_pdbx_validate_close_contact.label_alt_id_2   ? 
_pdbx_validate_close_contact.dist             2.12 
# 
loop_
_pdbx_validate_torsion.id 
_pdbx_validate_torsion.PDB_model_num 
_pdbx_validate_torsion.auth_comp_id 
_pdbx_validate_torsion.auth_asym_id 
_pdbx_validate_torsion.auth_seq_id 
_pdbx_validate_torsion.PDB_ins_code 
_pdbx_validate_torsion.label_alt_id 
_pdbx_validate_torsion.phi 
_pdbx_validate_torsion.psi 
1 1 ASP A 54  ? ? -160.01 118.91  
2 1 MET A 86  ? ? 48.07   -109.64 
3 1 SER A 141 ? ? 71.34   -1.66   
# 
_pdbx_struct_mod_residue.id               1 
_pdbx_struct_mod_residue.label_asym_id    A 
_pdbx_struct_mod_residue.label_comp_id    FME 
_pdbx_struct_mod_residue.label_seq_id     1 
_pdbx_struct_mod_residue.auth_asym_id     A 
_pdbx_struct_mod_residue.auth_comp_id     FME 
_pdbx_struct_mod_residue.auth_seq_id      1 
_pdbx_struct_mod_residue.PDB_ins_code     ? 
_pdbx_struct_mod_residue.parent_comp_id   MET 
_pdbx_struct_mod_residue.details          N-FORMYLMETHIONINE 
# 
loop_
_chem_comp_atom.comp_id 
_chem_comp_atom.atom_id 
_chem_comp_atom.type_symbol 
_chem_comp_atom.pdbx_aromatic_flag 
_chem_comp_atom.pdbx_stereo_config 
_chem_comp_atom.pdbx_ordinal 
ALA N      N N N 1   
ALA CA     C N S 2   
ALA C      C N N 3   
ALA O      O N N 4   
ALA CB     C N N 5   
ALA OXT    O N N 6   
ALA H      H N N 7   
ALA H2     H N N 8   
ALA HA     H N N 9   
ALA HB1    H N N 10  
ALA HB2    H N N 11  
ALA HB3    H N N 12  
ALA HXT    H N N 13  
AR6 N1     N Y N 14  
AR6 C2     C Y N 15  
AR6 N3     N Y N 16  
AR6 C4     C Y N 17  
AR6 C5     C Y N 18  
AR6 C6     C Y N 19  
AR6 N6     N N N 20  
AR6 N7     N Y N 21  
AR6 C8     C Y N 22  
AR6 N9     N Y N 23  
AR6 PA     P N N 24  
AR6 PB     P N N 25  
AR6 "C1'"  C N R 26  
AR6 O1A    O N N 27  
AR6 O1B    O N N 28  
AR6 C1D    C N S 29  
AR6 O1D    O N N 30  
AR6 "C2'"  C N R 31  
AR6 "O2'"  O N N 32  
AR6 O2A    O N N 33  
AR6 O2B    O N N 34  
AR6 C2D    C N R 35  
AR6 O2D    O N N 36  
AR6 "C3'"  C N S 37  
AR6 "O3'"  O N N 38  
AR6 O3A    O N N 39  
AR6 C3D    C N S 40  
AR6 O3D    O N N 41  
AR6 "C4'"  C N R 42  
AR6 "O4'"  O N N 43  
AR6 C4D    C N R 44  
AR6 O4D    O N N 45  
AR6 "C5'"  C N N 46  
AR6 "O5'"  O N N 47  
AR6 C5D    C N N 48  
AR6 O5D    O N N 49  
AR6 H2     H N N 50  
AR6 HN6    H N N 51  
AR6 HN6A   H N N 52  
AR6 H8     H N N 53  
AR6 "H1'"  H N N 54  
AR6 H1D    H N N 55  
AR6 "H2'"  H N N 56  
AR6 "HO2'" H N N 57  
AR6 H2D    H N N 58  
AR6 HO2D   H N N 59  
AR6 "H3'"  H N N 60  
AR6 "HO3'" H N N 61  
AR6 H3D    H N N 62  
AR6 HO3D   H N N 63  
AR6 "H4'"  H N N 64  
AR6 H4D    H N N 65  
AR6 "H5'"  H N N 66  
AR6 "H5'A" H N N 67  
AR6 H5D    H N N 68  
AR6 H5DA   H N N 69  
AR6 H1A    H N N 70  
AR6 H1B    H N N 71  
AR6 HD1    H N N 72  
ARG N      N N N 73  
ARG CA     C N S 74  
ARG C      C N N 75  
ARG O      O N N 76  
ARG CB     C N N 77  
ARG CG     C N N 78  
ARG CD     C N N 79  
ARG NE     N N N 80  
ARG CZ     C N N 81  
ARG NH1    N N N 82  
ARG NH2    N N N 83  
ARG OXT    O N N 84  
ARG H      H N N 85  
ARG H2     H N N 86  
ARG HA     H N N 87  
ARG HB2    H N N 88  
ARG HB3    H N N 89  
ARG HG2    H N N 90  
ARG HG3    H N N 91  
ARG HD2    H N N 92  
ARG HD3    H N N 93  
ARG HE     H N N 94  
ARG HH11   H N N 95  
ARG HH12   H N N 96  
ARG HH21   H N N 97  
ARG HH22   H N N 98  
ARG HXT    H N N 99  
ASN N      N N N 100 
ASN CA     C N S 101 
ASN C      C N N 102 
ASN O      O N N 103 
ASN CB     C N N 104 
ASN CG     C N N 105 
ASN OD1    O N N 106 
ASN ND2    N N N 107 
ASN OXT    O N N 108 
ASN H      H N N 109 
ASN H2     H N N 110 
ASN HA     H N N 111 
ASN HB2    H N N 112 
ASN HB3    H N N 113 
ASN HD21   H N N 114 
ASN HD22   H N N 115 
ASN HXT    H N N 116 
ASP N      N N N 117 
ASP CA     C N S 118 
ASP C      C N N 119 
ASP O      O N N 120 
ASP CB     C N N 121 
ASP CG     C N N 122 
ASP OD1    O N N 123 
ASP OD2    O N N 124 
ASP OXT    O N N 125 
ASP H      H N N 126 
ASP H2     H N N 127 
ASP HA     H N N 128 
ASP HB2    H N N 129 
ASP HB3    H N N 130 
ASP HD2    H N N 131 
ASP HXT    H N N 132 
CYS N      N N N 133 
CYS CA     C N R 134 
CYS C      C N N 135 
CYS O      O N N 136 
CYS CB     C N N 137 
CYS SG     S N N 138 
CYS OXT    O N N 139 
CYS H      H N N 140 
CYS H2     H N N 141 
CYS HA     H N N 142 
CYS HB2    H N N 143 
CYS HB3    H N N 144 
CYS HG     H N N 145 
CYS HXT    H N N 146 
FME N      N N N 147 
FME CN     C N N 148 
FME O1     O N N 149 
FME CA     C N S 150 
FME CB     C N N 151 
FME CG     C N N 152 
FME SD     S N N 153 
FME CE     C N N 154 
FME C      C N N 155 
FME O      O N N 156 
FME OXT    O N N 157 
FME H      H N N 158 
FME HCN    H N N 159 
FME HA     H N N 160 
FME HB2    H N N 161 
FME HB3    H N N 162 
FME HG2    H N N 163 
FME HG3    H N N 164 
FME HE1    H N N 165 
FME HE2    H N N 166 
FME HE3    H N N 167 
FME HXT    H N N 168 
GLN N      N N N 169 
GLN CA     C N S 170 
GLN C      C N N 171 
GLN O      O N N 172 
GLN CB     C N N 173 
GLN CG     C N N 174 
GLN CD     C N N 175 
GLN OE1    O N N 176 
GLN NE2    N N N 177 
GLN OXT    O N N 178 
GLN H      H N N 179 
GLN H2     H N N 180 
GLN HA     H N N 181 
GLN HB2    H N N 182 
GLN HB3    H N N 183 
GLN HG2    H N N 184 
GLN HG3    H N N 185 
GLN HE21   H N N 186 
GLN HE22   H N N 187 
GLN HXT    H N N 188 
GLU N      N N N 189 
GLU CA     C N S 190 
GLU C      C N N 191 
GLU O      O N N 192 
GLU CB     C N N 193 
GLU CG     C N N 194 
GLU CD     C N N 195 
GLU OE1    O N N 196 
GLU OE2    O N N 197 
GLU OXT    O N N 198 
GLU H      H N N 199 
GLU H2     H N N 200 
GLU HA     H N N 201 
GLU HB2    H N N 202 
GLU HB3    H N N 203 
GLU HG2    H N N 204 
GLU HG3    H N N 205 
GLU HE2    H N N 206 
GLU HXT    H N N 207 
GLY N      N N N 208 
GLY CA     C N N 209 
GLY C      C N N 210 
GLY O      O N N 211 
GLY OXT    O N N 212 
GLY H      H N N 213 
GLY H2     H N N 214 
GLY HA2    H N N 215 
GLY HA3    H N N 216 
GLY HXT    H N N 217 
HIS N      N N N 218 
HIS CA     C N S 219 
HIS C      C N N 220 
HIS O      O N N 221 
HIS CB     C N N 222 
HIS CG     C Y N 223 
HIS ND1    N Y N 224 
HIS CD2    C Y N 225 
HIS CE1    C Y N 226 
HIS NE2    N Y N 227 
HIS OXT    O N N 228 
HIS H      H N N 229 
HIS H2     H N N 230 
HIS HA     H N N 231 
HIS HB2    H N N 232 
HIS HB3    H N N 233 
HIS HD1    H N N 234 
HIS HD2    H N N 235 
HIS HE1    H N N 236 
HIS HE2    H N N 237 
HIS HXT    H N N 238 
HOH O      O N N 239 
HOH H1     H N N 240 
HOH H2     H N N 241 
ILE N      N N N 242 
ILE CA     C N S 243 
ILE C      C N N 244 
ILE O      O N N 245 
ILE CB     C N S 246 
ILE CG1    C N N 247 
ILE CG2    C N N 248 
ILE CD1    C N N 249 
ILE OXT    O N N 250 
ILE H      H N N 251 
ILE H2     H N N 252 
ILE HA     H N N 253 
ILE HB     H N N 254 
ILE HG12   H N N 255 
ILE HG13   H N N 256 
ILE HG21   H N N 257 
ILE HG22   H N N 258 
ILE HG23   H N N 259 
ILE HD11   H N N 260 
ILE HD12   H N N 261 
ILE HD13   H N N 262 
ILE HXT    H N N 263 
LEU N      N N N 264 
LEU CA     C N S 265 
LEU C      C N N 266 
LEU O      O N N 267 
LEU CB     C N N 268 
LEU CG     C N N 269 
LEU CD1    C N N 270 
LEU CD2    C N N 271 
LEU OXT    O N N 272 
LEU H      H N N 273 
LEU H2     H N N 274 
LEU HA     H N N 275 
LEU HB2    H N N 276 
LEU HB3    H N N 277 
LEU HG     H N N 278 
LEU HD11   H N N 279 
LEU HD12   H N N 280 
LEU HD13   H N N 281 
LEU HD21   H N N 282 
LEU HD22   H N N 283 
LEU HD23   H N N 284 
LEU HXT    H N N 285 
LYS N      N N N 286 
LYS CA     C N S 287 
LYS C      C N N 288 
LYS O      O N N 289 
LYS CB     C N N 290 
LYS CG     C N N 291 
LYS CD     C N N 292 
LYS CE     C N N 293 
LYS NZ     N N N 294 
LYS OXT    O N N 295 
LYS H      H N N 296 
LYS H2     H N N 297 
LYS HA     H N N 298 
LYS HB2    H N N 299 
LYS HB3    H N N 300 
LYS HG2    H N N 301 
LYS HG3    H N N 302 
LYS HD2    H N N 303 
LYS HD3    H N N 304 
LYS HE2    H N N 305 
LYS HE3    H N N 306 
LYS HZ1    H N N 307 
LYS HZ2    H N N 308 
LYS HZ3    H N N 309 
LYS HXT    H N N 310 
MET N      N N N 311 
MET CA     C N S 312 
MET C      C N N 313 
MET O      O N N 314 
MET CB     C N N 315 
MET CG     C N N 316 
MET SD     S N N 317 
MET CE     C N N 318 
MET OXT    O N N 319 
MET H      H N N 320 
MET H2     H N N 321 
MET HA     H N N 322 
MET HB2    H N N 323 
MET HB3    H N N 324 
MET HG2    H N N 325 
MET HG3    H N N 326 
MET HE1    H N N 327 
MET HE2    H N N 328 
MET HE3    H N N 329 
MET HXT    H N N 330 
PHE N      N N N 331 
PHE CA     C N S 332 
PHE C      C N N 333 
PHE O      O N N 334 
PHE CB     C N N 335 
PHE CG     C Y N 336 
PHE CD1    C Y N 337 
PHE CD2    C Y N 338 
PHE CE1    C Y N 339 
PHE CE2    C Y N 340 
PHE CZ     C Y N 341 
PHE OXT    O N N 342 
PHE H      H N N 343 
PHE H2     H N N 344 
PHE HA     H N N 345 
PHE HB2    H N N 346 
PHE HB3    H N N 347 
PHE HD1    H N N 348 
PHE HD2    H N N 349 
PHE HE1    H N N 350 
PHE HE2    H N N 351 
PHE HZ     H N N 352 
PHE HXT    H N N 353 
PRO N      N N N 354 
PRO CA     C N S 355 
PRO C      C N N 356 
PRO O      O N N 357 
PRO CB     C N N 358 
PRO CG     C N N 359 
PRO CD     C N N 360 
PRO OXT    O N N 361 
PRO H      H N N 362 
PRO HA     H N N 363 
PRO HB2    H N N 364 
PRO HB3    H N N 365 
PRO HG2    H N N 366 
PRO HG3    H N N 367 
PRO HD2    H N N 368 
PRO HD3    H N N 369 
PRO HXT    H N N 370 
SER N      N N N 371 
SER CA     C N S 372 
SER C      C N N 373 
SER O      O N N 374 
SER CB     C N N 375 
SER OG     O N N 376 
SER OXT    O N N 377 
SER H      H N N 378 
SER H2     H N N 379 
SER HA     H N N 380 
SER HB2    H N N 381 
SER HB3    H N N 382 
SER HG     H N N 383 
SER HXT    H N N 384 
THR N      N N N 385 
THR CA     C N S 386 
THR C      C N N 387 
THR O      O N N 388 
THR CB     C N R 389 
THR OG1    O N N 390 
THR CG2    C N N 391 
THR OXT    O N N 392 
THR H      H N N 393 
THR H2     H N N 394 
THR HA     H N N 395 
THR HB     H N N 396 
THR HG1    H N N 397 
THR HG21   H N N 398 
THR HG22   H N N 399 
THR HG23   H N N 400 
THR HXT    H N N 401 
TRP N      N N N 402 
TRP CA     C N S 403 
TRP C      C N N 404 
TRP O      O N N 405 
TRP CB     C N N 406 
TRP CG     C Y N 407 
TRP CD1    C Y N 408 
TRP CD2    C Y N 409 
TRP NE1    N Y N 410 
TRP CE2    C Y N 411 
TRP CE3    C Y N 412 
TRP CZ2    C Y N 413 
TRP CZ3    C Y N 414 
TRP CH2    C Y N 415 
TRP OXT    O N N 416 
TRP H      H N N 417 
TRP H2     H N N 418 
TRP HA     H N N 419 
TRP HB2    H N N 420 
TRP HB3    H N N 421 
TRP HD1    H N N 422 
TRP HE1    H N N 423 
TRP HE3    H N N 424 
TRP HZ2    H N N 425 
TRP HZ3    H N N 426 
TRP HH2    H N N 427 
TRP HXT    H N N 428 
TYR N      N N N 429 
TYR CA     C N S 430 
TYR C      C N N 431 
TYR O      O N N 432 
TYR CB     C N N 433 
TYR CG     C Y N 434 
TYR CD1    C Y N 435 
TYR CD2    C Y N 436 
TYR CE1    C Y N 437 
TYR CE2    C Y N 438 
TYR CZ     C Y N 439 
TYR OH     O N N 440 
TYR OXT    O N N 441 
TYR H      H N N 442 
TYR H2     H N N 443 
TYR HA     H N N 444 
TYR HB2    H N N 445 
TYR HB3    H N N 446 
TYR HD1    H N N 447 
TYR HD2    H N N 448 
TYR HE1    H N N 449 
TYR HE2    H N N 450 
TYR HH     H N N 451 
TYR HXT    H N N 452 
VAL N      N N N 453 
VAL CA     C N S 454 
VAL C      C N N 455 
VAL O      O N N 456 
VAL CB     C N N 457 
VAL CG1    C N N 458 
VAL CG2    C N N 459 
VAL OXT    O N N 460 
VAL H      H N N 461 
VAL H2     H N N 462 
VAL HA     H N N 463 
VAL HB     H N N 464 
VAL HG11   H N N 465 
VAL HG12   H N N 466 
VAL HG13   H N N 467 
VAL HG21   H N N 468 
VAL HG22   H N N 469 
VAL HG23   H N N 470 
VAL HXT    H N N 471 
# 
loop_
_chem_comp_bond.comp_id 
_chem_comp_bond.atom_id_1 
_chem_comp_bond.atom_id_2 
_chem_comp_bond.value_order 
_chem_comp_bond.pdbx_aromatic_flag 
_chem_comp_bond.pdbx_stereo_config 
_chem_comp_bond.pdbx_ordinal 
ALA N     CA     sing N N 1   
ALA N     H      sing N N 2   
ALA N     H2     sing N N 3   
ALA CA    C      sing N N 4   
ALA CA    CB     sing N N 5   
ALA CA    HA     sing N N 6   
ALA C     O      doub N N 7   
ALA C     OXT    sing N N 8   
ALA CB    HB1    sing N N 9   
ALA CB    HB2    sing N N 10  
ALA CB    HB3    sing N N 11  
ALA OXT   HXT    sing N N 12  
AR6 N1    C2     doub Y N 13  
AR6 N1    C6     sing Y N 14  
AR6 C2    N3     sing Y N 15  
AR6 N3    C4     doub Y N 16  
AR6 C4    C5     sing Y N 17  
AR6 C4    N9     sing Y N 18  
AR6 C5    C6     doub Y N 19  
AR6 C5    N7     sing Y N 20  
AR6 C6    N6     sing N N 21  
AR6 N7    C8     doub Y N 22  
AR6 C8    N9     sing Y N 23  
AR6 N9    "C1'"  sing N N 24  
AR6 PA    O1A    sing N N 25  
AR6 PA    O2A    doub N N 26  
AR6 PA    O3A    sing N N 27  
AR6 PA    "O5'"  sing N N 28  
AR6 PB    O1B    sing N N 29  
AR6 PB    O2B    doub N N 30  
AR6 PB    O3A    sing N N 31  
AR6 PB    O5D    sing N N 32  
AR6 "C1'" "C2'"  sing N N 33  
AR6 "C1'" "O4'"  sing N N 34  
AR6 C1D   O1D    sing N N 35  
AR6 C1D   C2D    sing N N 36  
AR6 C1D   O4D    sing N N 37  
AR6 "C2'" "O2'"  sing N N 38  
AR6 "C2'" "C3'"  sing N N 39  
AR6 C2D   O2D    sing N N 40  
AR6 C2D   C3D    sing N N 41  
AR6 "C3'" "O3'"  sing N N 42  
AR6 "C3'" "C4'"  sing N N 43  
AR6 C3D   O3D    sing N N 44  
AR6 C3D   C4D    sing N N 45  
AR6 "C4'" "O4'"  sing N N 46  
AR6 "C4'" "C5'"  sing N N 47  
AR6 C4D   O4D    sing N N 48  
AR6 C4D   C5D    sing N N 49  
AR6 "C5'" "O5'"  sing N N 50  
AR6 C5D   O5D    sing N N 51  
AR6 C2    H2     sing N N 52  
AR6 N6    HN6    sing N N 53  
AR6 N6    HN6A   sing N N 54  
AR6 C8    H8     sing N N 55  
AR6 "C1'" "H1'"  sing N N 56  
AR6 C1D   H1D    sing N N 57  
AR6 "C2'" "H2'"  sing N N 58  
AR6 "O2'" "HO2'" sing N N 59  
AR6 C2D   H2D    sing N N 60  
AR6 O2D   HO2D   sing N N 61  
AR6 "C3'" "H3'"  sing N N 62  
AR6 "O3'" "HO3'" sing N N 63  
AR6 C3D   H3D    sing N N 64  
AR6 O3D   HO3D   sing N N 65  
AR6 "C4'" "H4'"  sing N N 66  
AR6 C4D   H4D    sing N N 67  
AR6 "C5'" "H5'"  sing N N 68  
AR6 "C5'" "H5'A" sing N N 69  
AR6 C5D   H5D    sing N N 70  
AR6 C5D   H5DA   sing N N 71  
AR6 O1A   H1A    sing N N 72  
AR6 O1B   H1B    sing N N 73  
AR6 O1D   HD1    sing N N 74  
ARG N     CA     sing N N 75  
ARG N     H      sing N N 76  
ARG N     H2     sing N N 77  
ARG CA    C      sing N N 78  
ARG CA    CB     sing N N 79  
ARG CA    HA     sing N N 80  
ARG C     O      doub N N 81  
ARG C     OXT    sing N N 82  
ARG CB    CG     sing N N 83  
ARG CB    HB2    sing N N 84  
ARG CB    HB3    sing N N 85  
ARG CG    CD     sing N N 86  
ARG CG    HG2    sing N N 87  
ARG CG    HG3    sing N N 88  
ARG CD    NE     sing N N 89  
ARG CD    HD2    sing N N 90  
ARG CD    HD3    sing N N 91  
ARG NE    CZ     sing N N 92  
ARG NE    HE     sing N N 93  
ARG CZ    NH1    sing N N 94  
ARG CZ    NH2    doub N N 95  
ARG NH1   HH11   sing N N 96  
ARG NH1   HH12   sing N N 97  
ARG NH2   HH21   sing N N 98  
ARG NH2   HH22   sing N N 99  
ARG OXT   HXT    sing N N 100 
ASN N     CA     sing N N 101 
ASN N     H      sing N N 102 
ASN N     H2     sing N N 103 
ASN CA    C      sing N N 104 
ASN CA    CB     sing N N 105 
ASN CA    HA     sing N N 106 
ASN C     O      doub N N 107 
ASN C     OXT    sing N N 108 
ASN CB    CG     sing N N 109 
ASN CB    HB2    sing N N 110 
ASN CB    HB3    sing N N 111 
ASN CG    OD1    doub N N 112 
ASN CG    ND2    sing N N 113 
ASN ND2   HD21   sing N N 114 
ASN ND2   HD22   sing N N 115 
ASN OXT   HXT    sing N N 116 
ASP N     CA     sing N N 117 
ASP N     H      sing N N 118 
ASP N     H2     sing N N 119 
ASP CA    C      sing N N 120 
ASP CA    CB     sing N N 121 
ASP CA    HA     sing N N 122 
ASP C     O      doub N N 123 
ASP C     OXT    sing N N 124 
ASP CB    CG     sing N N 125 
ASP CB    HB2    sing N N 126 
ASP CB    HB3    sing N N 127 
ASP CG    OD1    doub N N 128 
ASP CG    OD2    sing N N 129 
ASP OD2   HD2    sing N N 130 
ASP OXT   HXT    sing N N 131 
CYS N     CA     sing N N 132 
CYS N     H      sing N N 133 
CYS N     H2     sing N N 134 
CYS CA    C      sing N N 135 
CYS CA    CB     sing N N 136 
CYS CA    HA     sing N N 137 
CYS C     O      doub N N 138 
CYS C     OXT    sing N N 139 
CYS CB    SG     sing N N 140 
CYS CB    HB2    sing N N 141 
CYS CB    HB3    sing N N 142 
CYS SG    HG     sing N N 143 
CYS OXT   HXT    sing N N 144 
FME N     CN     sing N N 145 
FME N     CA     sing N N 146 
FME N     H      sing N N 147 
FME CN    O1     doub N N 148 
FME CN    HCN    sing N N 149 
FME CA    CB     sing N N 150 
FME CA    C      sing N N 151 
FME CA    HA     sing N N 152 
FME CB    CG     sing N N 153 
FME CB    HB2    sing N N 154 
FME CB    HB3    sing N N 155 
FME CG    SD     sing N N 156 
FME CG    HG2    sing N N 157 
FME CG    HG3    sing N N 158 
FME SD    CE     sing N N 159 
FME CE    HE1    sing N N 160 
FME CE    HE2    sing N N 161 
FME CE    HE3    sing N N 162 
FME C     O      doub N N 163 
FME C     OXT    sing N N 164 
FME OXT   HXT    sing N N 165 
GLN N     CA     sing N N 166 
GLN N     H      sing N N 167 
GLN N     H2     sing N N 168 
GLN CA    C      sing N N 169 
GLN CA    CB     sing N N 170 
GLN CA    HA     sing N N 171 
GLN C     O      doub N N 172 
GLN C     OXT    sing N N 173 
GLN CB    CG     sing N N 174 
GLN CB    HB2    sing N N 175 
GLN CB    HB3    sing N N 176 
GLN CG    CD     sing N N 177 
GLN CG    HG2    sing N N 178 
GLN CG    HG3    sing N N 179 
GLN CD    OE1    doub N N 180 
GLN CD    NE2    sing N N 181 
GLN NE2   HE21   sing N N 182 
GLN NE2   HE22   sing N N 183 
GLN OXT   HXT    sing N N 184 
GLU N     CA     sing N N 185 
GLU N     H      sing N N 186 
GLU N     H2     sing N N 187 
GLU CA    C      sing N N 188 
GLU CA    CB     sing N N 189 
GLU CA    HA     sing N N 190 
GLU C     O      doub N N 191 
GLU C     OXT    sing N N 192 
GLU CB    CG     sing N N 193 
GLU CB    HB2    sing N N 194 
GLU CB    HB3    sing N N 195 
GLU CG    CD     sing N N 196 
GLU CG    HG2    sing N N 197 
GLU CG    HG3    sing N N 198 
GLU CD    OE1    doub N N 199 
GLU CD    OE2    sing N N 200 
GLU OE2   HE2    sing N N 201 
GLU OXT   HXT    sing N N 202 
GLY N     CA     sing N N 203 
GLY N     H      sing N N 204 
GLY N     H2     sing N N 205 
GLY CA    C      sing N N 206 
GLY CA    HA2    sing N N 207 
GLY CA    HA3    sing N N 208 
GLY C     O      doub N N 209 
GLY C     OXT    sing N N 210 
GLY OXT   HXT    sing N N 211 
HIS N     CA     sing N N 212 
HIS N     H      sing N N 213 
HIS N     H2     sing N N 214 
HIS CA    C      sing N N 215 
HIS CA    CB     sing N N 216 
HIS CA    HA     sing N N 217 
HIS C     O      doub N N 218 
HIS C     OXT    sing N N 219 
HIS CB    CG     sing N N 220 
HIS CB    HB2    sing N N 221 
HIS CB    HB3    sing N N 222 
HIS CG    ND1    sing Y N 223 
HIS CG    CD2    doub Y N 224 
HIS ND1   CE1    doub Y N 225 
HIS ND1   HD1    sing N N 226 
HIS CD2   NE2    sing Y N 227 
HIS CD2   HD2    sing N N 228 
HIS CE1   NE2    sing Y N 229 
HIS CE1   HE1    sing N N 230 
HIS NE2   HE2    sing N N 231 
HIS OXT   HXT    sing N N 232 
HOH O     H1     sing N N 233 
HOH O     H2     sing N N 234 
ILE N     CA     sing N N 235 
ILE N     H      sing N N 236 
ILE N     H2     sing N N 237 
ILE CA    C      sing N N 238 
ILE CA    CB     sing N N 239 
ILE CA    HA     sing N N 240 
ILE C     O      doub N N 241 
ILE C     OXT    sing N N 242 
ILE CB    CG1    sing N N 243 
ILE CB    CG2    sing N N 244 
ILE CB    HB     sing N N 245 
ILE CG1   CD1    sing N N 246 
ILE CG1   HG12   sing N N 247 
ILE CG1   HG13   sing N N 248 
ILE CG2   HG21   sing N N 249 
ILE CG2   HG22   sing N N 250 
ILE CG2   HG23   sing N N 251 
ILE CD1   HD11   sing N N 252 
ILE CD1   HD12   sing N N 253 
ILE CD1   HD13   sing N N 254 
ILE OXT   HXT    sing N N 255 
LEU N     CA     sing N N 256 
LEU N     H      sing N N 257 
LEU N     H2     sing N N 258 
LEU CA    C      sing N N 259 
LEU CA    CB     sing N N 260 
LEU CA    HA     sing N N 261 
LEU C     O      doub N N 262 
LEU C     OXT    sing N N 263 
LEU CB    CG     sing N N 264 
LEU CB    HB2    sing N N 265 
LEU CB    HB3    sing N N 266 
LEU CG    CD1    sing N N 267 
LEU CG    CD2    sing N N 268 
LEU CG    HG     sing N N 269 
LEU CD1   HD11   sing N N 270 
LEU CD1   HD12   sing N N 271 
LEU CD1   HD13   sing N N 272 
LEU CD2   HD21   sing N N 273 
LEU CD2   HD22   sing N N 274 
LEU CD2   HD23   sing N N 275 
LEU OXT   HXT    sing N N 276 
LYS N     CA     sing N N 277 
LYS N     H      sing N N 278 
LYS N     H2     sing N N 279 
LYS CA    C      sing N N 280 
LYS CA    CB     sing N N 281 
LYS CA    HA     sing N N 282 
LYS C     O      doub N N 283 
LYS C     OXT    sing N N 284 
LYS CB    CG     sing N N 285 
LYS CB    HB2    sing N N 286 
LYS CB    HB3    sing N N 287 
LYS CG    CD     sing N N 288 
LYS CG    HG2    sing N N 289 
LYS CG    HG3    sing N N 290 
LYS CD    CE     sing N N 291 
LYS CD    HD2    sing N N 292 
LYS CD    HD3    sing N N 293 
LYS CE    NZ     sing N N 294 
LYS CE    HE2    sing N N 295 
LYS CE    HE3    sing N N 296 
LYS NZ    HZ1    sing N N 297 
LYS NZ    HZ2    sing N N 298 
LYS NZ    HZ3    sing N N 299 
LYS OXT   HXT    sing N N 300 
MET N     CA     sing N N 301 
MET N     H      sing N N 302 
MET N     H2     sing N N 303 
MET CA    C      sing N N 304 
MET CA    CB     sing N N 305 
MET CA    HA     sing N N 306 
MET C     O      doub N N 307 
MET C     OXT    sing N N 308 
MET CB    CG     sing N N 309 
MET CB    HB2    sing N N 310 
MET CB    HB3    sing N N 311 
MET CG    SD     sing N N 312 
MET CG    HG2    sing N N 313 
MET CG    HG3    sing N N 314 
MET SD    CE     sing N N 315 
MET CE    HE1    sing N N 316 
MET CE    HE2    sing N N 317 
MET CE    HE3    sing N N 318 
MET OXT   HXT    sing N N 319 
PHE N     CA     sing N N 320 
PHE N     H      sing N N 321 
PHE N     H2     sing N N 322 
PHE CA    C      sing N N 323 
PHE CA    CB     sing N N 324 
PHE CA    HA     sing N N 325 
PHE C     O      doub N N 326 
PHE C     OXT    sing N N 327 
PHE CB    CG     sing N N 328 
PHE CB    HB2    sing N N 329 
PHE CB    HB3    sing N N 330 
PHE CG    CD1    doub Y N 331 
PHE CG    CD2    sing Y N 332 
PHE CD1   CE1    sing Y N 333 
PHE CD1   HD1    sing N N 334 
PHE CD2   CE2    doub Y N 335 
PHE CD2   HD2    sing N N 336 
PHE CE1   CZ     doub Y N 337 
PHE CE1   HE1    sing N N 338 
PHE CE2   CZ     sing Y N 339 
PHE CE2   HE2    sing N N 340 
PHE CZ    HZ     sing N N 341 
PHE OXT   HXT    sing N N 342 
PRO N     CA     sing N N 343 
PRO N     CD     sing N N 344 
PRO N     H      sing N N 345 
PRO CA    C      sing N N 346 
PRO CA    CB     sing N N 347 
PRO CA    HA     sing N N 348 
PRO C     O      doub N N 349 
PRO C     OXT    sing N N 350 
PRO CB    CG     sing N N 351 
PRO CB    HB2    sing N N 352 
PRO CB    HB3    sing N N 353 
PRO CG    CD     sing N N 354 
PRO CG    HG2    sing N N 355 
PRO CG    HG3    sing N N 356 
PRO CD    HD2    sing N N 357 
PRO CD    HD3    sing N N 358 
PRO OXT   HXT    sing N N 359 
SER N     CA     sing N N 360 
SER N     H      sing N N 361 
SER N     H2     sing N N 362 
SER CA    C      sing N N 363 
SER CA    CB     sing N N 364 
SER CA    HA     sing N N 365 
SER C     O      doub N N 366 
SER C     OXT    sing N N 367 
SER CB    OG     sing N N 368 
SER CB    HB2    sing N N 369 
SER CB    HB3    sing N N 370 
SER OG    HG     sing N N 371 
SER OXT   HXT    sing N N 372 
THR N     CA     sing N N 373 
THR N     H      sing N N 374 
THR N     H2     sing N N 375 
THR CA    C      sing N N 376 
THR CA    CB     sing N N 377 
THR CA    HA     sing N N 378 
THR C     O      doub N N 379 
THR C     OXT    sing N N 380 
THR CB    OG1    sing N N 381 
THR CB    CG2    sing N N 382 
THR CB    HB     sing N N 383 
THR OG1   HG1    sing N N 384 
THR CG2   HG21   sing N N 385 
THR CG2   HG22   sing N N 386 
THR CG2   HG23   sing N N 387 
THR OXT   HXT    sing N N 388 
TRP N     CA     sing N N 389 
TRP N     H      sing N N 390 
TRP N     H2     sing N N 391 
TRP CA    C      sing N N 392 
TRP CA    CB     sing N N 393 
TRP CA    HA     sing N N 394 
TRP C     O      doub N N 395 
TRP C     OXT    sing N N 396 
TRP CB    CG     sing N N 397 
TRP CB    HB2    sing N N 398 
TRP CB    HB3    sing N N 399 
TRP CG    CD1    doub Y N 400 
TRP CG    CD2    sing Y N 401 
TRP CD1   NE1    sing Y N 402 
TRP CD1   HD1    sing N N 403 
TRP CD2   CE2    doub Y N 404 
TRP CD2   CE3    sing Y N 405 
TRP NE1   CE2    sing Y N 406 
TRP NE1   HE1    sing N N 407 
TRP CE2   CZ2    sing Y N 408 
TRP CE3   CZ3    doub Y N 409 
TRP CE3   HE3    sing N N 410 
TRP CZ2   CH2    doub Y N 411 
TRP CZ2   HZ2    sing N N 412 
TRP CZ3   CH2    sing Y N 413 
TRP CZ3   HZ3    sing N N 414 
TRP CH2   HH2    sing N N 415 
TRP OXT   HXT    sing N N 416 
TYR N     CA     sing N N 417 
TYR N     H      sing N N 418 
TYR N     H2     sing N N 419 
TYR CA    C      sing N N 420 
TYR CA    CB     sing N N 421 
TYR CA    HA     sing N N 422 
TYR C     O      doub N N 423 
TYR C     OXT    sing N N 424 
TYR CB    CG     sing N N 425 
TYR CB    HB2    sing N N 426 
TYR CB    HB3    sing N N 427 
TYR CG    CD1    doub Y N 428 
TYR CG    CD2    sing Y N 429 
TYR CD1   CE1    sing Y N 430 
TYR CD1   HD1    sing N N 431 
TYR CD2   CE2    doub Y N 432 
TYR CD2   HD2    sing N N 433 
TYR CE1   CZ     doub Y N 434 
TYR CE1   HE1    sing N N 435 
TYR CE2   CZ     sing Y N 436 
TYR CE2   HE2    sing N N 437 
TYR CZ    OH     sing N N 438 
TYR OH    HH     sing N N 439 
TYR OXT   HXT    sing N N 440 
VAL N     CA     sing N N 441 
VAL N     H      sing N N 442 
VAL N     H2     sing N N 443 
VAL CA    C      sing N N 444 
VAL CA    CB     sing N N 445 
VAL CA    HA     sing N N 446 
VAL C     O      doub N N 447 
VAL C     OXT    sing N N 448 
VAL CB    CG1    sing N N 449 
VAL CB    CG2    sing N N 450 
VAL CB    HB     sing N N 451 
VAL CG1   HG11   sing N N 452 
VAL CG1   HG12   sing N N 453 
VAL CG1   HG13   sing N N 454 
VAL CG2   HG21   sing N N 455 
VAL CG2   HG22   sing N N 456 
VAL CG2   HG23   sing N N 457 
VAL OXT   HXT    sing N N 458 
# 
_pdbx_initial_refinement_model.id               1 
_pdbx_initial_refinement_model.entity_id_list   ? 
_pdbx_initial_refinement_model.type             'experimental model' 
_pdbx_initial_refinement_model.source_name      PDB 
_pdbx_initial_refinement_model.accession_code   1HJZ 
_pdbx_initial_refinement_model.details          'PDB ENTRY 1HJZ' 
# 
_atom_sites.entry_id                    2BFQ 
_atom_sites.fract_transf_matrix[1][1]   -0.01276474 
_atom_sites.fract_transf_matrix[1][2]   -0.00146912 
_atom_sites.fract_transf_matrix[1][3]   -0.00257520 
_atom_sites.fract_transf_matrix[2][1]   -0.00811970 
_atom_sites.fract_transf_matrix[2][2]   0.01022918 
_atom_sites.fract_transf_matrix[2][3]   0.00107198 
_atom_sites.fract_transf_matrix[3][1]   0.00276272 
_atom_sites.fract_transf_matrix[3][2]   0.00385880 
_atom_sites.fract_transf_matrix[3][3]   -0.01589566 
_atom_sites.fract_transf_vector[1]      0.067789 
_atom_sites.fract_transf_vector[2]      0.379584 
_atom_sites.fract_transf_vector[3]      0.001695 
# 
loop_
_atom_type.symbol 
C 
N 
O 
P 
S 
# 
loop_
_atom_site.group_PDB 
_atom_site.id 
_atom_site.type_symbol 
_atom_site.label_atom_id 
_atom_site.label_alt_id 
_atom_site.label_comp_id 
_atom_site.label_asym_id 
_atom_site.label_entity_id 
_atom_site.label_seq_id 
_atom_site.pdbx_PDB_ins_code 
_atom_site.Cartn_x 
_atom_site.Cartn_y 
_atom_site.Cartn_z 
_atom_site.occupancy 
_atom_site.B_iso_or_equiv 
_atom_site.pdbx_formal_charge 
_atom_site.auth_seq_id 
_atom_site.auth_comp_id 
_atom_site.auth_asym_id 
_atom_site.auth_atom_id 
_atom_site.pdbx_PDB_model_num 
HETATM 1    N N     . FME A 1 1   ? 9.211   -1.353  14.945  1.00 35.05 ? 1    FME A N     1 
HETATM 2    C CN    . FME A 1 1   ? 10.514  -1.292  14.806  1.00 37.44 ? 1    FME A CN    1 
HETATM 3    O O1    . FME A 1 1   ? 11.033  -1.426  13.687  1.00 42.02 ? 1    FME A O1    1 
HETATM 4    C CA    . FME A 1 1   ? 8.224   -0.459  14.354  1.00 32.70 ? 1    FME A CA    1 
HETATM 5    C CB    . FME A 1 1   ? 6.854   -1.151  14.279  1.00 32.50 ? 1    FME A CB    1 
HETATM 6    C CG    . FME A 1 1   ? 5.794   -0.374  13.511  1.00 31.02 ? 1    FME A CG    1 
HETATM 7    S SD    . FME A 1 1   ? 6.241   -0.099  11.765  1.00 26.29 ? 1    FME A SD    1 
HETATM 8    C CE    . FME A 1 1   ? 6.179   -1.840  11.165  1.00 26.48 ? 1    FME A CE    1 
HETATM 9    C C     . FME A 1 1   ? 8.124   0.782   15.222  1.00 32.77 ? 1    FME A C     1 
HETATM 10   O O     . FME A 1 1   ? 7.888   0.684   16.423  1.00 32.53 ? 1    FME A O     1 
ATOM   11   N N     . GLU A 1 2   ? 8.315   1.948   14.620  1.00 30.36 ? 2    GLU A N     1 
ATOM   12   C CA    . GLU A 1 2   ? 8.244   3.201   15.367  1.00 29.90 ? 2    GLU A CA    1 
ATOM   13   C C     . GLU A 1 2   ? 7.164   4.120   14.777  1.00 27.59 ? 2    GLU A C     1 
ATOM   14   O O     . GLU A 1 2   ? 7.211   4.474   13.605  1.00 29.17 ? 2    GLU A O     1 
ATOM   15   C CB    . GLU A 1 2   ? 9.616   3.892   15.330  1.00 34.08 ? 2    GLU A CB    1 
ATOM   16   C CG    . GLU A 1 2   ? 9.715   5.132   16.214  1.00 39.53 ? 2    GLU A CG    1 
ATOM   17   C CD    . GLU A 1 2   ? 11.032  5.886   16.060  1.00 44.46 ? 2    GLU A CD    1 
ATOM   18   O OE1   . GLU A 1 2   ? 11.133  7.009   16.610  1.00 46.56 ? 2    GLU A OE1   1 
ATOM   19   O OE2   . GLU A 1 2   ? 11.962  5.368   15.393  1.00 47.49 ? 2    GLU A OE2   1 
ATOM   20   N N     . VAL A 1 3   ? 6.175   4.485   15.583  1.00 24.98 ? 3    VAL A N     1 
ATOM   21   C CA    . VAL A 1 3   ? 5.129   5.368   15.105  1.00 24.33 ? 3    VAL A CA    1 
ATOM   22   C C     . VAL A 1 3   ? 5.641   6.794   15.255  1.00 25.16 ? 3    VAL A C     1 
ATOM   23   O O     . VAL A 1 3   ? 6.061   7.197   16.353  1.00 27.33 ? 3    VAL A O     1 
ATOM   24   C CB    . VAL A 1 3   ? 3.842   5.162   15.910  1.00 24.15 ? 3    VAL A CB    1 
ATOM   25   C CG1   . VAL A 1 3   ? 2.772   6.145   15.455  1.00 25.18 ? 3    VAL A CG1   1 
ATOM   26   C CG2   . VAL A 1 3   ? 3.368   3.709   15.752  1.00 25.95 ? 3    VAL A CG2   1 
ATOM   27   N N     . LEU A 1 4   ? 5.597   7.551   14.166  1.00 23.59 ? 4    LEU A N     1 
ATOM   28   C CA    . LEU A 1 4   ? 6.091   8.930   14.146  1.00 22.54 ? 4    LEU A CA    1 
ATOM   29   C C     . LEU A 1 4   ? 5.010   10.001  14.150  1.00 23.66 ? 4    LEU A C     1 
ATOM   30   O O     . LEU A 1 4   ? 5.275   11.173  14.469  1.00 22.77 ? 4    LEU A O     1 
ATOM   31   C CB    . LEU A 1 4   ? 6.998   9.141   12.924  1.00 24.85 ? 4    LEU A CB    1 
ATOM   32   C CG    . LEU A 1 4   ? 8.089   8.095   12.668  1.00 27.20 ? 4    LEU A CG    1 
ATOM   33   C CD1   . LEU A 1 4   ? 8.851   8.459   11.409  1.00 28.24 ? 4    LEU A CD1   1 
ATOM   34   C CD2   . LEU A 1 4   ? 9.050   8.001   13.862  1.00 28.64 ? 4    LEU A CD2   1 
ATOM   35   N N     . PHE A 1 5   ? 3.790   9.644   13.776  1.00 22.51 ? 5    PHE A N     1 
ATOM   36   C CA    . PHE A 1 5   ? 2.720   10.628  13.759  1.00 20.98 ? 5    PHE A CA    1 
ATOM   37   C C     . PHE A 1 5   ? 1.378   9.932   13.870  1.00 23.00 ? 5    PHE A C     1 
ATOM   38   O O     . PHE A 1 5   ? 1.212   8.813   13.367  1.00 21.86 ? 5    PHE A O     1 
ATOM   39   C CB    . PHE A 1 5   ? 2.746   11.434  12.455  1.00 22.87 ? 5    PHE A CB    1 
ATOM   40   C CG    . PHE A 1 5   ? 2.065   12.786  12.543  1.00 23.85 ? 5    PHE A CG    1 
ATOM   41   C CD1   . PHE A 1 5   ? 2.792   13.916  12.934  1.00 26.70 ? 5    PHE A CD1   1 
ATOM   42   C CD2   . PHE A 1 5   ? 0.728   12.936  12.195  1.00 25.73 ? 5    PHE A CD2   1 
ATOM   43   C CE1   . PHE A 1 5   ? 2.192   15.182  12.972  1.00 28.32 ? 5    PHE A CE1   1 
ATOM   44   C CE2   . PHE A 1 5   ? 0.108   14.198  12.227  1.00 26.90 ? 5    PHE A CE2   1 
ATOM   45   C CZ    . PHE A 1 5   ? 0.844   15.320  12.615  1.00 27.31 ? 5    PHE A CZ    1 
ATOM   46   N N     . GLU A 1 6   ? 0.421   10.588  14.521  1.00 21.72 ? 6    GLU A N     1 
ATOM   47   C CA    . GLU A 1 6   ? -0.932  10.065  14.657  1.00 23.49 ? 6    GLU A CA    1 
ATOM   48   C C     . GLU A 1 6   ? -1.932  11.205  14.644  1.00 26.18 ? 6    GLU A C     1 
ATOM   49   O O     . GLU A 1 6   ? -1.760  12.215  15.346  1.00 26.58 ? 6    GLU A O     1 
ATOM   50   C CB    . GLU A 1 6   ? -1.122  9.252   15.949  1.00 24.00 ? 6    GLU A CB    1 
ATOM   51   C CG    . GLU A 1 6   ? -2.561  8.773   16.137  1.00 28.46 ? 6    GLU A CG    1 
ATOM   52   C CD    . GLU A 1 6   ? -2.788  7.898   17.372  1.00 30.72 ? 6    GLU A CD    1 
ATOM   53   O OE1   . GLU A 1 6   ? -3.968  7.712   17.739  1.00 35.01 ? 6    GLU A OE1   1 
ATOM   54   O OE2   . GLU A 1 6   ? -1.817  7.386   17.973  1.00 31.37 ? 6    GLU A OE2   1 
ATOM   55   N N     . ALA A 1 7   ? -2.977  11.059  13.847  1.00 25.26 ? 7    ALA A N     1 
ATOM   56   C CA    . ALA A 1 7   ? -4.019  12.072  13.767  1.00 27.09 ? 7    ALA A CA    1 
ATOM   57   C C     . ALA A 1 7   ? -5.335  11.446  13.313  1.00 28.86 ? 7    ALA A C     1 
ATOM   58   O O     . ALA A 1 7   ? -5.369  10.308  12.834  1.00 27.38 ? 7    ALA A O     1 
ATOM   59   C CB    . ALA A 1 7   ? -3.605  13.170  12.792  1.00 29.75 ? 7    ALA A CB    1 
ATOM   60   N N     . LYS A 1 8   ? -6.422  12.192  13.463  1.00 28.35 ? 8    LYS A N     1 
ATOM   61   C CA    . LYS A 1 8   ? -7.719  11.712  13.032  1.00 28.66 ? 8    LYS A CA    1 
ATOM   62   C C     . LYS A 1 8   ? -8.079  12.377  11.711  1.00 29.28 ? 8    LYS A C     1 
ATOM   63   O O     . LYS A 1 8   ? -7.799  13.556  11.490  1.00 28.52 ? 8    LYS A O     1 
ATOM   64   C CB    . LYS A 1 8   ? -8.806  12.078  14.054  1.00 30.72 ? 8    LYS A CB    1 
ATOM   65   C CG    . LYS A 1 8   ? -9.606  10.918  14.603  1.00 38.31 ? 8    LYS A CG    1 
ATOM   66   C CD    . LYS A 1 8   ? -8.922  10.305  15.818  1.00 42.16 ? 8    LYS A CD    1 
ATOM   67   C CE    . LYS A 1 8   ? -9.861  9.351   16.543  1.00 45.78 ? 8    LYS A CE    1 
ATOM   68   N NZ    . LYS A 1 8   ? -9.282  8.794   17.801  1.00 48.58 ? 8    LYS A NZ    1 
ATOM   69   N N     . VAL A 1 9   ? -8.680  11.600  10.820  1.00 30.22 ? 9    VAL A N     1 
ATOM   70   C CA    . VAL A 1 9   ? -9.173  12.101  9.543   1.00 33.17 ? 9    VAL A CA    1 
ATOM   71   C C     . VAL A 1 9   ? -10.579 11.529  9.601   1.00 34.28 ? 9    VAL A C     1 
ATOM   72   O O     . VAL A 1 9   ? -10.802 10.374  9.241   1.00 36.26 ? 9    VAL A O     1 
ATOM   73   C CB    . VAL A 1 9   ? -8.419  11.505  8.333   1.00 33.04 ? 9    VAL A CB    1 
ATOM   74   C CG1   . VAL A 1 9   ? -9.118  11.896  7.045   1.00 33.36 ? 9    VAL A CG1   1 
ATOM   75   C CG2   . VAL A 1 9   ? -6.982  12.016  8.312   1.00 28.01 ? 9    VAL A CG2   1 
ATOM   76   N N     . GLY A 1 10  ? -11.521 12.327  10.101  1.00 35.52 ? 10   GLY A N     1 
ATOM   77   C CA    . GLY A 1 10  ? -12.878 11.842  10.246  1.00 34.76 ? 10   GLY A CA    1 
ATOM   78   C C     . GLY A 1 10  ? -12.844 10.793  11.342  1.00 35.27 ? 10   GLY A C     1 
ATOM   79   O O     . GLY A 1 10  ? -12.201 10.993  12.374  1.00 36.93 ? 10   GLY A O     1 
ATOM   80   N N     . ASP A 1 11  ? -13.504 9.661   11.118  1.00 36.21 ? 11   ASP A N     1 
ATOM   81   C CA    . ASP A 1 11  ? -13.528 8.588   12.109  1.00 37.99 ? 11   ASP A CA    1 
ATOM   82   C C     . ASP A 1 11  ? -12.321 7.656   11.978  1.00 35.90 ? 11   ASP A C     1 
ATOM   83   O O     . ASP A 1 11  ? -12.199 6.673   12.710  1.00 36.35 ? 11   ASP A O     1 
ATOM   84   C CB    . ASP A 1 11  ? -14.812 7.763   11.969  1.00 41.93 ? 11   ASP A CB    1 
ATOM   85   C CG    . ASP A 1 11  ? -16.062 8.564   12.286  1.00 46.29 ? 11   ASP A CG    1 
ATOM   86   O OD1   . ASP A 1 11  ? -16.394 9.498   11.522  1.00 49.74 ? 11   ASP A OD1   1 
ATOM   87   O OD2   . ASP A 1 11  ? -16.710 8.258   13.306  1.00 48.45 ? 11   ASP A OD2   1 
ATOM   88   N N     . ILE A 1 12  ? -11.439 7.958   11.033  1.00 31.75 ? 12   ILE A N     1 
ATOM   89   C CA    . ILE A 1 12  ? -10.252 7.141   10.820  1.00 29.36 ? 12   ILE A CA    1 
ATOM   90   C C     . ILE A 1 12  ? -9.048  7.662   11.599  1.00 25.46 ? 12   ILE A C     1 
ATOM   91   O O     . ILE A 1 12  ? -8.778  8.868   11.583  1.00 25.60 ? 12   ILE A O     1 
ATOM   92   C CB    . ILE A 1 12  ? -9.839  7.126   9.331   1.00 29.21 ? 12   ILE A CB    1 
ATOM   93   C CG1   . ILE A 1 12  ? -10.900 6.419   8.485   1.00 31.11 ? 12   ILE A CG1   1 
ATOM   94   C CG2   . ILE A 1 12  ? -8.489  6.435   9.167   1.00 27.26 ? 12   ILE A CG2   1 
ATOM   95   C CD1   . ILE A 1 12  ? -10.572 6.447   7.021   1.00 33.12 ? 12   ILE A CD1   1 
ATOM   96   N N     . THR A 1 13  ? -8.347  6.757   12.278  1.00 22.06 ? 13   THR A N     1 
ATOM   97   C CA    . THR A 1 13  ? -7.117  7.100   12.988  1.00 22.07 ? 13   THR A CA    1 
ATOM   98   C C     . THR A 1 13  ? -5.997  6.801   11.973  1.00 21.35 ? 13   THR A C     1 
ATOM   99   O O     . THR A 1 13  ? -5.847  5.657   11.513  1.00 21.18 ? 13   THR A O     1 
ATOM   100  C CB    . THR A 1 13  ? -6.929  6.242   14.230  1.00 24.66 ? 13   THR A CB    1 
ATOM   101  O OG1   . THR A 1 13  ? -7.964  6.566   15.175  1.00 27.24 ? 13   THR A OG1   1 
ATOM   102  C CG2   . THR A 1 13  ? -5.556  6.494   14.864  1.00 24.82 ? 13   THR A CG2   1 
ATOM   103  N N     . LEU A 1 14  ? -5.252  7.839   11.610  1.00 18.82 ? 14   LEU A N     1 
ATOM   104  C CA    . LEU A 1 14  ? -4.158  7.748   10.640  1.00 19.57 ? 14   LEU A CA    1 
ATOM   105  C C     . LEU A 1 14  ? -2.815  7.810   11.330  1.00 19.86 ? 14   LEU A C     1 
ATOM   106  O O     . LEU A 1 14  ? -2.592  8.695   12.166  1.00 20.72 ? 14   LEU A O     1 
ATOM   107  C CB    . LEU A 1 14  ? -4.250  8.903   9.653   1.00 20.63 ? 14   LEU A CB    1 
ATOM   108  C CG    . LEU A 1 14  ? -3.112  9.032   8.639   1.00 19.83 ? 14   LEU A CG    1 
ATOM   109  C CD1   . LEU A 1 14  ? -3.063  7.818   7.721   1.00 20.33 ? 14   LEU A CD1   1 
ATOM   110  C CD2   . LEU A 1 14  ? -3.366  10.290  7.825   1.00 22.37 ? 14   LEU A CD2   1 
ATOM   111  N N     . LYS A 1 15  ? -1.920  6.886   10.995  1.00 18.87 ? 15   LYS A N     1 
ATOM   112  C CA    . LYS A 1 15  ? -0.574  6.845   11.553  1.00 18.42 ? 15   LYS A CA    1 
ATOM   113  C C     . LYS A 1 15  ? 0.514   6.777   10.479  1.00 20.30 ? 15   LYS A C     1 
ATOM   114  O O     . LYS A 1 15  ? 0.297   6.216   9.394   1.00 19.40 ? 15   LYS A O     1 
ATOM   115  C CB    . LYS A 1 15  ? -0.389  5.626   12.470  1.00 18.62 ? 15   LYS A CB    1 
ATOM   116  C CG    . LYS A 1 15  ? -1.168  5.713   13.783  1.00 21.99 ? 15   LYS A CG    1 
ATOM   117  C CD    . LYS A 1 15  ? -0.977  4.420   14.577  1.00 22.20 ? 15   LYS A CD    1 
ATOM   118  C CE    . LYS A 1 15  ? -1.658  4.477   15.952  1.00 28.52 ? 15   LYS A CE    1 
ATOM   119  N NZ    . LYS A 1 15  ? -1.491  3.185   16.705  1.00 29.92 ? 15   LYS A NZ    1 
ATOM   120  N N     . LEU A 1 16  ? 1.662   7.376   10.793  1.00 18.83 ? 16   LEU A N     1 
ATOM   121  C CA    . LEU A 1 16  ? 2.869   7.314   9.976   1.00 17.61 ? 16   LEU A CA    1 
ATOM   122  C C     . LEU A 1 16  ? 3.802   6.501   10.855  1.00 20.48 ? 16   LEU A C     1 
ATOM   123  O O     . LEU A 1 16  ? 3.951   6.798   12.052  1.00 20.44 ? 16   LEU A O     1 
ATOM   124  C CB    . LEU A 1 16  ? 3.476   8.697   9.748   1.00 17.86 ? 16   LEU A CB    1 
ATOM   125  C CG    . LEU A 1 16  ? 4.875   8.627   9.116   1.00 19.96 ? 16   LEU A CG    1 
ATOM   126  C CD1   . LEU A 1 16  ? 4.837   8.016   7.700   1.00 21.64 ? 16   LEU A CD1   1 
ATOM   127  C CD2   . LEU A 1 16  ? 5.447   10.044  9.029   1.00 20.12 ? 16   LEU A CD2   1 
ATOM   128  N N     . ALA A 1 17  ? 4.419   5.473   10.301  1.00 18.31 ? 17   ALA A N     1 
ATOM   129  C CA    . ALA A 1 17  ? 5.337   4.664   11.066  1.00 19.32 ? 17   ALA A CA    1 
ATOM   130  C C     . ALA A 1 17  ? 6.546   4.348   10.243  1.00 21.15 ? 17   ALA A C     1 
ATOM   131  O O     . ALA A 1 17  ? 6.488   4.345   9.011   1.00 21.50 ? 17   ALA A O     1 
ATOM   132  C CB    . ALA A 1 17  ? 4.680   3.375   11.531  1.00 20.67 ? 17   ALA A CB    1 
ATOM   133  N N     . GLN A 1 18  ? 7.652   4.119   10.930  1.00 22.43 ? 18   GLN A N     1 
ATOM   134  C CA    . GLN A 1 18  ? 8.888   3.750   10.268  1.00 21.34 ? 18   GLN A CA    1 
ATOM   135  C C     . GLN A 1 18  ? 9.191   2.313   10.640  1.00 21.79 ? 18   GLN A C     1 
ATOM   136  O O     . GLN A 1 18  ? 9.305   1.971   11.816  1.00 23.55 ? 18   GLN A O     1 
ATOM   137  C CB    . GLN A 1 18  ? 10.045  4.652   10.712  1.00 25.43 ? 18   GLN A CB    1 
ATOM   138  C CG    . GLN A 1 18  ? 11.357  4.254   10.063  1.00 27.41 ? 18   GLN A CG    1 
ATOM   139  C CD    . GLN A 1 18  ? 12.537  5.025   10.610  1.00 35.77 ? 18   GLN A CD    1 
ATOM   140  O OE1   . GLN A 1 18  ? 13.690  4.663   10.374  1.00 39.18 ? 18   GLN A OE1   1 
ATOM   141  N NE2   . GLN A 1 18  ? 12.254  6.101   11.332  1.00 35.23 ? 18   GLN A NE2   1 
ATOM   142  N N     . GLY A 1 19  ? 9.316   1.467   9.621   1.00 18.04 ? 19   GLY A N     1 
ATOM   143  C CA    . GLY A 1 19  ? 9.593   0.067   9.853   1.00 20.53 ? 19   GLY A CA    1 
ATOM   144  C C     . GLY A 1 19  ? 9.283   -0.762  8.617   1.00 17.98 ? 19   GLY A C     1 
ATOM   145  O O     . GLY A 1 19  ? 9.098   -0.231  7.523   1.00 20.04 ? 19   GLY A O     1 
ATOM   146  N N     . ASP A 1 20  ? 9.212   -2.066  8.835   1.00 18.29 ? 20   ASP A N     1 
ATOM   147  C CA    . ASP A 1 20  ? 8.948   -3.058  7.794   1.00 17.20 ? 20   ASP A CA    1 
ATOM   148  C C     . ASP A 1 20  ? 7.445   -3.330  7.796   1.00 16.20 ? 20   ASP A C     1 
ATOM   149  O O     . ASP A 1 20  ? 6.904   -3.752  8.828   1.00 18.09 ? 20   ASP A O     1 
ATOM   150  C CB    . ASP A 1 20  ? 9.723   -4.321  8.187   1.00 17.96 ? 20   ASP A CB    1 
ATOM   151  C CG    . ASP A 1 20  ? 9.582   -5.448  7.201   1.00 21.67 ? 20   ASP A CG    1 
ATOM   152  O OD1   . ASP A 1 20  ? 10.374  -6.401  7.350   1.00 28.19 ? 20   ASP A OD1   1 
ATOM   153  O OD2   . ASP A 1 20  ? 8.722   -5.425  6.293   1.00 18.64 ? 20   ASP A OD2   1 
ATOM   154  N N     . ILE A 1 21  ? 6.783   -3.097  6.655   1.00 15.74 ? 21   ILE A N     1 
ATOM   155  C CA    . ILE A 1 21  ? 5.347   -3.286  6.570   1.00 15.65 ? 21   ILE A CA    1 
ATOM   156  C C     . ILE A 1 21  ? 4.913   -4.701  6.909   1.00 15.90 ? 21   ILE A C     1 
ATOM   157  O O     . ILE A 1 21  ? 3.808   -4.877  7.398   1.00 16.74 ? 21   ILE A O     1 
ATOM   158  C CB    . ILE A 1 21  ? 4.808   -2.822  5.184   1.00 15.72 ? 21   ILE A CB    1 
ATOM   159  C CG1   . ILE A 1 21  ? 3.292   -2.603  5.277   1.00 16.74 ? 21   ILE A CG1   1 
ATOM   160  C CG2   . ILE A 1 21  ? 5.199   -3.805  4.065   1.00 15.19 ? 21   ILE A CG2   1 
ATOM   161  C CD1   . ILE A 1 21  ? 2.703   -1.972  4.035   1.00 15.80 ? 21   ILE A CD1   1 
ATOM   162  N N     . THR A 1 22  ? 5.782   -5.692  6.707   1.00 17.29 ? 22   THR A N     1 
ATOM   163  C CA    . THR A 1 22  ? 5.398   -7.067  7.020   1.00 19.54 ? 22   THR A CA    1 
ATOM   164  C C     . THR A 1 22  ? 5.312   -7.316  8.519   1.00 19.66 ? 22   THR A C     1 
ATOM   165  O O     . THR A 1 22  ? 4.927   -8.419  8.940   1.00 21.64 ? 22   THR A O     1 
ATOM   166  C CB    . THR A 1 22  ? 6.358   -8.100  6.395   1.00 18.57 ? 22   THR A CB    1 
ATOM   167  O OG1   . THR A 1 22  ? 7.685   -7.942  6.947   1.00 20.86 ? 22   THR A OG1   1 
ATOM   168  C CG2   . THR A 1 22  ? 6.389   -7.946  4.891   1.00 20.36 ? 22   THR A CG2   1 
ATOM   169  N N     . GLN A 1 23  ? 5.658   -6.311  9.324   1.00 20.17 ? 23   GLN A N     1 
ATOM   170  C CA    . GLN A 1 23  ? 5.586   -6.438  10.776  1.00 22.62 ? 23   GLN A CA    1 
ATOM   171  C C     . GLN A 1 23  ? 4.552   -5.476  11.360  1.00 23.09 ? 23   GLN A C     1 
ATOM   172  O O     . GLN A 1 23  ? 4.409   -5.379  12.580  1.00 26.40 ? 23   GLN A O     1 
ATOM   173  C CB    . GLN A 1 23  ? 6.965   -6.158  11.392  1.00 25.71 ? 23   GLN A CB    1 
ATOM   174  C CG    . GLN A 1 23  ? 8.052   -7.071  10.842  1.00 29.53 ? 23   GLN A CG    1 
ATOM   175  C CD    . GLN A 1 23  ? 9.452   -6.708  11.321  1.00 33.77 ? 23   GLN A CD    1 
ATOM   176  O OE1   . GLN A 1 23  ? 10.443  -7.218  10.791  1.00 37.93 ? 23   GLN A OE1   1 
ATOM   177  N NE2   . GLN A 1 23  ? 9.540   -5.830  12.320  1.00 35.02 ? 23   GLN A NE2   1 
ATOM   178  N N     . TYR A 1 24  ? 3.812   -4.771  10.502  1.00 19.71 ? 24   TYR A N     1 
ATOM   179  C CA    . TYR A 1 24  ? 2.835   -3.803  10.992  1.00 19.62 ? 24   TYR A CA    1 
ATOM   180  C C     . TYR A 1 24  ? 1.528   -4.475  11.458  1.00 19.94 ? 24   TYR A C     1 
ATOM   181  O O     . TYR A 1 24  ? 0.994   -5.354  10.772  1.00 22.56 ? 24   TYR A O     1 
ATOM   182  C CB    . TYR A 1 24  ? 2.514   -2.747  9.916   1.00 19.47 ? 24   TYR A CB    1 
ATOM   183  C CG    . TYR A 1 24  ? 1.837   -1.554  10.528  1.00 18.75 ? 24   TYR A CG    1 
ATOM   184  C CD1   . TYR A 1 24  ? 2.598   -0.570  11.165  1.00 19.52 ? 24   TYR A CD1   1 
ATOM   185  C CD2   . TYR A 1 24  ? 0.434   -1.464  10.616  1.00 17.91 ? 24   TYR A CD2   1 
ATOM   186  C CE1   . TYR A 1 24  ? 1.990   0.457   11.871  1.00 21.17 ? 24   TYR A CE1   1 
ATOM   187  C CE2   . TYR A 1 24  ? -0.188  -0.430  11.345  1.00 18.08 ? 24   TYR A CE2   1 
ATOM   188  C CZ    . TYR A 1 24  ? 0.606   0.518   11.966  1.00 20.93 ? 24   TYR A CZ    1 
ATOM   189  O OH    . TYR A 1 24  ? 0.045   1.538   12.691  1.00 21.89 ? 24   TYR A OH    1 
ATOM   190  N N     . PRO A 1 25  ? 0.977   -4.028  12.599  1.00 20.93 ? 25   PRO A N     1 
ATOM   191  C CA    . PRO A 1 25  ? -0.264  -4.620  13.114  1.00 23.43 ? 25   PRO A CA    1 
ATOM   192  C C     . PRO A 1 25  ? -1.529  -4.099  12.421  1.00 22.76 ? 25   PRO A C     1 
ATOM   193  O O     . PRO A 1 25  ? -2.257  -3.248  12.954  1.00 26.05 ? 25   PRO A O     1 
ATOM   194  C CB    . PRO A 1 25  ? -0.204  -4.276  14.604  1.00 24.49 ? 25   PRO A CB    1 
ATOM   195  C CG    . PRO A 1 25  ? 0.426   -2.921  14.590  1.00 24.35 ? 25   PRO A CG    1 
ATOM   196  C CD    . PRO A 1 25  ? 1.564   -3.104  13.591  1.00 23.03 ? 25   PRO A CD    1 
ATOM   197  N N     . ALA A 1 26  ? -1.764  -4.594  11.210  1.00 20.12 ? 26   ALA A N     1 
ATOM   198  C CA    . ALA A 1 26  ? -2.955  -4.229  10.438  1.00 17.71 ? 26   ALA A CA    1 
ATOM   199  C C     . ALA A 1 26  ? -3.533  -5.511  9.850   1.00 18.87 ? 26   ALA A C     1 
ATOM   200  O O     . ALA A 1 26  ? -2.797  -6.472  9.631   1.00 21.74 ? 26   ALA A O     1 
ATOM   201  C CB    . ALA A 1 26  ? -2.583  -3.262  9.307   1.00 18.53 ? 26   ALA A CB    1 
ATOM   202  N N     . LYS A 1 27  ? -4.839  -5.536  9.576   1.00 17.51 ? 27   LYS A N     1 
ATOM   203  C CA    . LYS A 1 27  ? -5.475  -6.718  9.009   1.00 18.20 ? 27   LYS A CA    1 
ATOM   204  C C     . LYS A 1 27  ? -5.115  -6.948  7.538   1.00 15.79 ? 27   LYS A C     1 
ATOM   205  O O     . LYS A 1 27  ? -5.066  -8.098  7.049   1.00 16.59 ? 27   LYS A O     1 
ATOM   206  C CB    . LYS A 1 27  ? -6.997  -6.622  9.160   1.00 19.70 ? 27   LYS A CB    1 
ATOM   207  C CG    . LYS A 1 27  ? -7.735  -7.845  8.631   1.00 27.66 ? 27   LYS A CG    1 
ATOM   208  C CD    . LYS A 1 27  ? -9.187  -7.916  9.105   1.00 34.47 ? 27   LYS A CD    1 
ATOM   209  C CE    . LYS A 1 27  ? -9.272  -8.438  10.530  1.00 37.05 ? 27   LYS A CE    1 
ATOM   210  N NZ    . LYS A 1 27  ? -10.689 -8.572  10.987  1.00 38.06 ? 27   LYS A NZ    1 
ATOM   211  N N     . ALA A 1 28  ? -4.896  -5.836  6.823   1.00 14.22 ? 28   ALA A N     1 
ATOM   212  C CA    . ALA A 1 28  ? -4.470  -5.918  5.430   1.00 13.81 ? 28   ALA A CA    1 
ATOM   213  C C     . ALA A 1 28  ? -3.266  -5.011  5.270   1.00 13.76 ? 28   ALA A C     1 
ATOM   214  O O     . ALA A 1 28  ? -3.213  -3.931  5.851   1.00 15.83 ? 28   ALA A O     1 
ATOM   215  C CB    . ALA A 1 28  ? -5.556  -5.431  4.476   1.00 13.52 ? 28   ALA A CB    1 
ATOM   216  N N     . ILE A 1 29  ? -2.308  -5.492  4.487   1.00 12.62 ? 29   ILE A N     1 
ATOM   217  C CA    . ILE A 1 29  ? -1.149  -4.669  4.119   1.00 13.22 ? 29   ILE A CA    1 
ATOM   218  C C     . ILE A 1 29  ? -1.186  -4.559  2.591   1.00 13.53 ? 29   ILE A C     1 
ATOM   219  O O     . ILE A 1 29  ? -1.616  -5.466  1.872   1.00 13.25 ? 29   ILE A O     1 
ATOM   220  C CB    . ILE A 1 29  ? 0.218   -5.246  4.610   1.00 13.74 ? 29   ILE A CB    1 
ATOM   221  C CG1   . ILE A 1 29  ? 0.527   -6.615  3.997   1.00 14.33 ? 29   ILE A CG1   1 
ATOM   222  C CG2   . ILE A 1 29  ? 0.263   -5.182  6.136   1.00 15.50 ? 29   ILE A CG2   1 
ATOM   223  C CD1   . ILE A 1 29  ? 1.946   -7.148  4.383   1.00 15.22 ? 29   ILE A CD1   1 
ATOM   224  N N     . VAL A 1 30  ? -0.755  -3.406  2.082   1.00 11.03 ? 30   VAL A N     1 
ATOM   225  C CA    . VAL A 1 30  ? -0.787  -3.141  0.645   1.00 11.27 ? 30   VAL A CA    1 
ATOM   226  C C     . VAL A 1 30  ? 0.593   -3.337  0.028   1.00 11.53 ? 30   VAL A C     1 
ATOM   227  O O     . VAL A 1 30  ? 1.609   -2.953  0.635   1.00 12.60 ? 30   VAL A O     1 
ATOM   228  C CB    . VAL A 1 30  ? -1.263  -1.679  0.427   1.00 11.09 ? 30   VAL A CB    1 
ATOM   229  C CG1   . VAL A 1 30  ? -1.224  -1.293  -1.042  1.00 13.46 ? 30   VAL A CG1   1 
ATOM   230  C CG2   . VAL A 1 30  ? -2.690  -1.523  0.976   1.00 11.46 ? 30   VAL A CG2   1 
ATOM   231  N N     . ASN A 1 31  ? 0.599   -3.978  -1.146  1.00 10.09 ? 31   ASN A N     1 
ATOM   232  C CA    . ASN A 1 31  ? 1.838   -4.217  -1.881  1.00 11.75 ? 31   ASN A CA    1 
ATOM   233  C C     . ASN A 1 31  ? 1.913   -3.223  -3.035  1.00 11.58 ? 31   ASN A C     1 
ATOM   234  O O     . ASN A 1 31  ? 0.934   -2.957  -3.717  1.00 11.54 ? 31   ASN A O     1 
ATOM   235  C CB    . ASN A 1 31  ? 1.837   -5.645  -2.437  1.00 12.84 ? 31   ASN A CB    1 
ATOM   236  C CG    . ASN A 1 31  ? 3.072   -5.929  -3.241  1.00 12.90 ? 31   ASN A CG    1 
ATOM   237  O OD1   . ASN A 1 31  ? 4.086   -5.264  -3.054  1.00 14.47 ? 31   ASN A OD1   1 
ATOM   238  N ND2   . ASN A 1 31  ? 2.982   -6.893  -4.164  1.00 14.49 ? 31   ASN A ND2   1 
ATOM   239  N N     . ALA A 1 32  ? 3.105   -2.637  -3.209  1.00 12.39 ? 32   ALA A N     1 
ATOM   240  C CA    . ALA A 1 32  ? 3.384   -1.734  -4.333  1.00 13.49 ? 32   ALA A CA    1 
ATOM   241  C C     . ALA A 1 32  ? 3.879   -2.689  -5.441  1.00 14.32 ? 32   ALA A C     1 
ATOM   242  O O     . ALA A 1 32  ? 5.085   -2.968  -5.603  1.00 16.23 ? 32   ALA A O     1 
ATOM   243  C CB    . ALA A 1 32  ? 4.475   -0.726  -3.937  1.00 15.18 ? 32   ALA A CB    1 
ATOM   244  N N     . ALA A 1 33  ? 2.933   -3.173  -6.224  1.00 12.09 ? 33   ALA A N     1 
ATOM   245  C CA    . ALA A 1 33  ? 3.242   -4.169  -7.233  1.00 14.63 ? 33   ALA A CA    1 
ATOM   246  C C     . ALA A 1 33  ? 3.414   -3.600  -8.612  1.00 16.01 ? 33   ALA A C     1 
ATOM   247  O O     . ALA A 1 33  ? 3.242   -2.420  -8.838  1.00 15.09 ? 33   ALA A O     1 
ATOM   248  C CB    . ALA A 1 33  ? 2.083   -5.202  -7.247  1.00 15.33 ? 33   ALA A CB    1 
ATOM   249  N N     . ASN A 1 34  ? 3.815   -4.468  -9.553  1.00 16.54 ? 34   ASN A N     1 
ATOM   250  C CA    . ASN A 1 34  ? 3.798   -4.063  -10.943 1.00 17.70 ? 34   ASN A CA    1 
ATOM   251  C C     . ASN A 1 34  ? 2.497   -4.673  -11.483 1.00 17.72 ? 34   ASN A C     1 
ATOM   252  O O     . ASN A 1 34  ? 1.848   -5.488  -10.790 1.00 18.28 ? 34   ASN A O     1 
ATOM   253  C CB    . ASN A 1 34  ? 5.059   -4.538  -11.721 1.00 18.24 ? 34   ASN A CB    1 
ATOM   254  C CG    . ASN A 1 34  ? 5.298   -6.027  -11.610 1.00 19.15 ? 34   ASN A CG    1 
ATOM   255  O OD1   . ASN A 1 34  ? 4.420   -6.830  -11.952 1.00 20.07 ? 34   ASN A OD1   1 
ATOM   256  N ND2   . ASN A 1 34  ? 6.463   -6.399  -11.109 1.00 18.73 ? 34   ASN A ND2   1 
ATOM   257  N N     . LYS A 1 35  ? 2.073   -4.277  -12.677 1.00 18.35 ? 35   LYS A N     1 
ATOM   258  C CA    . LYS A 1 35  ? 0.811   -4.724  -13.233 1.00 19.10 ? 35   LYS A CA    1 
ATOM   259  C C     . LYS A 1 35  ? 0.663   -6.222  -13.431 1.00 19.47 ? 35   LYS A C     1 
ATOM   260  O O     . LYS A 1 35  ? -0.466  -6.707  -13.514 1.00 20.74 ? 35   LYS A O     1 
ATOM   261  C CB    . LYS A 1 35  ? 0.531   -4.004  -14.549 1.00 23.22 ? 35   LYS A CB    1 
ATOM   262  C CG    . LYS A 1 35  ? 1.566   -4.363  -15.598 1.00 27.14 ? 35   LYS A CG    1 
ATOM   263  C CD    . LYS A 1 35  ? 1.515   -3.386  -16.749 1.00 32.25 ? 35   LYS A CD    1 
ATOM   264  C CE    . LYS A 1 35  ? 0.206   -3.448  -17.490 1.00 33.47 ? 35   LYS A CE    1 
ATOM   265  N NZ    . LYS A 1 35  ? 0.258   -2.597  -18.725 1.00 39.68 ? 35   LYS A NZ    1 
ATOM   266  N N     . ARG A 1 36  ? 1.785   -6.940  -13.457 1.00 20.41 ? 36   ARG A N     1 
ATOM   267  C CA    . ARG A 1 36  ? 1.767   -8.396  -13.664 1.00 22.00 ? 36   ARG A CA    1 
ATOM   268  C C     . ARG A 1 36  ? 1.870   -9.156  -12.355 1.00 20.34 ? 36   ARG A C     1 
ATOM   269  O O     . ARG A 1 36  ? 1.847   -10.400 -12.338 1.00 21.69 ? 36   ARG A O     1 
ATOM   270  C CB    . ARG A 1 36  ? 2.969   -8.824  -14.514 1.00 25.79 ? 36   ARG A CB    1 
ATOM   271  C CG    . ARG A 1 36  ? 3.158   -8.063  -15.824 1.00 29.57 ? 36   ARG A CG    1 
ATOM   272  C CD    . ARG A 1 36  ? 4.568   -8.316  -16.414 1.00 33.87 ? 36   ARG A CD    1 
ATOM   273  N NE    . ARG A 1 36  ? 5.644   -7.745  -15.591 1.00 36.89 ? 36   ARG A NE    1 
ATOM   274  C CZ    . ARG A 1 36  ? 5.903   -6.443  -15.487 1.00 38.15 ? 36   ARG A CZ    1 
ATOM   275  N NH1   . ARG A 1 36  ? 6.891   -6.016  -14.708 1.00 36.78 ? 36   ARG A NH1   1 
ATOM   276  N NH2   . ARG A 1 36  ? 5.185   -5.564  -16.172 1.00 39.58 ? 36   ARG A NH2   1 
ATOM   277  N N     . LEU A 1 37  ? 1.992   -8.433  -11.242 1.00 18.17 ? 37   LEU A N     1 
ATOM   278  C CA    . LEU A 1 37  ? 2.186   -9.066  -9.947  1.00 17.85 ? 37   LEU A CA    1 
ATOM   279  C C     . LEU A 1 37  ? 3.398   -10.018 -9.873  1.00 18.13 ? 37   LEU A C     1 
ATOM   280  O O     . LEU A 1 37  ? 3.413   -11.039 -9.182  1.00 18.81 ? 37   LEU A O     1 
ATOM   281  C CB    . LEU A 1 37  ? 0.904   -9.754  -9.468  1.00 17.82 ? 37   LEU A CB    1 
ATOM   282  C CG    . LEU A 1 37  ? -0.356  -8.882  -9.429  1.00 19.19 ? 37   LEU A CG    1 
ATOM   283  C CD1   . LEU A 1 37  ? -1.414  -9.639  -8.643  1.00 18.76 ? 37   LEU A CD1   1 
ATOM   284  C CD2   . LEU A 1 37  ? -0.110  -7.515  -8.745  1.00 18.08 ? 37   LEU A CD2   1 
ATOM   285  N N     . GLU A 1 38  ? 4.460   -9.611  -10.555 1.00 19.38 ? 38   GLU A N     1 
ATOM   286  C CA    . GLU A 1 38  ? 5.710   -10.370 -10.526 1.00 19.99 ? 38   GLU A CA    1 
ATOM   287  C C     . GLU A 1 38  ? 6.533   -9.703  -9.426  1.00 17.74 ? 38   GLU A C     1 
ATOM   288  O O     . GLU A 1 38  ? 7.149   -8.658  -9.647  1.00 21.71 ? 38   GLU A O     1 
ATOM   289  C CB    . GLU A 1 38  ? 6.403   -10.280 -11.901 1.00 23.61 ? 38   GLU A CB    1 
ATOM   290  C CG    . GLU A 1 38  ? 5.671   -11.100 -12.978 1.00 29.29 ? 38   GLU A CG    1 
ATOM   291  C CD    . GLU A 1 38  ? 6.276   -10.958 -14.384 1.00 33.16 ? 38   GLU A CD    1 
ATOM   292  O OE1   . GLU A 1 38  ? 7.344   -10.320 -14.528 1.00 35.36 ? 38   GLU A OE1   1 
ATOM   293  O OE2   . GLU A 1 38  ? 5.666   -11.491 -15.338 1.00 39.04 ? 38   GLU A OE2   1 
ATOM   294  N N     . HIS A 1 39  ? 6.590   -10.308 -8.252  1.00 19.19 ? 39   HIS A N     1 
ATOM   295  C CA    . HIS A 1 39  ? 7.234   -9.668  -7.092  1.00 19.42 ? 39   HIS A CA    1 
ATOM   296  C C     . HIS A 1 39  ? 8.747   -9.813  -7.039  1.00 21.39 ? 39   HIS A C     1 
ATOM   297  O O     . HIS A 1 39  ? 9.296   -10.563 -6.215  1.00 23.33 ? 39   HIS A O     1 
ATOM   298  C CB    . HIS A 1 39  ? 6.599   -10.213 -5.811  1.00 19.01 ? 39   HIS A CB    1 
ATOM   299  C CG    . HIS A 1 39  ? 5.096   -10.235 -5.845  1.00 17.97 ? 39   HIS A CG    1 
ATOM   300  N ND1   . HIS A 1 39  ? 4.327   -9.156  -6.241  1.00 16.79 ? 39   HIS A ND1   1 
ATOM   301  C CD2   . HIS A 1 39  ? 4.222   -11.221 -5.515  1.00 18.88 ? 39   HIS A CD2   1 
ATOM   302  C CE1   . HIS A 1 39  ? 3.043   -9.481  -6.154  1.00 16.27 ? 39   HIS A CE1   1 
ATOM   303  N NE2   . HIS A 1 39  ? 2.957   -10.726 -5.715  1.00 16.95 ? 39   HIS A NE2   1 
ATOM   304  N N     . GLY A 1 40  ? 9.393   -8.992  -7.859  1.00 23.23 ? 40   GLY A N     1 
ATOM   305  C CA    . GLY A 1 40  ? 10.847  -9.066  -8.010  1.00 24.36 ? 40   GLY A CA    1 
ATOM   306  C C     . GLY A 1 40  ? 11.768  -8.406  -7.011  1.00 25.54 ? 40   GLY A C     1 
ATOM   307  O O     . GLY A 1 40  ? 12.877  -8.903  -6.801  1.00 26.21 ? 40   GLY A O     1 
ATOM   308  N N     . GLY A 1 41  ? 11.345  -7.295  -6.414  1.00 22.11 ? 41   GLY A N     1 
ATOM   309  C CA    . GLY A 1 41  ? 12.156  -6.600  -5.435  1.00 20.10 ? 41   GLY A CA    1 
ATOM   310  C C     . GLY A 1 41  ? 11.363  -5.636  -4.580  1.00 23.21 ? 41   GLY A C     1 
ATOM   311  O O     . GLY A 1 41  ? 10.126  -5.704  -4.522  1.00 20.60 ? 41   GLY A O     1 
ATOM   312  N N     . GLY A 1 42  ? 12.058  -4.752  -3.887  1.00 20.95 ? 42   GLY A N     1 
ATOM   313  C CA    . GLY A 1 42  ? 11.377  -3.773  -3.064  1.00 21.88 ? 42   GLY A CA    1 
ATOM   314  C C     . GLY A 1 42  ? 10.376  -4.367  -2.095  1.00 18.63 ? 42   GLY A C     1 
ATOM   315  O O     . GLY A 1 42  ? 10.545  -5.482  -1.591  1.00 19.98 ? 42   GLY A O     1 
ATOM   316  N N     . VAL A 1 43  ? 9.331   -3.603  -1.805  1.00 17.34 ? 43   VAL A N     1 
ATOM   317  C CA    . VAL A 1 43  ? 8.373   -4.098  -0.836  1.00 16.48 ? 43   VAL A CA    1 
ATOM   318  C C     . VAL A 1 43  ? 7.635   -5.314  -1.379  1.00 15.53 ? 43   VAL A C     1 
ATOM   319  O O     . VAL A 1 43  ? 7.267   -6.172  -0.557  1.00 14.52 ? 43   VAL A O     1 
ATOM   320  C CB    . VAL A 1 43  ? 7.420   -2.968  -0.395  1.00 15.88 ? 43   VAL A CB    1 
ATOM   321  C CG1   . VAL A 1 43  ? 6.499   -2.569  -1.531  1.00 15.73 ? 43   VAL A CG1   1 
ATOM   322  C CG2   . VAL A 1 43  ? 6.666   -3.399  0.899   1.00 16.17 ? 43   VAL A CG2   1 
ATOM   323  N N     . ALA A 1 44  ? 7.444   -5.426  -2.696  1.00 15.17 ? 44   ALA A N     1 
ATOM   324  C CA    . ALA A 1 44  ? 6.765   -6.615  -3.234  1.00 14.61 ? 44   ALA A CA    1 
ATOM   325  C C     . ALA A 1 44  ? 7.555   -7.880  -2.858  1.00 17.45 ? 44   ALA A C     1 
ATOM   326  O O     . ALA A 1 44  ? 6.984   -8.887  -2.420  1.00 15.30 ? 44   ALA A O     1 
ATOM   327  C CB    . ALA A 1 44  ? 6.583   -6.515  -4.716  1.00 14.31 ? 44   ALA A CB    1 
ATOM   328  N N     . TYR A 1 45  ? 8.879   -7.858  -3.043  1.00 16.43 ? 45   TYR A N     1 
ATOM   329  C CA    . TYR A 1 45  ? 9.662   -9.034  -2.657  1.00 18.25 ? 45   TYR A CA    1 
ATOM   330  C C     . TYR A 1 45  ? 9.592   -9.311  -1.145  1.00 17.93 ? 45   TYR A C     1 
ATOM   331  O O     . TYR A 1 45  ? 9.452   -10.470 -0.702  1.00 17.93 ? 45   TYR A O     1 
ATOM   332  C CB    . TYR A 1 45  ? 11.140  -8.835  -3.075  1.00 17.85 ? 45   TYR A CB    1 
ATOM   333  C CG    . TYR A 1 45  ? 12.031  -9.996  -2.695  1.00 14.67 ? 45   TYR A CG    1 
ATOM   334  C CD1   . TYR A 1 45  ? 12.178  -11.095 -3.551  1.00 17.97 ? 45   TYR A CD1   1 
ATOM   335  C CD2   . TYR A 1 45  ? 12.678  -10.019 -1.466  1.00 14.68 ? 45   TYR A CD2   1 
ATOM   336  C CE1   . TYR A 1 45  ? 12.955  -12.185 -3.171  1.00 15.09 ? 45   TYR A CE1   1 
ATOM   337  C CE2   . TYR A 1 45  ? 13.445  -11.135 -1.069  1.00 16.05 ? 45   TYR A CE2   1 
ATOM   338  C CZ    . TYR A 1 45  ? 13.566  -12.195 -1.946  1.00 15.27 ? 45   TYR A CZ    1 
ATOM   339  O OH    . TYR A 1 45  ? 14.297  -13.297 -1.552  1.00 20.53 ? 45   TYR A OH    1 
ATOM   340  N N     . ALA A 1 46  ? 9.695   -8.267  -0.334  1.00 16.27 ? 46   ALA A N     1 
ATOM   341  C CA    . ALA A 1 46  ? 9.651   -8.404  1.094   1.00 16.80 ? 46   ALA A CA    1 
ATOM   342  C C     . ALA A 1 46  ? 8.350   -9.075  1.514   1.00 15.99 ? 46   ALA A C     1 
ATOM   343  O O     . ALA A 1 46  ? 8.359   -9.985  2.353   1.00 17.15 ? 46   ALA A O     1 
ATOM   344  C CB    . ALA A 1 46  ? 9.769   -7.042  1.752   1.00 18.41 ? 46   ALA A CB    1 
ATOM   345  N N     . ILE A 1 47  ? 7.252   -8.604  0.927   1.00 17.05 ? 47   ILE A N     1 
ATOM   346  C CA    . ILE A 1 47  ? 5.943   -9.164  1.272   1.00 14.75 ? 47   ILE A CA    1 
ATOM   347  C C     . ILE A 1 47  ? 5.827   -10.592 0.788   1.00 17.90 ? 47   ILE A C     1 
ATOM   348  O O     . ILE A 1 47  ? 5.376   -11.468 1.547   1.00 16.61 ? 47   ILE A O     1 
ATOM   349  C CB    . ILE A 1 47  ? 4.799   -8.290  0.670   1.00 12.98 ? 47   ILE A CB    1 
ATOM   350  C CG1   . ILE A 1 47  ? 4.712   -6.984  1.456   1.00 14.97 ? 47   ILE A CG1   1 
ATOM   351  C CG2   . ILE A 1 47  ? 3.437   -9.059  0.743   1.00 14.95 ? 47   ILE A CG2   1 
ATOM   352  C CD1   . ILE A 1 47  ? 3.768   -5.976  0.844   1.00 14.62 ? 47   ILE A CD1   1 
ATOM   353  N N     . ALA A 1 48  ? 6.233   -10.834 -0.451  1.00 16.48 ? 48   ALA A N     1 
ATOM   354  C CA    . ALA A 1 48  ? 6.129   -12.174 -1.005  1.00 16.68 ? 48   ALA A CA    1 
ATOM   355  C C     . ALA A 1 48  ? 6.951   -13.173 -0.175  1.00 18.70 ? 48   ALA A C     1 
ATOM   356  O O     . ALA A 1 48  ? 6.489   -14.300 0.116   1.00 19.08 ? 48   ALA A O     1 
ATOM   357  C CB    . ALA A 1 48  ? 6.557   -12.183 -2.458  1.00 17.34 ? 48   ALA A CB    1 
ATOM   358  N N     . LYS A 1 49  ? 8.162   -12.788 0.215   1.00 18.12 ? 49   LYS A N     1 
ATOM   359  C CA    . LYS A 1 49  ? 8.990   -13.686 1.027   1.00 19.68 ? 49   LYS A CA    1 
ATOM   360  C C     . LYS A 1 49  ? 8.432   -13.907 2.423   1.00 21.40 ? 49   LYS A C     1 
ATOM   361  O O     . LYS A 1 49  ? 8.465   -15.037 2.940   1.00 20.39 ? 49   LYS A O     1 
ATOM   362  C CB    . LYS A 1 49  ? 10.416  -13.132 1.138   1.00 22.36 ? 49   LYS A CB    1 
ATOM   363  C CG    . LYS A 1 49  ? 11.302  -13.865 2.149   1.00 25.77 ? 49   LYS A CG    1 
ATOM   364  C CD    . LYS A 1 49  ? 12.674  -13.227 2.137   1.00 31.53 ? 49   LYS A CD    1 
ATOM   365  C CE    . LYS A 1 49  ? 13.536  -13.564 3.342   1.00 36.00 ? 49   LYS A CE    1 
ATOM   366  N NZ    . LYS A 1 49  ? 14.675  -12.572 3.407   1.00 34.55 ? 49   LYS A NZ    1 
ATOM   367  N N     . ALA A 1 50  ? 7.918   -12.853 3.049   1.00 18.69 ? 50   ALA A N     1 
ATOM   368  C CA    . ALA A 1 50  ? 7.379   -12.953 4.394   1.00 20.16 ? 50   ALA A CA    1 
ATOM   369  C C     . ALA A 1 50  ? 6.121   -13.821 4.407   1.00 20.05 ? 50   ALA A C     1 
ATOM   370  O O     . ALA A 1 50  ? 5.882   -14.540 5.375   1.00 22.73 ? 50   ALA A O     1 
ATOM   371  C CB    . ALA A 1 50  ? 7.057   -11.556 4.933   1.00 18.63 ? 50   ALA A CB    1 
ATOM   372  N N     . CYS A 1 51  ? 5.324   -13.738 3.347   1.00 19.20 ? 51   CYS A N     1 
ATOM   373  C CA    . CYS A 1 51  ? 4.070   -14.516 3.270   1.00 19.47 ? 51   CYS A CA    1 
ATOM   374  C C     . CYS A 1 51  ? 4.250   -15.984 2.928   1.00 22.10 ? 51   CYS A C     1 
ATOM   375  O O     . CYS A 1 51  ? 3.645   -16.858 3.572   1.00 21.13 ? 51   CYS A O     1 
ATOM   376  C CB    . CYS A 1 51  ? 3.114   -13.914 2.225   1.00 19.53 ? 51   CYS A CB    1 
ATOM   377  S SG    . CYS A 1 51  ? 2.438   -12.313 2.717   1.00 18.50 ? 51   CYS A SG    1 
ATOM   378  N N     . ALA A 1 52  ? 5.073   -16.264 1.924   1.00 22.73 ? 52   ALA A N     1 
ATOM   379  C CA    . ALA A 1 52  ? 5.242   -17.634 1.466   1.00 23.80 ? 52   ALA A CA    1 
ATOM   380  C C     . ALA A 1 52  ? 6.570   -18.304 1.739   1.00 26.75 ? 52   ALA A C     1 
ATOM   381  O O     . ALA A 1 52  ? 6.696   -19.517 1.521   1.00 29.15 ? 52   ALA A O     1 
ATOM   382  C CB    . ALA A 1 52  ? 4.939   -17.702 -0.013  1.00 22.50 ? 52   ALA A CB    1 
ATOM   383  N N     . GLY A 1 53  ? 7.554   -17.548 2.214   1.00 25.91 ? 53   GLY A N     1 
ATOM   384  C CA    . GLY A 1 53  ? 8.856   -18.139 2.491   1.00 28.92 ? 53   GLY A CA    1 
ATOM   385  C C     . GLY A 1 53  ? 9.713   -18.191 1.241   1.00 29.34 ? 53   GLY A C     1 
ATOM   386  O O     . GLY A 1 53  ? 10.875  -18.583 1.272   1.00 32.37 ? 53   GLY A O     1 
ATOM   387  N N     . ASP A 1 54  ? 9.129   -17.795 0.124   1.00 27.09 ? 54   ASP A N     1 
ATOM   388  C CA    . ASP A 1 54  ? 9.814   -17.777 -1.156  1.00 28.71 ? 54   ASP A CA    1 
ATOM   389  C C     . ASP A 1 54  ? 9.003   -16.823 -2.009  1.00 28.67 ? 54   ASP A C     1 
ATOM   390  O O     . ASP A 1 54  ? 7.822   -17.050 -2.247  1.00 27.94 ? 54   ASP A O     1 
ATOM   391  C CB    . ASP A 1 54  ? 9.820   -19.171 -1.776  1.00 32.30 ? 54   ASP A CB    1 
ATOM   392  C CG    . ASP A 1 54  ? 10.422  -19.186 -3.163  1.00 34.10 ? 54   ASP A CG    1 
ATOM   393  O OD1   . ASP A 1 54  ? 9.710   -18.855 -4.130  1.00 36.34 ? 54   ASP A OD1   1 
ATOM   394  O OD2   . ASP A 1 54  ? 11.624  -19.519 -3.293  1.00 39.99 ? 54   ASP A OD2   1 
ATOM   395  N N     . ALA A 1 55  ? 9.628   -15.740 -2.459  1.00 26.85 ? 55   ALA A N     1 
ATOM   396  C CA    . ALA A 1 55  ? 8.905   -14.747 -3.241  1.00 25.09 ? 55   ALA A CA    1 
ATOM   397  C C     . ALA A 1 55  ? 8.290   -15.297 -4.517  1.00 23.65 ? 55   ALA A C     1 
ATOM   398  O O     . ALA A 1 55  ? 7.199   -14.890 -4.946  1.00 24.51 ? 55   ALA A O     1 
ATOM   399  C CB    . ALA A 1 55  ? 9.828   -13.553 -3.564  1.00 24.89 ? 55   ALA A CB    1 
ATOM   400  N N     . GLY A 1 56  ? 8.995   -16.235 -5.135  1.00 24.32 ? 56   GLY A N     1 
ATOM   401  C CA    . GLY A 1 56  ? 8.522   -16.836 -6.362  1.00 23.64 ? 56   GLY A CA    1 
ATOM   402  C C     . GLY A 1 56  ? 7.193   -17.558 -6.165  1.00 21.30 ? 56   GLY A C     1 
ATOM   403  O O     . GLY A 1 56  ? 6.332   -17.479 -7.026  1.00 23.25 ? 56   GLY A O     1 
ATOM   404  N N     . LEU A 1 57  ? 7.052   -18.250 -5.040  1.00 23.69 ? 57   LEU A N     1 
ATOM   405  C CA    . LEU A 1 57  ? 5.812   -18.968 -4.747  1.00 22.73 ? 57   LEU A CA    1 
ATOM   406  C C     . LEU A 1 57  ? 4.668   -17.941 -4.641  1.00 21.77 ? 57   LEU A C     1 
ATOM   407  O O     . LEU A 1 57  ? 3.596   -18.124 -5.250  1.00 22.37 ? 57   LEU A O     1 
ATOM   408  C CB    . LEU A 1 57  ? 5.946   -19.769 -3.444  1.00 25.61 ? 57   LEU A CB    1 
ATOM   409  C CG    . LEU A 1 57  ? 4.763   -20.673 -3.052  1.00 30.48 ? 57   LEU A CG    1 
ATOM   410  C CD1   . LEU A 1 57  ? 5.169   -21.625 -1.935  1.00 34.89 ? 57   LEU A CD1   1 
ATOM   411  C CD2   . LEU A 1 57  ? 3.603   -19.834 -2.612  1.00 35.49 ? 57   LEU A CD2   1 
ATOM   412  N N     . TYR A 1 58  ? 4.901   -16.847 -3.908  1.00 20.93 ? 58   TYR A N     1 
ATOM   413  C CA    . TYR A 1 58  ? 3.849   -15.844 -3.783  1.00 19.09 ? 58   TYR A CA    1 
ATOM   414  C C     . TYR A 1 58  ? 3.530   -15.187 -5.126  1.00 18.19 ? 58   TYR A C     1 
ATOM   415  O O     . TYR A 1 58  ? 2.391   -14.801 -5.394  1.00 18.06 ? 58   TYR A O     1 
ATOM   416  C CB    . TYR A 1 58  ? 4.219   -14.809 -2.735  1.00 15.81 ? 58   TYR A CB    1 
ATOM   417  C CG    . TYR A 1 58  ? 2.995   -14.221 -2.049  1.00 16.44 ? 58   TYR A CG    1 
ATOM   418  C CD1   . TYR A 1 58  ? 2.141   -15.044 -1.322  1.00 17.63 ? 58   TYR A CD1   1 
ATOM   419  C CD2   . TYR A 1 58  ? 2.704   -12.844 -2.135  1.00 15.90 ? 58   TYR A CD2   1 
ATOM   420  C CE1   . TYR A 1 58  ? 1.026   -14.533 -0.676  1.00 18.79 ? 58   TYR A CE1   1 
ATOM   421  C CE2   . TYR A 1 58  ? 1.578   -12.317 -1.504  1.00 15.30 ? 58   TYR A CE2   1 
ATOM   422  C CZ    . TYR A 1 58  ? 0.751   -13.168 -0.771  1.00 15.83 ? 58   TYR A CZ    1 
ATOM   423  O OH    . TYR A 1 58  ? -0.295  -12.662 -0.063  1.00 16.20 ? 58   TYR A OH    1 
ATOM   424  N N     . THR A 1 59  ? 4.531   -15.023 -5.991  1.00 18.96 ? 59   THR A N     1 
ATOM   425  C CA    . THR A 1 59  ? 4.212   -14.511 -7.318  1.00 18.47 ? 59   THR A CA    1 
ATOM   426  C C     . THR A 1 59  ? 3.219   -15.419 -8.068  1.00 21.95 ? 59   THR A C     1 
ATOM   427  O O     . THR A 1 59  ? 2.280   -14.945 -8.717  1.00 21.82 ? 59   THR A O     1 
ATOM   428  C CB    . THR A 1 59  ? 5.482   -14.351 -8.176  1.00 21.72 ? 59   THR A CB    1 
ATOM   429  O OG1   . THR A 1 59  ? 6.288   -13.303 -7.615  1.00 21.78 ? 59   THR A OG1   1 
ATOM   430  C CG2   . THR A 1 59  ? 5.115   -14.047 -9.586  1.00 19.96 ? 59   THR A CG2   1 
ATOM   431  N N     . GLU A 1 60  ? 3.403   -16.737 -7.965  1.00 21.89 ? 60   GLU A N     1 
ATOM   432  C CA    . GLU A 1 60  ? 2.481   -17.624 -8.660  1.00 24.60 ? 60   GLU A CA    1 
ATOM   433  C C     . GLU A 1 60  ? 1.082   -17.544 -8.077  1.00 20.63 ? 60   GLU A C     1 
ATOM   434  O O     . GLU A 1 60  ? 0.115   -17.527 -8.818  1.00 23.21 ? 60   GLU A O     1 
ATOM   435  C CB    . GLU A 1 60  ? 2.983   -19.074 -8.611  1.00 27.81 ? 60   GLU A CB    1 
ATOM   436  C CG    . GLU A 1 60  ? 4.219   -19.313 -9.480  1.00 33.99 ? 60   GLU A CG    1 
ATOM   437  C CD    . GLU A 1 60  ? 4.133   -18.606 -10.829 1.00 39.65 ? 60   GLU A CD    1 
ATOM   438  O OE1   . GLU A 1 60  ? 4.883   -17.620 -11.038 1.00 41.67 ? 60   GLU A OE1   1 
ATOM   439  O OE2   . GLU A 1 60  ? 3.312   -19.028 -11.676 1.00 42.63 ? 60   GLU A OE2   1 
ATOM   440  N N     . ILE A 1 61  ? 1.011   -17.503 -6.753  1.00 19.74 ? 61   ILE A N     1 
ATOM   441  C CA    . ILE A 1 61  ? -0.266  -17.399 -6.037  1.00 19.52 ? 61   ILE A CA    1 
ATOM   442  C C     . ILE A 1 61  ? -0.965  -16.103 -6.470  1.00 19.26 ? 61   ILE A C     1 
ATOM   443  O O     . ILE A 1 61  ? -2.165  -16.087 -6.759  1.00 20.19 ? 61   ILE A O     1 
ATOM   444  C CB    . ILE A 1 61  ? -0.026  -17.398 -4.522  1.00 20.29 ? 61   ILE A CB    1 
ATOM   445  C CG1   . ILE A 1 61  ? 0.401   -18.814 -4.062  1.00 20.91 ? 61   ILE A CG1   1 
ATOM   446  C CG2   . ILE A 1 61  ? -1.271  -16.881 -3.806  1.00 21.59 ? 61   ILE A CG2   1 
ATOM   447  C CD1   . ILE A 1 61  ? 0.827   -18.906 -2.644  1.00 23.41 ? 61   ILE A CD1   1 
ATOM   448  N N     . SER A 1 62  ? -0.194  -15.018 -6.555  1.00 17.80 ? 62   SER A N     1 
ATOM   449  C CA    . SER A 1 62  ? -0.755  -13.724 -6.952  1.00 18.01 ? 62   SER A CA    1 
ATOM   450  C C     . SER A 1 62  ? -1.300  -13.713 -8.379  1.00 18.19 ? 62   SER A C     1 
ATOM   451  O O     . SER A 1 62  ? -2.351  -13.143 -8.691  1.00 18.16 ? 62   SER A O     1 
ATOM   452  C CB    . SER A 1 62  ? 0.330   -12.621 -6.775  1.00 14.49 ? 62   SER A CB    1 
ATOM   453  O OG    . SER A 1 62  ? 0.687   -12.493 -5.427  1.00 17.86 ? 62   SER A OG    1 
ATOM   454  N N     . LYS A 1 63  ? -0.572  -14.360 -9.283  1.00 19.14 ? 63   LYS A N     1 
ATOM   455  C CA    . LYS A 1 63  ? -1.018  -14.403 -10.659 1.00 19.92 ? 63   LYS A CA    1 
ATOM   456  C C     . LYS A 1 63  ? -2.319  -15.203 -10.783 1.00 19.80 ? 63   LYS A C     1 
ATOM   457  O O     . LYS A 1 63  ? -3.209  -14.819 -11.533 1.00 21.21 ? 63   LYS A O     1 
ATOM   458  C CB    . LYS A 1 63  ? 0.075   -15.010 -11.541 1.00 23.17 ? 63   LYS A CB    1 
ATOM   459  C CG    . LYS A 1 63  ? 1.230   -14.054 -11.756 1.00 25.33 ? 63   LYS A CG    1 
ATOM   460  C CD    . LYS A 1 63  ? 2.122   -14.533 -12.904 1.00 30.54 ? 63   LYS A CD    1 
ATOM   461  C CE    . LYS A 1 63  ? 3.183   -13.501 -13.243 1.00 30.10 ? 63   LYS A CE    1 
ATOM   462  N NZ    . LYS A 1 63  ? 4.052   -13.957 -14.375 1.00 34.15 ? 63   LYS A NZ    1 
ATOM   463  N N     . LYS A 1 64  ? -2.424  -16.297 -10.035 1.00 21.46 ? 64   LYS A N     1 
ATOM   464  C CA    . LYS A 1 64  ? -3.636  -17.100 -10.084 1.00 24.79 ? 64   LYS A CA    1 
ATOM   465  C C     . LYS A 1 64  ? -4.803  -16.274 -9.545  1.00 22.38 ? 64   LYS A C     1 
ATOM   466  O O     . LYS A 1 64  ? -5.896  -16.256 -10.128 1.00 24.72 ? 64   LYS A O     1 
ATOM   467  C CB    . LYS A 1 64  ? -3.461  -18.375 -9.269  1.00 27.63 ? 64   LYS A CB    1 
ATOM   468  C CG    . LYS A 1 64  ? -2.463  -19.338 -9.893  1.00 33.56 ? 64   LYS A CG    1 
ATOM   469  C CD    . LYS A 1 64  ? -2.369  -20.623 -9.103  1.00 38.14 ? 64   LYS A CD    1 
ATOM   470  C CE    . LYS A 1 64  ? -1.335  -21.551 -9.729  1.00 43.29 ? 64   LYS A CE    1 
ATOM   471  N NZ    . LYS A 1 64  ? -1.295  -22.869 -9.047  1.00 47.11 ? 64   LYS A NZ    1 
ATOM   472  N N     . ALA A 1 65  ? -4.550  -15.550 -8.454  1.00 19.55 ? 65   ALA A N     1 
ATOM   473  C CA    . ALA A 1 65  ? -5.591  -14.722 -7.838  1.00 18.31 ? 65   ALA A CA    1 
ATOM   474  C C     . ALA A 1 65  ? -6.068  -13.665 -8.805  1.00 17.35 ? 65   ALA A C     1 
ATOM   475  O O     . ALA A 1 65  ? -7.262  -13.395 -8.949  1.00 19.01 ? 65   ALA A O     1 
ATOM   476  C CB    . ALA A 1 65  ? -5.062  -14.076 -6.596  1.00 16.97 ? 65   ALA A CB    1 
ATOM   477  N N     . MET A 1 66  ? -5.121  -13.016 -9.462  1.00 18.07 ? 66   MET A N     1 
ATOM   478  C CA    . MET A 1 66  ? -5.473  -12.003 -10.416 1.00 18.34 ? 66   MET A CA    1 
ATOM   479  C C     . MET A 1 66  ? -6.286  -12.541 -11.579 1.00 21.38 ? 66   MET A C     1 
ATOM   480  O O     . MET A 1 66  ? -7.248  -11.917 -12.004 1.00 20.63 ? 66   MET A O     1 
ATOM   481  C CB    . MET A 1 66  ? -4.210  -11.328 -10.950 1.00 19.61 ? 66   MET A CB    1 
ATOM   482  C CG    . MET A 1 66  ? -4.465  -10.318 -12.018 1.00 21.57 ? 66   MET A CG    1 
ATOM   483  S SD    . MET A 1 66  ? -3.019  -9.219  -12.292 1.00 21.89 ? 66   MET A SD    1 
ATOM   484  C CE    . MET A 1 66  ? -1.780  -10.346 -12.821 1.00 25.17 ? 66   MET A CE    1 
ATOM   485  N N     . ARG A 1 67  ? -5.887  -13.704 -12.092 1.00 23.98 ? 67   ARG A N     1 
ATOM   486  C CA    . ARG A 1 67  ? -6.608  -14.294 -13.210 1.00 27.77 ? 67   ARG A CA    1 
ATOM   487  C C     . ARG A 1 67  ? -8.068  -14.528 -12.851 1.00 26.56 ? 67   ARG A C     1 
ATOM   488  O O     . ARG A 1 67  ? -8.965  -14.221 -13.638 1.00 27.23 ? 67   ARG A O     1 
ATOM   489  C CB    . ARG A 1 67  ? -5.969  -15.623 -13.627 1.00 31.30 ? 67   ARG A CB    1 
ATOM   490  C CG    . ARG A 1 67  ? -6.619  -16.238 -14.862 1.00 37.69 ? 67   ARG A CG    1 
ATOM   491  C CD    . ARG A 1 67  ? -6.452  -15.303 -16.047 1.00 43.26 ? 67   ARG A CD    1 
ATOM   492  N NE    . ARG A 1 67  ? -7.153  -15.747 -17.246 1.00 48.67 ? 67   ARG A NE    1 
ATOM   493  C CZ    . ARG A 1 67  ? -7.015  -15.170 -18.435 1.00 51.14 ? 67   ARG A CZ    1 
ATOM   494  N NH1   . ARG A 1 67  ? -7.689  -15.629 -19.483 1.00 53.54 ? 67   ARG A NH1   1 
ATOM   495  N NH2   . ARG A 1 67  ? -6.196  -14.135 -18.578 1.00 52.66 ? 67   ARG A NH2   1 
ATOM   496  N N     . GLU A 1 68  ? -8.324  -15.052 -11.662 1.00 25.82 ? 68   GLU A N     1 
ATOM   497  C CA    . GLU A 1 68  ? -9.706  -15.297 -11.331 1.00 26.23 ? 68   GLU A CA    1 
ATOM   498  C C     . GLU A 1 68  ? -10.496 -14.112 -10.827 1.00 25.00 ? 68   GLU A C     1 
ATOM   499  O O     . GLU A 1 68  ? -11.712 -14.092 -10.953 1.00 26.21 ? 68   GLU A O     1 
ATOM   500  C CB    . GLU A 1 68  ? -9.822  -16.446 -10.354 1.00 26.19 ? 68   GLU A CB    1 
ATOM   501  C CG    . GLU A 1 68  ? -9.348  -16.199 -8.961  1.00 26.48 ? 68   GLU A CG    1 
ATOM   502  C CD    . GLU A 1 68  ? -9.659  -17.384 -8.080  1.00 30.50 ? 68   GLU A CD    1 
ATOM   503  O OE1   . GLU A 1 68  ? -10.554 -18.174 -8.474  1.00 34.78 ? 68   GLU A OE1   1 
ATOM   504  O OE2   . GLU A 1 68  ? -9.032  -17.522 -7.001  1.00 32.55 ? 68   GLU A OE2   1 
ATOM   505  N N     . GLN A 1 69  ? -9.816  -13.123 -10.243 1.00 20.77 ? 69   GLN A N     1 
ATOM   506  C CA    . GLN A 1 69  ? -10.537 -11.965 -9.757  1.00 21.31 ? 69   GLN A CA    1 
ATOM   507  C C     . GLN A 1 69  ? -10.813 -10.973 -10.871 1.00 19.39 ? 69   GLN A C     1 
ATOM   508  O O     . GLN A 1 69  ? -11.764 -10.214 -10.786 1.00 22.09 ? 69   GLN A O     1 
ATOM   509  C CB    . GLN A 1 69  ? -9.743  -11.273 -8.637  1.00 17.13 ? 69   GLN A CB    1 
ATOM   510  C CG    . GLN A 1 69  ? -9.764  -12.075 -7.357  1.00 16.57 ? 69   GLN A CG    1 
ATOM   511  C CD    . GLN A 1 69  ? -8.777  -11.569 -6.326  1.00 17.78 ? 69   GLN A CD    1 
ATOM   512  O OE1   . GLN A 1 69  ? -8.531  -10.344 -6.219  1.00 17.23 ? 69   GLN A OE1   1 
ATOM   513  N NE2   . GLN A 1 69  ? -8.217  -12.490 -5.547  1.00 16.90 ? 69   GLN A NE2   1 
ATOM   514  N N     . PHE A 1 70  ? -9.982  -10.995 -11.919 1.00 21.27 ? 70   PHE A N     1 
ATOM   515  C CA    . PHE A 1 70  ? -10.132 -10.053 -13.022 1.00 22.65 ? 70   PHE A CA    1 
ATOM   516  C C     . PHE A 1 70  ? -10.270 -10.670 -14.412 1.00 25.34 ? 70   PHE A C     1 
ATOM   517  O O     . PHE A 1 70  ? -10.631 -9.967  -15.357 1.00 26.09 ? 70   PHE A O     1 
ATOM   518  C CB    . PHE A 1 70  ? -8.951  -9.070  -13.015 1.00 22.99 ? 70   PHE A CB    1 
ATOM   519  C CG    . PHE A 1 70  ? -9.002  -8.103  -11.870 1.00 21.25 ? 70   PHE A CG    1 
ATOM   520  C CD1   . PHE A 1 70  ? -8.403  -8.404  -10.651 1.00 20.44 ? 70   PHE A CD1   1 
ATOM   521  C CD2   . PHE A 1 70  ? -9.759  -6.936  -11.980 1.00 22.81 ? 70   PHE A CD2   1 
ATOM   522  C CE1   . PHE A 1 70  ? -8.572  -7.549  -9.554  1.00 19.56 ? 70   PHE A CE1   1 
ATOM   523  C CE2   . PHE A 1 70  ? -9.929  -6.078  -10.895 1.00 21.65 ? 70   PHE A CE2   1 
ATOM   524  C CZ    . PHE A 1 70  ? -9.336  -6.386  -9.678  1.00 20.91 ? 70   PHE A CZ    1 
ATOM   525  N N     . GLY A 1 71  ? -9.946  -11.953 -14.535 1.00 26.09 ? 71   GLY A N     1 
ATOM   526  C CA    . GLY A 1 71  ? -10.073 -12.613 -15.830 1.00 29.13 ? 71   GLY A CA    1 
ATOM   527  C C     . GLY A 1 71  ? -8.987  -12.246 -16.821 1.00 31.01 ? 71   GLY A C     1 
ATOM   528  O O     . GLY A 1 71  ? -9.169  -12.387 -18.037 1.00 32.51 ? 71   GLY A O     1 
ATOM   529  N N     . ARG A 1 72  ? -7.855  -11.766 -16.311 1.00 30.42 ? 72   ARG A N     1 
ATOM   530  C CA    . ARG A 1 72  ? -6.718  -11.392 -17.147 1.00 30.12 ? 72   ARG A CA    1 
ATOM   531  C C     . ARG A 1 72  ? -5.412  -11.468 -16.360 1.00 29.64 ? 72   ARG A C     1 
ATOM   532  O O     . ARG A 1 72  ? -5.428  -11.733 -15.152 1.00 30.66 ? 72   ARG A O     1 
ATOM   533  C CB    . ARG A 1 72  ? -6.918  -10.002 -17.763 1.00 33.57 ? 72   ARG A CB    1 
ATOM   534  C CG    . ARG A 1 72  ? -7.448  -8.929  -16.821 1.00 31.61 ? 72   ARG A CG    1 
ATOM   535  C CD    . ARG A 1 72  ? -7.594  -7.626  -17.571 1.00 30.73 ? 72   ARG A CD    1 
ATOM   536  N NE    . ARG A 1 72  ? -8.697  -6.816  -17.068 1.00 30.37 ? 72   ARG A NE    1 
ATOM   537  C CZ    . ARG A 1 72  ? -8.633  -6.030  -15.995 1.00 28.94 ? 72   ARG A CZ    1 
ATOM   538  N NH1   . ARG A 1 72  ? -9.697  -5.341  -15.623 1.00 27.55 ? 72   ARG A NH1   1 
ATOM   539  N NH2   . ARG A 1 72  ? -7.495  -5.921  -15.308 1.00 27.57 ? 72   ARG A NH2   1 
ATOM   540  N N     . ASP A 1 73  ? -4.292  -11.233 -17.045 1.00 27.66 ? 73   ASP A N     1 
ATOM   541  C CA    . ASP A 1 73  ? -2.963  -11.348 -16.453 1.00 30.04 ? 73   ASP A CA    1 
ATOM   542  C C     . ASP A 1 73  ? -2.315  -10.035 -16.052 1.00 28.21 ? 73   ASP A C     1 
ATOM   543  O O     . ASP A 1 73  ? -1.100  -9.961  -15.931 1.00 26.71 ? 73   ASP A O     1 
ATOM   544  C CB    . ASP A 1 73  ? -2.020  -12.083 -17.411 1.00 33.83 ? 73   ASP A CB    1 
ATOM   545  C CG    . ASP A 1 73  ? -2.383  -13.546 -17.584 1.00 38.44 ? 73   ASP A CG    1 
ATOM   546  O OD1   . ASP A 1 73  ? -1.824  -14.194 -18.501 1.00 41.94 ? 73   ASP A OD1   1 
ATOM   547  O OD2   . ASP A 1 73  ? -3.216  -14.057 -16.808 1.00 41.08 ? 73   ASP A OD2   1 
ATOM   548  N N     . TYR A 1 74  ? -3.118  -8.996  -15.875 1.00 26.22 ? 74   TYR A N     1 
ATOM   549  C CA    . TYR A 1 74  ? -2.566  -7.705  -15.449 1.00 25.07 ? 74   TYR A CA    1 
ATOM   550  C C     . TYR A 1 74  ? -3.667  -6.894  -14.829 1.00 23.05 ? 74   TYR A C     1 
ATOM   551  O O     . TYR A 1 74  ? -4.846  -7.174  -15.042 1.00 23.33 ? 74   TYR A O     1 
ATOM   552  C CB    . TYR A 1 74  ? -1.989  -6.940  -16.648 1.00 27.09 ? 74   TYR A CB    1 
ATOM   553  C CG    . TYR A 1 74  ? -3.049  -6.425  -17.601 1.00 31.33 ? 74   TYR A CG    1 
ATOM   554  C CD1   . TYR A 1 74  ? -3.596  -5.150  -17.446 1.00 31.08 ? 74   TYR A CD1   1 
ATOM   555  C CD2   . TYR A 1 74  ? -3.541  -7.231  -18.630 1.00 32.46 ? 74   TYR A CD2   1 
ATOM   556  C CE1   . TYR A 1 74  ? -4.599  -4.687  -18.281 1.00 32.68 ? 74   TYR A CE1   1 
ATOM   557  C CE2   . TYR A 1 74  ? -4.554  -6.779  -19.477 1.00 34.62 ? 74   TYR A CE2   1 
ATOM   558  C CZ    . TYR A 1 74  ? -5.078  -5.509  -19.300 1.00 34.81 ? 74   TYR A CZ    1 
ATOM   559  O OH    . TYR A 1 74  ? -6.077  -5.057  -20.132 1.00 36.94 ? 74   TYR A OH    1 
ATOM   560  N N     . ILE A 1 75  ? -3.284  -5.897  -14.033 1.00 20.39 ? 75   ILE A N     1 
ATOM   561  C CA    . ILE A 1 75  ? -4.268  -5.000  -13.451 1.00 19.43 ? 75   ILE A CA    1 
ATOM   562  C C     . ILE A 1 75  ? -3.927  -3.562  -13.842 1.00 19.65 ? 75   ILE A C     1 
ATOM   563  O O     . ILE A 1 75  ? -2.779  -3.252  -14.163 1.00 22.66 ? 75   ILE A O     1 
ATOM   564  C CB    . ILE A 1 75  ? -4.331  -5.062  -11.885 1.00 19.31 ? 75   ILE A CB    1 
ATOM   565  C CG1   . ILE A 1 75  ? -2.936  -5.088  -11.262 1.00 18.54 ? 75   ILE A CG1   1 
ATOM   566  C CG2   . ILE A 1 75  ? -5.142  -6.287  -11.440 1.00 21.47 ? 75   ILE A CG2   1 
ATOM   567  C CD1   . ILE A 1 75  ? -2.969  -4.741  -9.744  1.00 22.10 ? 75   ILE A CD1   1 
ATOM   568  N N     . ASP A 1 76  ? -4.952  -2.721  -13.830 1.00 20.84 ? 76   ASP A N     1 
ATOM   569  C CA    . ASP A 1 76  ? -4.848  -1.290  -14.135 1.00 21.10 ? 76   ASP A CA    1 
ATOM   570  C C     . ASP A 1 76  ? -4.810  -0.529  -12.806 1.00 20.92 ? 76   ASP A C     1 
ATOM   571  O O     . ASP A 1 76  ? -5.260  -1.049  -11.774 1.00 19.43 ? 76   ASP A O     1 
ATOM   572  C CB    . ASP A 1 76  ? -6.072  -0.821  -14.925 1.00 25.36 ? 76   ASP A CB    1 
ATOM   573  C CG    . ASP A 1 76  ? -6.060  -1.301  -16.377 1.00 30.61 ? 76   ASP A CG    1 
ATOM   574  O OD1   . ASP A 1 76  ? -5.006  -1.195  -17.039 1.00 33.33 ? 76   ASP A OD1   1 
ATOM   575  O OD2   . ASP A 1 76  ? -7.111  -1.767  -16.857 1.00 35.83 ? 76   ASP A OD2   1 
ATOM   576  N N     . HIS A 1 77  ? -4.310  0.708   -12.839 1.00 17.61 ? 77   HIS A N     1 
ATOM   577  C CA    . HIS A 1 77  ? -4.216  1.525   -11.629 1.00 17.95 ? 77   HIS A CA    1 
ATOM   578  C C     . HIS A 1 77  ? -5.579  1.650   -10.996 1.00 17.87 ? 77   HIS A C     1 
ATOM   579  O O     . HIS A 1 77  ? -6.563  2.022   -11.659 1.00 18.58 ? 77   HIS A O     1 
ATOM   580  C CB    . HIS A 1 77  ? -3.682  2.931   -11.966 1.00 16.65 ? 77   HIS A CB    1 
ATOM   581  C CG    . HIS A 1 77  ? -2.370  2.906   -12.684 1.00 17.75 ? 77   HIS A CG    1 
ATOM   582  N ND1   . HIS A 1 77  ? -1.210  2.462   -12.094 1.00 18.04 ? 77   HIS A ND1   1 
ATOM   583  C CD2   . HIS A 1 77  ? -2.049  3.214   -13.967 1.00 20.95 ? 77   HIS A CD2   1 
ATOM   584  C CE1   . HIS A 1 77  ? -0.227  2.486   -12.982 1.00 19.02 ? 77   HIS A CE1   1 
ATOM   585  N NE2   . HIS A 1 77  ? -0.715  2.938   -14.127 1.00 21.03 ? 77   HIS A NE2   1 
ATOM   586  N N     . GLY A 1 78  ? -5.632  1.365   -9.697  1.00 16.60 ? 78   GLY A N     1 
ATOM   587  C CA    . GLY A 1 78  ? -6.876  1.432   -8.957  1.00 15.33 ? 78   GLY A CA    1 
ATOM   588  C C     . GLY A 1 78  ? -7.480  0.063   -8.705  1.00 16.20 ? 78   GLY A C     1 
ATOM   589  O O     . GLY A 1 78  ? -8.294  -0.081  -7.803  1.00 17.03 ? 78   GLY A O     1 
ATOM   590  N N     . GLU A 1 79  ? -7.141  -0.913  -9.551  1.00 14.82 ? 79   GLU A N     1 
ATOM   591  C CA    . GLU A 1 79  ? -7.625  -2.279  -9.335  1.00 16.33 ? 79   GLU A CA    1 
ATOM   592  C C     . GLU A 1 79  ? -6.756  -2.906  -8.257  1.00 16.59 ? 79   GLU A C     1 
ATOM   593  O O     . GLU A 1 79  ? -5.538  -2.683  -8.195  1.00 15.98 ? 79   GLU A O     1 
ATOM   594  C CB    . GLU A 1 79  ? -7.556  -3.103  -10.625 1.00 15.82 ? 79   GLU A CB    1 
ATOM   595  C CG    . GLU A 1 79  ? -8.580  -2.634  -11.623 1.00 17.92 ? 79   GLU A CG    1 
ATOM   596  C CD    . GLU A 1 79  ? -8.536  -3.364  -12.946 1.00 20.11 ? 79   GLU A CD    1 
ATOM   597  O OE1   . GLU A 1 79  ? -9.626  -3.434  -13.572 1.00 26.76 ? 79   GLU A OE1   1 
ATOM   598  O OE2   . GLU A 1 79  ? -7.463  -3.828  -13.378 1.00 20.87 ? 79   GLU A OE2   1 
ATOM   599  N N     . VAL A 1 80  ? -7.394  -3.736  -7.443  1.00 13.39 ? 80   VAL A N     1 
ATOM   600  C CA    . VAL A 1 80  ? -6.742  -4.372  -6.331  1.00 12.32 ? 80   VAL A CA    1 
ATOM   601  C C     . VAL A 1 80  ? -6.959  -5.871  -6.312  1.00 14.95 ? 80   VAL A C     1 
ATOM   602  O O     . VAL A 1 80  ? -8.104  -6.329  -6.365  1.00 14.96 ? 80   VAL A O     1 
ATOM   603  C CB    . VAL A 1 80  ? -7.275  -3.812  -5.001  1.00 13.74 ? 80   VAL A CB    1 
ATOM   604  C CG1   . VAL A 1 80  ? -6.653  -4.538  -3.847  1.00 13.15 ? 80   VAL A CG1   1 
ATOM   605  C CG2   . VAL A 1 80  ? -6.976  -2.308  -4.930  1.00 16.65 ? 80   VAL A CG2   1 
ATOM   606  N N     . VAL A 1 81  ? -5.860  -6.614  -6.293  1.00 12.58 ? 81   VAL A N     1 
ATOM   607  C CA    . VAL A 1 81  ? -5.926  -8.069  -6.194  1.00 12.81 ? 81   VAL A CA    1 
ATOM   608  C C     . VAL A 1 81  ? -5.691  -8.454  -4.752  1.00 12.73 ? 81   VAL A C     1 
ATOM   609  O O     . VAL A 1 81  ? -4.761  -8.004  -4.097  1.00 13.34 ? 81   VAL A O     1 
ATOM   610  C CB    . VAL A 1 81  ? -4.852  -8.755  -7.086  1.00 12.47 ? 81   VAL A CB    1 
ATOM   611  C CG1   . VAL A 1 81  ? -4.814  -10.274 -6.813  1.00 14.13 ? 81   VAL A CG1   1 
ATOM   612  C CG2   . VAL A 1 81  ? -5.182  -8.516  -8.528  1.00 15.71 ? 81   VAL A CG2   1 
ATOM   613  N N     . VAL A 1 82  ? -6.562  -9.323  -4.216  1.00 12.45 ? 82   VAL A N     1 
ATOM   614  C CA    . VAL A 1 82  ? -6.431  -9.756  -2.845  1.00 12.65 ? 82   VAL A CA    1 
ATOM   615  C C     . VAL A 1 82  ? -5.885  -11.180 -2.738  1.00 12.84 ? 82   VAL A C     1 
ATOM   616  O O     . VAL A 1 82  ? -6.367  -12.084 -3.437  1.00 15.84 ? 82   VAL A O     1 
ATOM   617  C CB    . VAL A 1 82  ? -7.808  -9.735  -2.158  1.00 14.38 ? 82   VAL A CB    1 
ATOM   618  C CG1   . VAL A 1 82  ? -7.672  -10.179 -0.719  1.00 14.44 ? 82   VAL A CG1   1 
ATOM   619  C CG2   . VAL A 1 82  ? -8.413  -8.333  -2.228  1.00 14.95 ? 82   VAL A CG2   1 
ATOM   620  N N     . THR A 1 83  ? -4.854  -11.361 -1.927  1.00 13.02 ? 83   THR A N     1 
ATOM   621  C CA    . THR A 1 83  ? -4.297  -12.699 -1.683  1.00 14.46 ? 83   THR A CA    1 
ATOM   622  C C     . THR A 1 83  ? -4.167  -12.922 -0.170  1.00 14.42 ? 83   THR A C     1 
ATOM   623  O O     . THR A 1 83  ? -4.052  -11.985 0.641   1.00 13.54 ? 83   THR A O     1 
ATOM   624  C CB    . THR A 1 83  ? -2.871  -12.875 -2.305  1.00 15.94 ? 83   THR A CB    1 
ATOM   625  O OG1   . THR A 1 83  ? -2.025  -11.796 -1.861  1.00 15.08 ? 83   THR A OG1   1 
ATOM   626  C CG2   . THR A 1 83  ? -2.930  -12.903 -3.804  1.00 16.30 ? 83   THR A CG2   1 
ATOM   627  N N     . PRO A 1 84  ? -4.213  -14.195 0.267   1.00 15.95 ? 84   PRO A N     1 
ATOM   628  C CA    . PRO A 1 84  ? -4.071  -14.457 1.696   1.00 17.21 ? 84   PRO A CA    1 
ATOM   629  C C     . PRO A 1 84  ? -2.637  -14.113 2.129   1.00 14.70 ? 84   PRO A C     1 
ATOM   630  O O     . PRO A 1 84  ? -1.679  -14.384 1.387   1.00 16.52 ? 84   PRO A O     1 
ATOM   631  C CB    . PRO A 1 84  ? -4.369  -15.970 1.810   1.00 16.40 ? 84   PRO A CB    1 
ATOM   632  C CG    . PRO A 1 84  ? -4.015  -16.492 0.464   1.00 17.45 ? 84   PRO A CG    1 
ATOM   633  C CD    . PRO A 1 84  ? -4.501  -15.419 -0.500  1.00 17.40 ? 84   PRO A CD    1 
ATOM   634  N N     . ALA A 1 85  ? -2.478  -13.575 3.330   1.00 15.23 ? 85   ALA A N     1 
ATOM   635  C CA    . ALA A 1 85  ? -1.128  -13.215 3.819   1.00 17.35 ? 85   ALA A CA    1 
ATOM   636  C C     . ALA A 1 85  ? -0.335  -14.437 4.306   1.00 20.05 ? 85   ALA A C     1 
ATOM   637  O O     . ALA A 1 85  ? 0.828   -14.333 4.672   1.00 18.30 ? 85   ALA A O     1 
ATOM   638  C CB    . ALA A 1 85  ? -1.237  -12.163 4.913   1.00 17.32 ? 85   ALA A CB    1 
ATOM   639  N N     . MET A 1 86  ? -0.986  -15.603 4.325   1.00 18.19 ? 86   MET A N     1 
ATOM   640  C CA    . MET A 1 86  ? -0.317  -16.860 4.686   1.00 20.86 ? 86   MET A CA    1 
ATOM   641  C C     . MET A 1 86  ? 0.549   -16.863 5.963   1.00 19.43 ? 86   MET A C     1 
ATOM   642  O O     . MET A 1 86  ? 0.013   -16.792 7.058   1.00 20.78 ? 86   MET A O     1 
ATOM   643  C CB    . MET A 1 86  ? 0.466   -17.329 3.472   1.00 19.87 ? 86   MET A CB    1 
ATOM   644  C CG    . MET A 1 86  ? -0.452  -17.632 2.262   1.00 21.65 ? 86   MET A CG    1 
ATOM   645  S SD    . MET A 1 86  ? 0.339   -17.961 0.695   1.00 22.60 ? 86   MET A SD    1 
ATOM   646  C CE    . MET A 1 86  ? 1.190   -19.516 1.086   1.00 22.32 ? 86   MET A CE    1 
ATOM   647  N N     . ASN A 1 87  ? 1.877   -16.947 5.838   1.00 20.18 ? 87   ASN A N     1 
ATOM   648  C CA    . ASN A 1 87  ? 2.728   -16.958 7.021   1.00 23.42 ? 87   ASN A CA    1 
ATOM   649  C C     . ASN A 1 87  ? 2.556   -15.740 7.936   1.00 22.66 ? 87   ASN A C     1 
ATOM   650  O O     . ASN A 1 87  ? 2.918   -15.780 9.126   1.00 25.85 ? 87   ASN A O     1 
ATOM   651  C CB    . ASN A 1 87  ? 4.207   -17.095 6.620   1.00 23.50 ? 87   ASN A CB    1 
ATOM   652  C CG    . ASN A 1 87  ? 4.536   -18.472 6.031   1.00 30.08 ? 87   ASN A CG    1 
ATOM   653  O OD1   . ASN A 1 87  ? 3.759   -19.422 6.166   1.00 30.44 ? 87   ASN A OD1   1 
ATOM   654  N ND2   . ASN A 1 87  ? 5.690   -18.583 5.379   1.00 28.62 ? 87   ASN A ND2   1 
ATOM   655  N N     . LEU A 1 88  ? 2.023   -14.640 7.400   1.00 21.53 ? 88   LEU A N     1 
ATOM   656  C CA    . LEU A 1 88  ? 1.820   -13.437 8.210   1.00 20.60 ? 88   LEU A CA    1 
ATOM   657  C C     . LEU A 1 88  ? 0.532   -13.446 9.035   1.00 18.88 ? 88   LEU A C     1 
ATOM   658  O O     . LEU A 1 88  ? 0.343   -12.611 9.911   1.00 19.62 ? 88   LEU A O     1 
ATOM   659  C CB    . LEU A 1 88  ? 1.836   -12.173 7.326   1.00 19.67 ? 88   LEU A CB    1 
ATOM   660  C CG    . LEU A 1 88  ? 3.171   -11.891 6.625   1.00 19.85 ? 88   LEU A CG    1 
ATOM   661  C CD1   . LEU A 1 88  ? 3.067   -10.580 5.841   1.00 21.70 ? 88   LEU A CD1   1 
ATOM   662  C CD2   . LEU A 1 88  ? 4.311   -11.811 7.656   1.00 20.63 ? 88   LEU A CD2   1 
ATOM   663  N N     . GLU A 1 89  ? -0.333  -14.428 8.767   1.00 21.47 ? 89   GLU A N     1 
ATOM   664  C CA    . GLU A 1 89  ? -1.597  -14.550 9.482   1.00 22.41 ? 89   GLU A CA    1 
ATOM   665  C C     . GLU A 1 89  ? -1.366  -14.751 10.976  1.00 23.48 ? 89   GLU A C     1 
ATOM   666  O O     . GLU A 1 89  ? -2.162  -14.280 11.792  1.00 25.47 ? 89   GLU A O     1 
ATOM   667  C CB    . GLU A 1 89  ? -2.412  -15.708 8.883   1.00 22.27 ? 89   GLU A CB    1 
ATOM   668  C CG    . GLU A 1 89  ? -2.938  -15.371 7.484   1.00 18.98 ? 89   GLU A CG    1 
ATOM   669  C CD    . GLU A 1 89  ? -3.259  -16.573 6.595   1.00 23.01 ? 89   GLU A CD    1 
ATOM   670  O OE1   . GLU A 1 89  ? -3.533  -16.335 5.393   1.00 21.16 ? 89   GLU A OE1   1 
ATOM   671  O OE2   . GLU A 1 89  ? -3.239  -17.746 7.088   1.00 25.52 ? 89   GLU A OE2   1 
ATOM   672  N N     . GLU A 1 90  ? -0.272  -15.415 11.333  1.00 28.41 ? 90   GLU A N     1 
ATOM   673  C CA    . GLU A 1 90  ? 0.014   -15.632 12.748  1.00 32.75 ? 90   GLU A CA    1 
ATOM   674  C C     . GLU A 1 90  ? 0.235   -14.319 13.486  1.00 33.06 ? 90   GLU A C     1 
ATOM   675  O O     . GLU A 1 90  ? 0.042   -14.253 14.707  1.00 34.86 ? 90   GLU A O     1 
ATOM   676  C CB    . GLU A 1 90  ? 1.208   -16.575 12.938  1.00 36.16 ? 90   GLU A CB    1 
ATOM   677  C CG    . GLU A 1 90  ? 2.537   -16.112 12.374  1.00 42.79 ? 90   GLU A CG    1 
ATOM   678  C CD    . GLU A 1 90  ? 3.647   -17.135 12.614  1.00 46.96 ? 90   GLU A CD    1 
ATOM   679  O OE1   . GLU A 1 90  ? 3.456   -18.319 12.256  1.00 49.89 ? 90   GLU A OE1   1 
ATOM   680  O OE2   . GLU A 1 90  ? 4.711   -16.761 13.157  1.00 48.43 ? 90   GLU A OE2   1 
ATOM   681  N N     . ARG A 1 91  ? 0.625   -13.266 12.764  1.00 30.37 ? 91   ARG A N     1 
ATOM   682  C CA    . ARG A 1 91  ? 0.806   -11.979 13.420  1.00 30.38 ? 91   ARG A CA    1 
ATOM   683  C C     . ARG A 1 91  ? -0.366  -11.023 13.187  1.00 30.41 ? 91   ARG A C     1 
ATOM   684  O O     . ARG A 1 91  ? -0.247  -9.807  13.359  1.00 31.19 ? 91   ARG A O     1 
ATOM   685  C CB    . ARG A 1 91  ? 2.140   -11.328 13.028  1.00 32.65 ? 91   ARG A CB    1 
ATOM   686  C CG    . ARG A 1 91  ? 2.354   -10.998 11.574  1.00 33.74 ? 91   ARG A CG    1 
ATOM   687  C CD    . ARG A 1 91  ? 3.740   -10.372 11.440  1.00 37.51 ? 91   ARG A CD    1 
ATOM   688  N NE    . ARG A 1 91  ? 3.881   -9.260  12.380  1.00 39.69 ? 91   ARG A NE    1 
ATOM   689  C CZ    . ARG A 1 91  ? 4.959   -9.032  13.131  1.00 42.17 ? 91   ARG A CZ    1 
ATOM   690  N NH1   . ARG A 1 91  ? 4.983   -7.992  13.960  1.00 41.35 ? 91   ARG A NH1   1 
ATOM   691  N NH2   . ARG A 1 91  ? 6.012   -9.838  13.055  1.00 41.45 ? 91   ARG A NH2   1 
ATOM   692  N N     . GLY A 1 92  ? -1.500  -11.583 12.776  1.00 26.25 ? 92   GLY A N     1 
ATOM   693  C CA    . GLY A 1 92  ? -2.697  -10.779 12.591  1.00 24.48 ? 92   GLY A CA    1 
ATOM   694  C C     . GLY A 1 92  ? -2.935  -10.160 11.229  1.00 24.85 ? 92   GLY A C     1 
ATOM   695  O O     . GLY A 1 92  ? -3.972  -9.523  11.007  1.00 25.20 ? 92   GLY A O     1 
ATOM   696  N N     . ILE A 1 93  ? -1.967  -10.301 10.328  1.00 20.42 ? 93   ILE A N     1 
ATOM   697  C CA    . ILE A 1 93  ? -2.160  -9.759  8.973   1.00 18.71 ? 93   ILE A CA    1 
ATOM   698  C C     . ILE A 1 93  ? -2.865  -10.849 8.176   1.00 18.65 ? 93   ILE A C     1 
ATOM   699  O O     . ILE A 1 93  ? -2.304  -11.919 7.921   1.00 20.41 ? 93   ILE A O     1 
ATOM   700  C CB    . ILE A 1 93  ? -0.809  -9.431  8.300   1.00 17.90 ? 93   ILE A CB    1 
ATOM   701  C CG1   . ILE A 1 93  ? -0.055  -8.410  9.165   1.00 18.33 ? 93   ILE A CG1   1 
ATOM   702  C CG2   . ILE A 1 93  ? -1.058  -8.863  6.887   1.00 18.37 ? 93   ILE A CG2   1 
ATOM   703  C CD1   . ILE A 1 93  ? 1.389   -8.169  8.719   1.00 19.30 ? 93   ILE A CD1   1 
ATOM   704  N N     . LYS A 1 94  ? -4.084  -10.553 7.748   1.00 17.42 ? 94   LYS A N     1 
ATOM   705  C CA    . LYS A 1 94  ? -4.863  -11.534 7.025   1.00 18.13 ? 94   LYS A CA    1 
ATOM   706  C C     . LYS A 1 94  ? -4.755  -11.500 5.498   1.00 17.13 ? 94   LYS A C     1 
ATOM   707  O O     . LYS A 1 94  ? -4.793  -12.517 4.832   1.00 17.14 ? 94   LYS A O     1 
ATOM   708  C CB    . LYS A 1 94  ? -6.342  -11.386 7.406   1.00 20.01 ? 94   LYS A CB    1 
ATOM   709  C CG    . LYS A 1 94  ? -7.199  -12.488 6.841   1.00 24.01 ? 94   LYS A CG    1 
ATOM   710  C CD    . LYS A 1 94  ? -6.640  -13.810 7.319   1.00 31.87 ? 94   LYS A CD    1 
ATOM   711  C CE    . LYS A 1 94  ? -7.607  -14.959 7.177   1.00 33.26 ? 94   LYS A CE    1 
ATOM   712  N NZ    . LYS A 1 94  ? -6.834  -16.184 7.466   1.00 33.30 ? 94   LYS A NZ    1 
ATOM   713  N N     . TYR A 1 95  ? -4.583  -10.298 4.943   1.00 15.76 ? 95   TYR A N     1 
ATOM   714  C CA    . TYR A 1 95  ? -4.580  -10.130 3.499   1.00 14.31 ? 95   TYR A CA    1 
ATOM   715  C C     . TYR A 1 95  ? -3.473  -9.227  3.003   1.00 12.56 ? 95   TYR A C     1 
ATOM   716  O O     . TYR A 1 95  ? -3.011  -8.354  3.747   1.00 13.72 ? 95   TYR A O     1 
ATOM   717  C CB    . TYR A 1 95  ? -5.853  -9.406  3.053   1.00 13.32 ? 95   TYR A CB    1 
ATOM   718  C CG    . TYR A 1 95  ? -7.133  -10.050 3.523   1.00 15.98 ? 95   TYR A CG    1 
ATOM   719  C CD1   . TYR A 1 95  ? -7.961  -9.388  4.407   1.00 16.36 ? 95   TYR A CD1   1 
ATOM   720  C CD2   . TYR A 1 95  ? -7.498  -11.297 3.045   1.00 18.27 ? 95   TYR A CD2   1 
ATOM   721  C CE1   . TYR A 1 95  ? -9.172  -9.962  4.833   1.00 19.44 ? 95   TYR A CE1   1 
ATOM   722  C CE2   . TYR A 1 95  ? -8.705  -11.892 3.457   1.00 19.36 ? 95   TYR A CE2   1 
ATOM   723  C CZ    . TYR A 1 95  ? -9.512  -11.210 4.341   1.00 19.87 ? 95   TYR A CZ    1 
ATOM   724  O OH    . TYR A 1 95  ? -10.684 -11.833 4.744   1.00 25.73 ? 95   TYR A OH    1 
ATOM   725  N N     . VAL A 1 96  ? -3.071  -9.499  1.770   1.00 12.07 ? 96   VAL A N     1 
ATOM   726  C CA    . VAL A 1 96  ? -2.206  -8.555  1.054   1.00 11.42 ? 96   VAL A CA    1 
ATOM   727  C C     . VAL A 1 96  ? -3.124  -8.021  -0.065  1.00 13.28 ? 96   VAL A C     1 
ATOM   728  O O     . VAL A 1 96  ? -3.811  -8.769  -0.806  1.00 12.50 ? 96   VAL A O     1 
ATOM   729  C CB    . VAL A 1 96  ? -0.991  -9.222  0.405   1.00 11.75 ? 96   VAL A CB    1 
ATOM   730  C CG1   . VAL A 1 96  ? -0.253  -8.213  -0.499  1.00 13.57 ? 96   VAL A CG1   1 
ATOM   731  C CG2   . VAL A 1 96  ? -0.066  -9.684  1.484   1.00 12.87 ? 96   VAL A CG2   1 
ATOM   732  N N     . PHE A 1 97  ? -3.160  -6.683  -0.205  1.00 10.88 ? 97   PHE A N     1 
ATOM   733  C CA    . PHE A 1 97  ? -3.938  -6.022  -1.243  1.00 11.10 ? 97   PHE A CA    1 
ATOM   734  C C     . PHE A 1 97  ? -2.884  -5.477  -2.236  1.00 11.91 ? 97   PHE A C     1 
ATOM   735  O O     . PHE A 1 97  ? -2.125  -4.530  -1.915  1.00 12.60 ? 97   PHE A O     1 
ATOM   736  C CB    . PHE A 1 97  ? -4.709  -4.832  -0.657  1.00 11.94 ? 97   PHE A CB    1 
ATOM   737  C CG    . PHE A 1 97  ? -5.951  -5.190  0.125   1.00 13.39 ? 97   PHE A CG    1 
ATOM   738  C CD1   . PHE A 1 97  ? -6.321  -6.508  0.399   1.00 14.89 ? 97   PHE A CD1   1 
ATOM   739  C CD2   . PHE A 1 97  ? -6.739  -4.164  0.604   1.00 12.81 ? 97   PHE A CD2   1 
ATOM   740  C CE1   . PHE A 1 97  ? -7.472  -6.770  1.145   1.00 13.42 ? 97   PHE A CE1   1 
ATOM   741  C CE2   . PHE A 1 97  ? -7.893  -4.415  1.352   1.00 15.20 ? 97   PHE A CE2   1 
ATOM   742  C CZ    . PHE A 1 97  ? -8.248  -5.718  1.622   1.00 14.34 ? 97   PHE A CZ    1 
ATOM   743  N N     . HIS A 1 98  ? -2.812  -6.092  -3.395  1.00 10.86 ? 98   HIS A N     1 
ATOM   744  C CA    . HIS A 1 98  ? -1.835  -5.633  -4.411  1.00 10.60 ? 98   HIS A CA    1 
ATOM   745  C C     . HIS A 1 98  ? -2.406  -4.496  -5.233  1.00 10.60 ? 98   HIS A C     1 
ATOM   746  O O     . HIS A 1 98  ? -3.496  -4.597  -5.816  1.00 13.42 ? 98   HIS A O     1 
ATOM   747  C CB    . HIS A 1 98  ? -1.477  -6.778  -5.370  1.00 12.65 ? 98   HIS A CB    1 
ATOM   748  C CG    . HIS A 1 98  ? -0.997  -8.010  -4.684  1.00 12.19 ? 98   HIS A CG    1 
ATOM   749  N ND1   . HIS A 1 98  ? 0.337   -8.251  -4.414  1.00 12.28 ? 98   HIS A ND1   1 
ATOM   750  C CD2   . HIS A 1 98  ? -1.684  -9.044  -4.138  1.00 13.73 ? 98   HIS A CD2   1 
ATOM   751  C CE1   . HIS A 1 98  ? 0.450   -9.378  -3.732  1.00 12.58 ? 98   HIS A CE1   1 
ATOM   752  N NE2   . HIS A 1 98  ? -0.766  -9.879  -3.552  1.00 14.81 ? 98   HIS A NE2   1 
ATOM   753  N N     . THR A 1 99  ? -1.623  -3.418  -5.358  1.00 11.26 ? 99   THR A N     1 
ATOM   754  C CA    . THR A 1 99  ? -2.032  -2.251  -6.110  1.00 11.14 ? 99   THR A CA    1 
ATOM   755  C C     . THR A 1 99  ? -0.853  -1.887  -7.004  1.00 11.80 ? 99   THR A C     1 
ATOM   756  O O     . THR A 1 99  ? 0.251   -2.315  -6.742  1.00 12.76 ? 99   THR A O     1 
ATOM   757  C CB    . THR A 1 99  ? -2.390  -1.075  -5.126  1.00 11.26 ? 99   THR A CB    1 
ATOM   758  O OG1   . THR A 1 99  ? -3.184  -0.115  -5.813  1.00 12.40 ? 99   THR A OG1   1 
ATOM   759  C CG2   . THR A 1 99  ? -1.114  -0.394  -4.556  1.00 12.78 ? 99   THR A CG2   1 
ATOM   760  N N     . VAL A 1 100 ? -1.122  -1.142  -8.059  1.00 12.49 ? 100  VAL A N     1 
ATOM   761  C CA    . VAL A 1 100 ? -0.025  -0.786  -8.961  1.00 13.72 ? 100  VAL A CA    1 
ATOM   762  C C     . VAL A 1 100 ? 0.020   0.722   -9.183  1.00 12.16 ? 100  VAL A C     1 
ATOM   763  O O     . VAL A 1 100 ? -0.911  1.330   -9.707  1.00 14.22 ? 100  VAL A O     1 
ATOM   764  C CB    . VAL A 1 100 ? -0.133  -1.546  -10.331 1.00 15.28 ? 100  VAL A CB    1 
ATOM   765  C CG1   . VAL A 1 100 ? -1.460  -1.305  -11.021 1.00 17.80 ? 100  VAL A CG1   1 
ATOM   766  C CG2   . VAL A 1 100 ? 1.071   -1.135  -11.229 1.00 14.40 ? 100  VAL A CG2   1 
ATOM   767  N N     . GLY A 1 101 ? 1.160   1.298   -8.790  1.00 12.58 ? 101  GLY A N     1 
ATOM   768  C CA    . GLY A 1 101 ? 1.331   2.723   -8.979  1.00 13.18 ? 101  GLY A CA    1 
ATOM   769  C C     . GLY A 1 101 ? 1.971   2.985   -10.328 1.00 15.43 ? 101  GLY A C     1 
ATOM   770  O O     . GLY A 1 101 ? 2.410   2.079   -11.040 1.00 15.95 ? 101  GLY A O     1 
ATOM   771  N N     . PRO A 1 102 ? 1.975   4.262   -10.711 1.00 15.26 ? 102  PRO A N     1 
ATOM   772  C CA    . PRO A 1 102 ? 2.581   4.630   -11.993 1.00 17.82 ? 102  PRO A CA    1 
ATOM   773  C C     . PRO A 1 102 ? 4.092   4.668   -11.910 1.00 17.07 ? 102  PRO A C     1 
ATOM   774  O O     . PRO A 1 102 ? 4.698   4.780   -10.850 1.00 16.18 ? 102  PRO A O     1 
ATOM   775  C CB    . PRO A 1 102 ? 2.017   6.016   -12.255 1.00 16.72 ? 102  PRO A CB    1 
ATOM   776  C CG    . PRO A 1 102 ? 1.953   6.601   -10.833 1.00 15.91 ? 102  PRO A CG    1 
ATOM   777  C CD    . PRO A 1 102 ? 1.357   5.412   -10.032 1.00 16.59 ? 102  PRO A CD    1 
ATOM   778  N N     . ILE A 1 103 ? 4.713   4.526   -13.084 1.00 20.46 ? 103  ILE A N     1 
ATOM   779  C CA    . ILE A 1 103 ? 6.160   4.617   -13.187 1.00 20.50 ? 103  ILE A CA    1 
ATOM   780  C C     . ILE A 1 103 ? 6.438   6.078   -13.539 1.00 22.67 ? 103  ILE A C     1 
ATOM   781  O O     . ILE A 1 103 ? 6.199   6.501   -14.662 1.00 25.23 ? 103  ILE A O     1 
ATOM   782  C CB    . ILE A 1 103 ? 6.687   3.693   -14.301 1.00 23.72 ? 103  ILE A CB    1 
ATOM   783  C CG1   . ILE A 1 103 ? 6.292   2.241   -13.993 1.00 23.40 ? 103  ILE A CG1   1 
ATOM   784  C CG2   . ILE A 1 103 ? 8.189   3.811   -14.396 1.00 24.72 ? 103  ILE A CG2   1 
ATOM   785  C CD1   . ILE A 1 103 ? 6.559   1.274   -15.131 1.00 25.13 ? 103  ILE A CD1   1 
ATOM   786  N N     . CYS A 1 104 ? 6.898   6.836   -12.551 1.00 21.05 ? 104  CYS A N     1 
ATOM   787  C CA    . CYS A 1 104 ? 7.156   8.266   -12.742 1.00 22.87 ? 104  CYS A CA    1 
ATOM   788  C C     . CYS A 1 104 ? 8.503   8.592   -13.333 1.00 23.19 ? 104  CYS A C     1 
ATOM   789  O O     . CYS A 1 104 ? 8.609   9.568   -14.089 1.00 22.35 ? 104  CYS A O     1 
ATOM   790  C CB    . CYS A 1 104 ? 7.004   9.012   -11.426 1.00 22.77 ? 104  CYS A CB    1 
ATOM   791  S SG    . CYS A 1 104 ? 5.316   8.887   -10.801 1.00 29.01 ? 104  CYS A SG    1 
ATOM   792  N N     . SER A 1 105 ? 9.526   7.831   -12.963 1.00 22.59 ? 105  SER A N     1 
ATOM   793  C CA    . SER A 1 105 ? 10.864  8.040   -13.504 1.00 25.31 ? 105  SER A CA    1 
ATOM   794  C C     . SER A 1 105 ? 11.373  9.458   -13.300 1.00 24.92 ? 105  SER A C     1 
ATOM   795  O O     . SER A 1 105 ? 11.944  10.052  -14.230 1.00 27.16 ? 105  SER A O     1 
ATOM   796  C CB    . SER A 1 105 ? 10.863  7.720   -14.999 1.00 27.30 ? 105  SER A CB    1 
ATOM   797  O OG    . SER A 1 105 ? 10.529  6.365   -15.235 1.00 31.64 ? 105  SER A OG    1 
ATOM   798  N N     . GLY A 1 106 ? 11.162  10.012  -12.107 1.00 23.33 ? 106  GLY A N     1 
ATOM   799  C CA    . GLY A 1 106 ? 11.653  11.355  -11.814 1.00 25.81 ? 106  GLY A CA    1 
ATOM   800  C C     . GLY A 1 106 ? 10.795  12.513  -12.285 1.00 25.51 ? 106  GLY A C     1 
ATOM   801  O O     . GLY A 1 106 ? 11.188  13.687  -12.156 1.00 28.55 ? 106  GLY A O     1 
ATOM   802  N N     . MET A 1 107 ? 9.619   12.213  -12.808 1.00 22.73 ? 107  MET A N     1 
ATOM   803  C CA    . MET A 1 107 ? 8.720   13.246  -13.302 1.00 22.68 ? 107  MET A CA    1 
ATOM   804  C C     . MET A 1 107 ? 7.428   13.301  -12.492 1.00 22.98 ? 107  MET A C     1 
ATOM   805  O O     . MET A 1 107 ? 7.109   12.362  -11.761 1.00 20.95 ? 107  MET A O     1 
ATOM   806  C CB    . MET A 1 107 ? 8.401   12.958  -14.762 1.00 27.94 ? 107  MET A CB    1 
ATOM   807  C CG    . MET A 1 107 ? 9.657   12.907  -15.633 1.00 36.96 ? 107  MET A CG    1 
ATOM   808  S SD    . MET A 1 107 ? 9.368   12.363  -17.319 1.00 45.13 ? 107  MET A SD    1 
ATOM   809  C CE    . MET A 1 107 ? 7.673   12.235  -17.353 1.00 42.14 ? 107  MET A CE    1 
ATOM   810  N N     . TRP A 1 108 ? 6.676   14.381  -12.628 1.00 20.87 ? 108  TRP A N     1 
ATOM   811  C CA    . TRP A 1 108 ? 5.397   14.531  -11.937 1.00 18.15 ? 108  TRP A CA    1 
ATOM   812  C C     . TRP A 1 108 ? 4.461   15.324  -12.834 1.00 22.20 ? 108  TRP A C     1 
ATOM   813  O O     . TRP A 1 108 ? 4.869   16.323  -13.438 1.00 22.08 ? 108  TRP A O     1 
ATOM   814  C CB    . TRP A 1 108 ? 5.570   15.237  -10.586 1.00 19.51 ? 108  TRP A CB    1 
ATOM   815  C CG    . TRP A 1 108 ? 4.312   15.235  -9.742  1.00 20.93 ? 108  TRP A CG    1 
ATOM   816  C CD1   . TRP A 1 108 ? 3.579   16.316  -9.346  1.00 20.99 ? 108  TRP A CD1   1 
ATOM   817  C CD2   . TRP A 1 108 ? 3.665   14.086  -9.162  1.00 20.52 ? 108  TRP A CD2   1 
ATOM   818  N NE1   . TRP A 1 108 ? 2.520   15.919  -8.555  1.00 23.05 ? 108  TRP A NE1   1 
ATOM   819  C CE2   . TRP A 1 108 ? 2.553   14.556  -8.428  1.00 20.63 ? 108  TRP A CE2   1 
ATOM   820  C CE3   . TRP A 1 108 ? 3.922   12.710  -9.196  1.00 22.42 ? 108  TRP A CE3   1 
ATOM   821  C CZ2   . TRP A 1 108 ? 1.697   13.698  -7.732  1.00 21.87 ? 108  TRP A CZ2   1 
ATOM   822  C CZ3   . TRP A 1 108 ? 3.059   11.852  -8.501  1.00 19.67 ? 108  TRP A CZ3   1 
ATOM   823  C CH2   . TRP A 1 108 ? 1.973   12.350  -7.785  1.00 21.91 ? 108  TRP A CH2   1 
ATOM   824  N N     . SER A 1 109 ? 3.221   14.871  -12.943 1.00 21.18 ? 109  SER A N     1 
ATOM   825  C CA    . SER A 1 109 ? 2.210   15.518  -13.768 1.00 22.37 ? 109  SER A CA    1 
ATOM   826  C C     . SER A 1 109 ? 0.846   15.155  -13.207 1.00 24.76 ? 109  SER A C     1 
ATOM   827  O O     . SER A 1 109 ? 0.751   14.305  -12.326 1.00 20.42 ? 109  SER A O     1 
ATOM   828  C CB    . SER A 1 109 ? 2.307   14.993  -15.194 1.00 25.08 ? 109  SER A CB    1 
ATOM   829  O OG    . SER A 1 109 ? 1.956   13.605  -15.234 1.00 22.95 ? 109  SER A OG    1 
ATOM   830  N N     . GLU A 1 110 ? -0.211  15.766  -13.720 1.00 22.68 ? 110  GLU A N     1 
ATOM   831  C CA    . GLU A 1 110 ? -1.540  15.429  -13.232 1.00 23.52 ? 110  GLU A CA    1 
ATOM   832  C C     . GLU A 1 110 ? -1.900  13.999  -13.624 1.00 24.04 ? 110  GLU A C     1 
ATOM   833  O O     . GLU A 1 110 ? -2.616  13.313  -12.887 1.00 23.21 ? 110  GLU A O     1 
ATOM   834  C CB    . GLU A 1 110 ? -2.572  16.422  -13.771 1.00 26.44 ? 110  GLU A CB    1 
ATOM   835  C CG    . GLU A 1 110 ? -2.455  17.790  -13.099 1.00 31.90 ? 110  GLU A CG    1 
ATOM   836  C CD    . GLU A 1 110 ? -2.322  17.667  -11.582 1.00 37.06 ? 110  GLU A CD    1 
ATOM   837  O OE1   . GLU A 1 110 ? -1.214  17.919  -11.052 1.00 39.48 ? 110  GLU A OE1   1 
ATOM   838  O OE2   . GLU A 1 110 ? -3.320  17.300  -10.917 1.00 38.59 ? 110  GLU A OE2   1 
ATOM   839  N N     . GLU A 1 111 ? -1.404  13.531  -14.764 1.00 22.77 ? 111  GLU A N     1 
ATOM   840  C CA    . GLU A 1 111 ? -1.733  12.164  -15.170 1.00 22.92 ? 111  GLU A CA    1 
ATOM   841  C C     . GLU A 1 111 ? -1.087  11.159  -14.215 1.00 21.95 ? 111  GLU A C     1 
ATOM   842  O O     . GLU A 1 111 ? -1.726  10.165  -13.818 1.00 20.72 ? 111  GLU A O     1 
ATOM   843  C CB    . GLU A 1 111 ? -1.274  11.879  -16.597 1.00 26.36 ? 111  GLU A CB    1 
ATOM   844  C CG    . GLU A 1 111 ? -1.546  10.446  -17.034 1.00 33.80 ? 111  GLU A CG    1 
ATOM   845  C CD    . GLU A 1 111 ? -1.426  10.265  -18.531 1.00 40.41 ? 111  GLU A CD    1 
ATOM   846  O OE1   . GLU A 1 111 ? -1.676  9.143   -19.019 1.00 43.17 ? 111  GLU A OE1   1 
ATOM   847  O OE2   . GLU A 1 111 ? -1.081  11.249  -19.223 1.00 43.48 ? 111  GLU A OE2   1 
ATOM   848  N N     . LEU A 1 112 ? 0.161   11.400  -13.842 1.00 21.56 ? 112  LEU A N     1 
ATOM   849  C CA    . LEU A 1 112 ? 0.843   10.500  -12.920 1.00 19.76 ? 112  LEU A CA    1 
ATOM   850  C C     . LEU A 1 112 ? 0.153   10.572  -11.562 1.00 20.95 ? 112  LEU A C     1 
ATOM   851  O O     . LEU A 1 112 ? -0.065  9.544   -10.924 1.00 18.52 ? 112  LEU A O     1 
ATOM   852  C CB    . LEU A 1 112 ? 2.318   10.867  -12.759 1.00 21.08 ? 112  LEU A CB    1 
ATOM   853  C CG    . LEU A 1 112 ? 3.197   10.604  -13.979 1.00 22.70 ? 112  LEU A CG    1 
ATOM   854  C CD1   . LEU A 1 112 ? 4.563   11.274  -13.781 1.00 22.89 ? 112  LEU A CD1   1 
ATOM   855  C CD2   . LEU A 1 112 ? 3.356   9.082   -14.172 1.00 23.31 ? 112  LEU A CD2   1 
ATOM   856  N N     . LYS A 1 113 ? -0.195  11.775  -11.117 1.00 19.27 ? 113  LYS A N     1 
ATOM   857  C CA    . LYS A 1 113 ? -0.863  11.953  -9.839  1.00 20.13 ? 113  LYS A CA    1 
ATOM   858  C C     . LYS A 1 113 ? -2.185  11.186  -9.793  1.00 20.02 ? 113  LYS A C     1 
ATOM   859  O O     . LYS A 1 113 ? -2.488  10.536  -8.787  1.00 19.57 ? 113  LYS A O     1 
ATOM   860  C CB    . LYS A 1 113 ? -1.146  13.443  -9.595  1.00 21.07 ? 113  LYS A CB    1 
ATOM   861  C CG    . LYS A 1 113 ? -1.964  13.692  -8.345  1.00 24.61 ? 113  LYS A CG    1 
ATOM   862  C CD    . LYS A 1 113 ? -2.186  15.165  -8.079  1.00 31.50 ? 113  LYS A CD    1 
ATOM   863  C CE    . LYS A 1 113 ? -3.139  15.348  -6.898  1.00 36.75 ? 113  LYS A CE    1 
ATOM   864  N NZ    . LYS A 1 113 ? -3.473  16.783  -6.665  1.00 43.29 ? 113  LYS A NZ    1 
ATOM   865  N N     . GLU A 1 114 ? -2.953  11.237  -10.881 1.00 18.92 ? 114  GLU A N     1 
ATOM   866  C CA    . GLU A 1 114 ? -4.249  10.561  -10.878 1.00 18.98 ? 114  GLU A CA    1 
ATOM   867  C C     . GLU A 1 114 ? -4.075  9.046   -10.777 1.00 18.06 ? 114  GLU A C     1 
ATOM   868  O O     . GLU A 1 114 ? -4.863  8.372   -10.091 1.00 19.12 ? 114  GLU A O     1 
ATOM   869  C CB    . GLU A 1 114 ? -5.050  10.901  -12.136 1.00 23.08 ? 114  GLU A CB    1 
ATOM   870  C CG    . GLU A 1 114 ? -6.452  10.307  -12.109 1.00 31.73 ? 114  GLU A CG    1 
ATOM   871  C CD    . GLU A 1 114 ? -7.299  10.745  -13.283 1.00 38.70 ? 114  GLU A CD    1 
ATOM   872  O OE1   . GLU A 1 114 ? -7.416  11.967  -13.510 1.00 42.79 ? 114  GLU A OE1   1 
ATOM   873  O OE2   . GLU A 1 114 ? -7.852  9.864   -13.976 1.00 45.28 ? 114  GLU A OE2   1 
ATOM   874  N N     . LYS A 1 115 ? -3.086  8.506   -11.482 1.00 16.67 ? 115  LYS A N     1 
ATOM   875  C CA    . LYS A 1 115 ? -2.828  7.068   -11.427 1.00 15.69 ? 115  LYS A CA    1 
ATOM   876  C C     . LYS A 1 115 ? -2.395  6.655   -10.024 1.00 17.27 ? 115  LYS A C     1 
ATOM   877  O O     . LYS A 1 115 ? -2.834  5.607   -9.512  1.00 15.40 ? 115  LYS A O     1 
ATOM   878  C CB    . LYS A 1 115 ? -1.755  6.675   -12.450 1.00 17.24 ? 115  LYS A CB    1 
ATOM   879  C CG    . LYS A 1 115 ? -2.239  6.827   -13.921 1.00 17.91 ? 115  LYS A CG    1 
ATOM   880  C CD    . LYS A 1 115 ? -1.095  6.597   -14.892 1.00 19.33 ? 115  LYS A CD    1 
ATOM   881  C CE    . LYS A 1 115 ? -1.589  6.571   -16.346 1.00 24.01 ? 115  LYS A CE    1 
ATOM   882  N NZ    . LYS A 1 115 ? -0.427  6.215   -17.226 1.00 26.00 ? 115  LYS A NZ    1 
ATOM   883  N N     . LEU A 1 116 ? -1.555  7.465   -9.382  1.00 16.97 ? 116  LEU A N     1 
ATOM   884  C CA    . LEU A 1 116 ? -1.085  7.132   -8.045  1.00 13.58 ? 116  LEU A CA    1 
ATOM   885  C C     . LEU A 1 116 ? -2.258  7.290   -7.061  1.00 14.12 ? 116  LEU A C     1 
ATOM   886  O O     . LEU A 1 116 ? -2.423  6.476   -6.155  1.00 14.45 ? 116  LEU A O     1 
ATOM   887  C CB    . LEU A 1 116 ? 0.071   8.055   -7.627  1.00 15.81 ? 116  LEU A CB    1 
ATOM   888  C CG    . LEU A 1 116 ? 0.651   7.750   -6.242  1.00 15.05 ? 116  LEU A CG    1 
ATOM   889  C CD1   . LEU A 1 116 ? 1.217   6.308   -6.182  1.00 14.41 ? 116  LEU A CD1   1 
ATOM   890  C CD2   . LEU A 1 116 ? 1.753   8.778   -5.945  1.00 17.48 ? 116  LEU A CD2   1 
ATOM   891  N N     . TYR A 1 117 ? -3.085  8.305   -7.273  1.00 15.51 ? 117  TYR A N     1 
ATOM   892  C CA    . TYR A 1 117 ? -4.247  8.543   -6.418  1.00 13.62 ? 117  TYR A CA    1 
ATOM   893  C C     . TYR A 1 117 ? -5.148  7.297   -6.435  1.00 15.33 ? 117  TYR A C     1 
ATOM   894  O O     . TYR A 1 117 ? -5.597  6.808   -5.386  1.00 15.72 ? 117  TYR A O     1 
ATOM   895  C CB    . TYR A 1 117 ? -5.029  9.776   -6.901  1.00 14.28 ? 117  TYR A CB    1 
ATOM   896  C CG    . TYR A 1 117 ? -6.253  10.049  -6.091  1.00 15.13 ? 117  TYR A CG    1 
ATOM   897  C CD1   . TYR A 1 117 ? -6.172  10.666  -4.839  1.00 17.21 ? 117  TYR A CD1   1 
ATOM   898  C CD2   . TYR A 1 117 ? -7.499  9.699   -6.586  1.00 18.53 ? 117  TYR A CD2   1 
ATOM   899  C CE1   . TYR A 1 117 ? -7.344  10.939  -4.103  1.00 18.80 ? 117  TYR A CE1   1 
ATOM   900  C CE2   . TYR A 1 117 ? -8.657  9.955   -5.862  1.00 18.36 ? 117  TYR A CE2   1 
ATOM   901  C CZ    . TYR A 1 117 ? -8.567  10.575  -4.639  1.00 19.97 ? 117  TYR A CZ    1 
ATOM   902  O OH    . TYR A 1 117 ? -9.741  10.833  -3.961  1.00 24.70 ? 117  TYR A OH    1 
ATOM   903  N N     . LYS A 1 118 ? -5.421  6.790   -7.639  1.00 15.19 ? 118  LYS A N     1 
ATOM   904  C CA    . LYS A 1 118 ? -6.226  5.575   -7.754  1.00 15.16 ? 118  LYS A CA    1 
ATOM   905  C C     . LYS A 1 118 ? -5.552  4.394   -7.079  1.00 14.75 ? 118  LYS A C     1 
ATOM   906  O O     . LYS A 1 118 ? -6.243  3.546   -6.473  1.00 13.83 ? 118  LYS A O     1 
ATOM   907  C CB    . LYS A 1 118 ? -6.465  5.223   -9.223  1.00 15.55 ? 118  LYS A CB    1 
ATOM   908  C CG    . LYS A 1 118 ? -7.357  6.214   -9.942  1.00 20.42 ? 118  LYS A CG    1 
ATOM   909  C CD    . LYS A 1 118 ? -7.528  5.885   -11.406 1.00 25.40 ? 118  LYS A CD    1 
ATOM   910  C CE    . LYS A 1 118 ? -8.481  6.869   -12.071 1.00 32.27 ? 118  LYS A CE    1 
ATOM   911  N NZ    . LYS A 1 118 ? -8.497  6.646   -13.541 1.00 37.32 ? 118  LYS A NZ    1 
ATOM   912  N N     . ALA A 1 119 ? -4.224  4.280   -7.207  1.00 13.44 ? 119  ALA A N     1 
ATOM   913  C CA    . ALA A 1 119 ? -3.509  3.166   -6.563  1.00 12.30 ? 119  ALA A CA    1 
ATOM   914  C C     . ALA A 1 119 ? -3.623  3.209   -5.034  1.00 13.36 ? 119  ALA A C     1 
ATOM   915  O O     . ALA A 1 119 ? -3.538  2.171   -4.389  1.00 13.27 ? 119  ALA A O     1 
ATOM   916  C CB    . ALA A 1 119 ? -2.033  3.148   -6.985  1.00 14.27 ? 119  ALA A CB    1 
ATOM   917  N N     . PHE A 1 120 ? -3.826  4.392   -4.445  1.00 13.97 ? 120  PHE A N     1 
ATOM   918  C CA    . PHE A 1 120 ? -3.978  4.487   -2.988  1.00 14.00 ? 120  PHE A CA    1 
ATOM   919  C C     . PHE A 1 120 ? -5.450  4.335   -2.564  1.00 12.68 ? 120  PHE A C     1 
ATOM   920  O O     . PHE A 1 120 ? -5.744  3.674   -1.577  1.00 14.37 ? 120  PHE A O     1 
ATOM   921  C CB    . PHE A 1 120 ? -3.455  5.845   -2.458  1.00 13.44 ? 120  PHE A CB    1 
ATOM   922  C CG    . PHE A 1 120 ? -1.959  5.885   -2.247  1.00 12.31 ? 120  PHE A CG    1 
ATOM   923  C CD1   . PHE A 1 120 ? -1.319  4.954   -1.428  1.00 13.74 ? 120  PHE A CD1   1 
ATOM   924  C CD2   . PHE A 1 120 ? -1.202  6.884   -2.857  1.00 14.14 ? 120  PHE A CD2   1 
ATOM   925  C CE1   . PHE A 1 120 ? 0.070   5.037   -1.221  1.00 13.15 ? 120  PHE A CE1   1 
ATOM   926  C CE2   . PHE A 1 120 ? 0.167   6.967   -2.656  1.00 13.71 ? 120  PHE A CE2   1 
ATOM   927  C CZ    . PHE A 1 120 ? 0.809   6.068   -1.853  1.00 12.68 ? 120  PHE A CZ    1 
ATOM   928  N N     . LEU A 1 121 ? -6.366  4.900   -3.361  1.00 13.87 ? 121  LEU A N     1 
ATOM   929  C CA    . LEU A 1 121 ? -7.774  4.846   -2.976  1.00 14.17 ? 121  LEU A CA    1 
ATOM   930  C C     . LEU A 1 121 ? -8.341  3.462   -3.195  1.00 15.26 ? 121  LEU A C     1 
ATOM   931  O O     . LEU A 1 121 ? -9.206  3.014   -2.427  1.00 15.88 ? 121  LEU A O     1 
ATOM   932  C CB    . LEU A 1 121 ? -8.556  5.865   -3.786  1.00 15.06 ? 121  LEU A CB    1 
ATOM   933  C CG    . LEU A 1 121 ? -10.049 5.951   -3.462  1.00 17.34 ? 121  LEU A CG    1 
ATOM   934  C CD1   . LEU A 1 121 ? -10.293 6.366   -2.003  1.00 18.71 ? 121  LEU A CD1   1 
ATOM   935  C CD2   . LEU A 1 121 ? -10.666 6.940   -4.426  1.00 22.37 ? 121  LEU A CD2   1 
ATOM   936  N N     . GLY A 1 122 ? -7.876  2.784   -4.247  1.00 13.46 ? 122  GLY A N     1 
ATOM   937  C CA    . GLY A 1 122 ? -8.398  1.455   -4.543  1.00 15.09 ? 122  GLY A CA    1 
ATOM   938  C C     . GLY A 1 122 ? -8.328  0.534   -3.339  1.00 13.54 ? 122  GLY A C     1 
ATOM   939  O O     . GLY A 1 122 ? -9.331  -0.112  -2.980  1.00 14.14 ? 122  GLY A O     1 
ATOM   940  N N     . PRO A 1 123 ? -7.177  0.425   -2.680  1.00 12.94 ? 123  PRO A N     1 
ATOM   941  C CA    . PRO A 1 123 ? -7.103  -0.461  -1.519  1.00 12.55 ? 123  PRO A CA    1 
ATOM   942  C C     . PRO A 1 123 ? -7.998  -0.021  -0.366  1.00 13.23 ? 123  PRO A C     1 
ATOM   943  O O     . PRO A 1 123 ? -8.489  -0.867  0.374   1.00 14.54 ? 123  PRO A O     1 
ATOM   944  C CB    . PRO A 1 123 ? -5.616  -0.464  -1.151  1.00 15.01 ? 123  PRO A CB    1 
ATOM   945  C CG    . PRO A 1 123 ? -4.953  -0.319  -2.509  1.00 13.49 ? 123  PRO A CG    1 
ATOM   946  C CD    . PRO A 1 123 ? -5.833  0.742   -3.210  1.00 13.50 ? 123  PRO A CD    1 
ATOM   947  N N     . LEU A 1 124 ? -8.172  1.285   -0.171  1.00 13.63 ? 124  LEU A N     1 
ATOM   948  C CA    . LEU A 1 124 ? -9.078  1.741   0.892   1.00 14.12 ? 124  LEU A CA    1 
ATOM   949  C C     . LEU A 1 124 ? -10.488 1.271   0.572   1.00 16.22 ? 124  LEU A C     1 
ATOM   950  O O     . LEU A 1 124 ? -11.191 0.789   1.477   1.00 16.16 ? 124  LEU A O     1 
ATOM   951  C CB    . LEU A 1 124 ? -9.083  3.274   0.979   1.00 15.85 ? 124  LEU A CB    1 
ATOM   952  C CG    . LEU A 1 124 ? -7.777  3.875   1.509   1.00 16.47 ? 124  LEU A CG    1 
ATOM   953  C CD1   . LEU A 1 124 ? -7.871  5.393   1.399   1.00 17.45 ? 124  LEU A CD1   1 
ATOM   954  C CD2   . LEU A 1 124 ? -7.476  3.465   2.946   1.00 18.03 ? 124  LEU A CD2   1 
ATOM   955  N N     . GLU A 1 125 ? -10.905 1.401   -0.688  1.00 16.33 ? 125  GLU A N     1 
ATOM   956  C CA    . GLU A 1 125 ? -12.274 0.986   -1.060  1.00 17.40 ? 125  GLU A CA    1 
ATOM   957  C C     . GLU A 1 125 ? -12.411 -0.537  -0.961  1.00 16.00 ? 125  GLU A C     1 
ATOM   958  O O     . GLU A 1 125 ? -13.481 -1.054  -0.607  1.00 16.95 ? 125  GLU A O     1 
ATOM   959  C CB    . GLU A 1 125 ? -12.637 1.482   -2.455  1.00 20.03 ? 125  GLU A CB    1 
ATOM   960  C CG    . GLU A 1 125 ? -12.577 3.017   -2.546  1.00 24.70 ? 125  GLU A CG    1 
ATOM   961  C CD    . GLU A 1 125 ? -13.125 3.589   -3.846  1.00 32.86 ? 125  GLU A CD    1 
ATOM   962  O OE1   . GLU A 1 125 ? -13.118 2.873   -4.868  1.00 39.06 ? 125  GLU A OE1   1 
ATOM   963  O OE2   . GLU A 1 125 ? -13.549 4.775   -3.844  1.00 37.93 ? 125  GLU A OE2   1 
ATOM   964  N N     . LYS A 1 126 ? -11.335 -1.272  -1.222  1.00 14.59 ? 126  LYS A N     1 
ATOM   965  C CA    . LYS A 1 126 ? -11.421 -2.729  -1.127  1.00 15.56 ? 126  LYS A CA    1 
ATOM   966  C C     . LYS A 1 126 ? -11.553 -3.118  0.336   1.00 16.61 ? 126  LYS A C     1 
ATOM   967  O O     . LYS A 1 126 ? -12.306 -4.044  0.676   1.00 17.98 ? 126  LYS A O     1 
ATOM   968  C CB    . LYS A 1 126 ? -10.168 -3.376  -1.757  1.00 15.84 ? 126  LYS A CB    1 
ATOM   969  C CG    . LYS A 1 126 ? -10.099 -4.912  -1.631  1.00 16.75 ? 126  LYS A CG    1 
ATOM   970  C CD    . LYS A 1 126 ? -11.274 -5.588  -2.323  1.00 18.86 ? 126  LYS A CD    1 
ATOM   971  C CE    . LYS A 1 126 ? -11.231 -5.370  -3.826  1.00 23.21 ? 126  LYS A CE    1 
ATOM   972  N NZ    . LYS A 1 126 ? -12.422 -6.002  -4.491  1.00 25.77 ? 126  LYS A NZ    1 
ATOM   973  N N     . ALA A 1 127 ? -10.845 -2.428  1.230   1.00 15.19 ? 127  ALA A N     1 
ATOM   974  C CA    . ALA A 1 127 ? -10.939 -2.712  2.653   1.00 15.25 ? 127  ALA A CA    1 
ATOM   975  C C     . ALA A 1 127 ? -12.381 -2.452  3.105   1.00 17.40 ? 127  ALA A C     1 
ATOM   976  O O     . ALA A 1 127 ? -12.959 -3.243  3.843   1.00 17.84 ? 127  ALA A O     1 
ATOM   977  C CB    . ALA A 1 127 ? -9.974  -1.830  3.435   1.00 16.31 ? 127  ALA A CB    1 
ATOM   978  N N     . GLU A 1 128 ? -12.956 -1.355  2.651   1.00 15.95 ? 128  GLU A N     1 
ATOM   979  C CA    . GLU A 1 128 ? -14.329 -1.006  3.043   1.00 20.08 ? 128  GLU A CA    1 
ATOM   980  C C     . GLU A 1 128 ? -15.287 -2.097  2.581   1.00 21.74 ? 128  GLU A C     1 
ATOM   981  O O     . GLU A 1 128 ? -16.136 -2.574  3.365   1.00 22.72 ? 128  GLU A O     1 
ATOM   982  C CB    . GLU A 1 128 ? -14.704 0.345   2.418   1.00 19.84 ? 128  GLU A CB    1 
ATOM   983  C CG    . GLU A 1 128 ? -16.089 0.889   2.796   1.00 24.54 ? 128  GLU A CG    1 
ATOM   984  C CD    . GLU A 1 128 ? -16.257 1.125   4.273   1.00 26.83 ? 128  GLU A CD    1 
ATOM   985  O OE1   . GLU A 1 128 ? -15.252 1.244   5.001   1.00 25.77 ? 128  GLU A OE1   1 
ATOM   986  O OE2   . GLU A 1 128 ? -17.426 1.216   4.709   1.00 30.11 ? 128  GLU A OE2   1 
ATOM   987  N N     . GLU A 1 129 ? -15.141 -2.504  1.324   1.00 17.50 ? 129  GLU A N     1 
ATOM   988  C CA    . GLU A 1 129 ? -15.986 -3.529  0.708   1.00 21.59 ? 129  GLU A CA    1 
ATOM   989  C C     . GLU A 1 129 ? -15.928 -4.837  1.483   1.00 21.66 ? 129  GLU A C     1 
ATOM   990  O O     . GLU A 1 129 ? -16.954 -5.529  1.647   1.00 24.56 ? 129  GLU A O     1 
ATOM   991  C CB    . GLU A 1 129 ? -15.518 -3.798  -0.720  1.00 21.18 ? 129  GLU A CB    1 
ATOM   992  C CG    . GLU A 1 129 ? -16.264 -4.930  -1.420  1.00 29.54 ? 129  GLU A CG    1 
ATOM   993  C CD    . GLU A 1 129 ? -15.664 -5.272  -2.773  1.00 32.11 ? 129  GLU A CD    1 
ATOM   994  O OE1   . GLU A 1 129 ? -16.224 -6.148  -3.471  1.00 38.74 ? 129  GLU A OE1   1 
ATOM   995  O OE2   . GLU A 1 129 ? -14.624 -4.674  -3.144  1.00 31.67 ? 129  GLU A OE2   1 
ATOM   996  N N     . MET A 1 130 ? -14.742 -5.183  1.976   1.00 19.56 ? 130  MET A N     1 
ATOM   997  C CA    . MET A 1 130 ? -14.550 -6.431  2.707   1.00 19.93 ? 130  MET A CA    1 
ATOM   998  C C     . MET A 1 130 ? -14.793 -6.330  4.207   1.00 22.28 ? 130  MET A C     1 
ATOM   999  O O     . MET A 1 130 ? -14.753 -7.344  4.913   1.00 25.13 ? 130  MET A O     1 
ATOM   1000 C CB    . MET A 1 130 ? -13.123 -6.957  2.480   1.00 19.34 ? 130  MET A CB    1 
ATOM   1001 C CG    . MET A 1 130 ? -12.885 -7.401  1.066   1.00 19.33 ? 130  MET A CG    1 
ATOM   1002 S SD    . MET A 1 130 ? -11.186 -8.011  0.839   1.00 20.65 ? 130  MET A SD    1 
ATOM   1003 C CE    . MET A 1 130 ? -11.274 -9.604  1.699   1.00 20.86 ? 130  MET A CE    1 
ATOM   1004 N N     . GLY A 1 131 ? -15.048 -5.118  4.683   1.00 21.28 ? 131  GLY A N     1 
ATOM   1005 C CA    . GLY A 1 131 ? -15.245 -4.905  6.104   1.00 21.74 ? 131  GLY A CA    1 
ATOM   1006 C C     . GLY A 1 131 ? -13.953 -4.995  6.885   1.00 23.73 ? 131  GLY A C     1 
ATOM   1007 O O     . GLY A 1 131 ? -13.952 -5.307  8.074   1.00 24.11 ? 131  GLY A O     1 
ATOM   1008 N N     . VAL A 1 132 ? -12.821 -4.729  6.225   1.00 19.04 ? 132  VAL A N     1 
ATOM   1009 C CA    . VAL A 1 132 ? -11.542 -4.774  6.915   1.00 20.55 ? 132  VAL A CA    1 
ATOM   1010 C C     . VAL A 1 132 ? -11.326 -3.456  7.665   1.00 21.46 ? 132  VAL A C     1 
ATOM   1011 O O     . VAL A 1 132 ? -11.324 -2.383  7.059   1.00 21.53 ? 132  VAL A O     1 
ATOM   1012 C CB    . VAL A 1 132 ? -10.414 -5.017  5.895   1.00 19.71 ? 132  VAL A CB    1 
ATOM   1013 C CG1   . VAL A 1 132 ? -9.057  -4.757  6.524   1.00 22.00 ? 132  VAL A CG1   1 
ATOM   1014 C CG2   . VAL A 1 132 ? -10.529 -6.441  5.364   1.00 22.07 ? 132  VAL A CG2   1 
ATOM   1015 N N     . GLU A 1 133 ? -11.115 -3.535  8.978   1.00 21.58 ? 133  GLU A N     1 
ATOM   1016 C CA    . GLU A 1 133 ? -10.973 -2.338  9.790   1.00 22.85 ? 133  GLU A CA    1 
ATOM   1017 C C     . GLU A 1 133 ? -9.630  -1.635  9.869   1.00 22.19 ? 133  GLU A C     1 
ATOM   1018 O O     . GLU A 1 133 ? -9.591  -0.470  10.250  1.00 22.12 ? 133  GLU A O     1 
ATOM   1019 C CB    . GLU A 1 133 ? -11.449 -2.604  11.232  1.00 26.15 ? 133  GLU A CB    1 
ATOM   1020 C CG    . GLU A 1 133 ? -10.501 -3.447  12.070  1.00 35.50 ? 133  GLU A CG    1 
ATOM   1021 C CD    . GLU A 1 133 ? -10.881 -3.491  13.550  1.00 43.40 ? 133  GLU A CD    1 
ATOM   1022 O OE1   . GLU A 1 133 ? -10.216 -4.232  14.308  1.00 46.45 ? 133  GLU A OE1   1 
ATOM   1023 O OE2   . GLU A 1 133 ? -11.835 -2.783  13.957  1.00 46.96 ? 133  GLU A OE2   1 
ATOM   1024 N N     . SER A 1 134 ? -8.544  -2.312  9.494   1.00 18.80 ? 134  SER A N     1 
ATOM   1025 C CA    . SER A 1 134 ? -7.223  -1.698  9.592   1.00 18.11 ? 134  SER A CA    1 
ATOM   1026 C C     . SER A 1 134 ? -6.401  -2.082  8.382   1.00 16.12 ? 134  SER A C     1 
ATOM   1027 O O     . SER A 1 134 ? -6.369  -3.240  7.992   1.00 17.11 ? 134  SER A O     1 
ATOM   1028 C CB    . SER A 1 134 ? -6.510  -2.157  10.865  1.00 20.10 ? 134  SER A CB    1 
ATOM   1029 O OG    . SER A 1 134 ? -6.382  -3.566  10.935  1.00 23.55 ? 134  SER A OG    1 
ATOM   1030 N N     . ILE A 1 135 ? -5.720  -1.079  7.817   1.00 15.01 ? 135  ILE A N     1 
ATOM   1031 C CA    . ILE A 1 135 ? -4.932  -1.322  6.622   1.00 15.30 ? 135  ILE A CA    1 
ATOM   1032 C C     . ILE A 1 135 ? -3.662  -0.480  6.662   1.00 15.15 ? 135  ILE A C     1 
ATOM   1033 O O     . ILE A 1 135 ? -3.668  0.661   7.153   1.00 16.23 ? 135  ILE A O     1 
ATOM   1034 C CB    . ILE A 1 135 ? -5.804  -0.994  5.368   1.00 14.99 ? 135  ILE A CB    1 
ATOM   1035 C CG1   . ILE A 1 135 ? -5.006  -1.191  4.061   1.00 11.93 ? 135  ILE A CG1   1 
ATOM   1036 C CG2   . ILE A 1 135 ? -6.313  0.425   5.423   1.00 15.00 ? 135  ILE A CG2   1 
ATOM   1037 C CD1   . ILE A 1 135 ? -5.910  -1.159  2.796   1.00 14.15 ? 135  ILE A CD1   1 
ATOM   1038 N N     . ALA A 1 136 ? -2.559  -1.063  6.184   1.00 14.06 ? 136  ALA A N     1 
ATOM   1039 C CA    . ALA A 1 136 ? -1.273  -0.344  6.142   1.00 13.78 ? 136  ALA A CA    1 
ATOM   1040 C C     . ALA A 1 136 ? -0.742  -0.302  4.710   1.00 13.49 ? 136  ALA A C     1 
ATOM   1041 O O     . ALA A 1 136 ? -0.853  -1.265  3.966   1.00 14.55 ? 136  ALA A O     1 
ATOM   1042 C CB    . ALA A 1 136 ? -0.272  -1.001  7.031   1.00 14.28 ? 136  ALA A CB    1 
ATOM   1043 N N     . PHE A 1 137 ? -0.135  0.834   4.361   1.00 12.31 ? 137  PHE A N     1 
ATOM   1044 C CA    . PHE A 1 137 ? 0.398   1.059   3.015   1.00 12.77 ? 137  PHE A CA    1 
ATOM   1045 C C     . PHE A 1 137 ? 1.851   1.435   3.019   1.00 12.24 ? 137  PHE A C     1 
ATOM   1046 O O     . PHE A 1 137 ? 2.339   2.014   3.992   1.00 13.46 ? 137  PHE A O     1 
ATOM   1047 C CB    . PHE A 1 137 ? -0.216  2.317   2.373   1.00 12.20 ? 137  PHE A CB    1 
ATOM   1048 C CG    . PHE A 1 137 ? -1.642  2.215   1.995   1.00 10.62 ? 137  PHE A CG    1 
ATOM   1049 C CD1   . PHE A 1 137 ? -2.010  2.133   0.652   1.00 12.95 ? 137  PHE A CD1   1 
ATOM   1050 C CD2   . PHE A 1 137 ? -2.647  2.278   2.974   1.00 13.33 ? 137  PHE A CD2   1 
ATOM   1051 C CE1   . PHE A 1 137 ? -3.341  2.115   0.272   1.00 12.30 ? 137  PHE A CE1   1 
ATOM   1052 C CE2   . PHE A 1 137 ? -3.978  2.257   2.620   1.00 14.62 ? 137  PHE A CE2   1 
ATOM   1053 C CZ    . PHE A 1 137 ? -4.345  2.173   1.277   1.00 12.90 ? 137  PHE A CZ    1 
ATOM   1054 N N     . PRO A 1 138 ? 2.564   1.082   1.960   1.00 11.79 ? 138  PRO A N     1 
ATOM   1055 C CA    . PRO A 1 138 ? 3.972   1.457   1.783   1.00 11.97 ? 138  PRO A CA    1 
ATOM   1056 C C     . PRO A 1 138 ? 3.837   2.700   0.875   1.00 12.07 ? 138  PRO A C     1 
ATOM   1057 O O     . PRO A 1 138 ? 2.744   3.074   0.387   1.00 12.42 ? 138  PRO A O     1 
ATOM   1058 C CB    . PRO A 1 138 ? 4.554   0.283   1.014   1.00 12.46 ? 138  PRO A CB    1 
ATOM   1059 C CG    . PRO A 1 138 ? 3.437   -0.083  0.089   1.00 13.98 ? 138  PRO A CG    1 
ATOM   1060 C CD    . PRO A 1 138 ? 2.143   0.158   0.889   1.00 12.19 ? 138  PRO A CD    1 
ATOM   1061 N N     . ALA A 1 139 ? 4.985   3.342   0.620   1.00 12.41 ? 139  ALA A N     1 
ATOM   1062 C CA    . ALA A 1 139 ? 5.003   4.532   -0.241  1.00 13.19 ? 139  ALA A CA    1 
ATOM   1063 C C     . ALA A 1 139 ? 5.045   4.077   -1.694  1.00 14.17 ? 139  ALA A C     1 
ATOM   1064 O O     . ALA A 1 139 ? 6.118   4.047   -2.338  1.00 14.11 ? 139  ALA A O     1 
ATOM   1065 C CB    . ALA A 1 139 ? 6.235   5.382   0.074   1.00 16.80 ? 139  ALA A CB    1 
ATOM   1066 N N     . VAL A 1 140 ? 3.871   3.686   -2.194  1.00 12.45 ? 140  VAL A N     1 
ATOM   1067 C CA    . VAL A 1 140 ? 3.699   3.209   -3.570  1.00 12.13 ? 140  VAL A CA    1 
ATOM   1068 C C     . VAL A 1 140 ? 4.357   4.169   -4.582  1.00 13.68 ? 140  VAL A C     1 
ATOM   1069 O O     . VAL A 1 140 ? 4.151   5.362   -4.492  1.00 13.65 ? 140  VAL A O     1 
ATOM   1070 C CB    . VAL A 1 140 ? 2.200   3.092   -3.895  1.00 11.77 ? 140  VAL A CB    1 
ATOM   1071 C CG1   . VAL A 1 140 ? 2.018   2.654   -5.333  1.00 13.23 ? 140  VAL A CG1   1 
ATOM   1072 C CG2   . VAL A 1 140 ? 1.545   2.047   -2.952  1.00 13.45 ? 140  VAL A CG2   1 
ATOM   1073 N N     . SER A 1 141 ? 5.114   3.597   -5.524  1.00 12.81 ? 141  SER A N     1 
ATOM   1074 C CA    . SER A 1 141 ? 5.839   4.312   -6.591  1.00 15.18 ? 141  SER A CA    1 
ATOM   1075 C C     . SER A 1 141 ? 7.045   5.113   -6.154  1.00 14.70 ? 141  SER A C     1 
ATOM   1076 O O     . SER A 1 141 ? 7.737   5.695   -7.041  1.00 15.47 ? 141  SER A O     1 
ATOM   1077 C CB    . SER A 1 141 ? 4.900   5.220   -7.372  1.00 12.52 ? 141  SER A CB    1 
ATOM   1078 O OG    . SER A 1 141 ? 3.979   4.465   -8.161  1.00 15.62 ? 141  SER A OG    1 
ATOM   1079 N N     . ALA A 1 142 ? 7.344   5.146   -4.860  1.00 15.35 ? 142  ALA A N     1 
ATOM   1080 C CA    . ALA A 1 142 ? 8.483   5.966   -4.390  1.00 15.51 ? 142  ALA A CA    1 
ATOM   1081 C C     . ALA A 1 142 ? 9.820   5.282   -4.465  1.00 17.28 ? 142  ALA A C     1 
ATOM   1082 O O     . ALA A 1 142 ? 10.863  5.899   -4.180  1.00 19.54 ? 142  ALA A O     1 
ATOM   1083 C CB    . ALA A 1 142 ? 8.244   6.437   -2.979  1.00 16.46 ? 142  ALA A CB    1 
ATOM   1084 N N     . GLY A 1 143 ? 9.807   4.014   -4.847  1.00 16.04 ? 143  GLY A N     1 
ATOM   1085 C CA    . GLY A 1 143 ? 11.037  3.249   -4.928  1.00 18.34 ? 143  GLY A CA    1 
ATOM   1086 C C     . GLY A 1 143 ? 11.565  3.171   -6.344  1.00 19.84 ? 143  GLY A C     1 
ATOM   1087 O O     . GLY A 1 143 ? 11.913  4.203   -6.955  1.00 20.08 ? 143  GLY A O     1 
ATOM   1088 N N     . ILE A 1 144 ? 11.623  1.973   -6.913  1.00 19.26 ? 144  ILE A N     1 
ATOM   1089 C CA    . ILE A 1 144 ? 12.167  1.936   -8.271  1.00 20.21 ? 144  ILE A CA    1 
ATOM   1090 C C     . ILE A 1 144 ? 11.279  2.605   -9.321  1.00 19.98 ? 144  ILE A C     1 
ATOM   1091 O O     . ILE A 1 144 ? 11.747  2.906   -10.437 1.00 21.24 ? 144  ILE A O     1 
ATOM   1092 C CB    . ILE A 1 144 ? 12.542  0.533   -8.726  1.00 24.81 ? 144  ILE A CB    1 
ATOM   1093 C CG1   . ILE A 1 144 ? 11.298  -0.307  -8.876  1.00 23.64 ? 144  ILE A CG1   1 
ATOM   1094 C CG2   . ILE A 1 144 ? 13.543  -0.089  -7.742  1.00 24.73 ? 144  ILE A CG2   1 
ATOM   1095 C CD1   . ILE A 1 144 ? 11.597  -1.653  -9.511  1.00 27.59 ? 144  ILE A CD1   1 
ATOM   1096 N N     . TYR A 1 145 ? 10.004  2.870   -9.008  1.00 15.88 ? 145  TYR A N     1 
ATOM   1097 C CA    . TYR A 1 145 ? 9.160   3.570   -9.965  1.00 16.78 ? 145  TYR A CA    1 
ATOM   1098 C C     . TYR A 1 145 ? 9.457   5.087   -9.998  1.00 18.46 ? 145  TYR A C     1 
ATOM   1099 O O     . TYR A 1 145 ? 8.872   5.824   -10.782 1.00 19.59 ? 145  TYR A O     1 
ATOM   1100 C CB    . TYR A 1 145 ? 7.684   3.254   -9.698  1.00 16.90 ? 145  TYR A CB    1 
ATOM   1101 C CG    . TYR A 1 145 ? 7.241   1.952   -10.347 1.00 19.19 ? 145  TYR A CG    1 
ATOM   1102 C CD1   . TYR A 1 145 ? 8.155   1.104   -10.983 1.00 20.05 ? 145  TYR A CD1   1 
ATOM   1103 C CD2   . TYR A 1 145 ? 5.896   1.579   -10.315 1.00 18.93 ? 145  TYR A CD2   1 
ATOM   1104 C CE1   . TYR A 1 145 ? 7.736   -0.090  -11.576 1.00 20.41 ? 145  TYR A CE1   1 
ATOM   1105 C CE2   . TYR A 1 145 ? 5.464   0.401   -10.901 1.00 19.61 ? 145  TYR A CE2   1 
ATOM   1106 C CZ    . TYR A 1 145 ? 6.380   -0.433  -11.534 1.00 20.46 ? 145  TYR A CZ    1 
ATOM   1107 O OH    . TYR A 1 145 ? 5.932   -1.582  -12.154 1.00 20.02 ? 145  TYR A OH    1 
ATOM   1108 N N     . GLY A 1 146 ? 10.326  5.520   -9.090  1.00 17.79 ? 146  GLY A N     1 
ATOM   1109 C CA    . GLY A 1 146 ? 10.845  6.883   -9.131  1.00 20.70 ? 146  GLY A CA    1 
ATOM   1110 C C     . GLY A 1 146 ? 9.993   8.100   -8.962  1.00 21.65 ? 146  GLY A C     1 
ATOM   1111 O O     . GLY A 1 146 ? 10.284  9.177   -9.523  1.00 22.08 ? 146  GLY A O     1 
ATOM   1112 N N     . CYS A 1 147 ? 8.934   7.963   -8.182  1.00 18.95 ? 147  CYS A N     1 
ATOM   1113 C CA    . CYS A 1 147 ? 8.087   9.103   -7.884  1.00 19.90 ? 147  CYS A CA    1 
ATOM   1114 C C     . CYS A 1 147 ? 8.645   9.816   -6.671  1.00 18.88 ? 147  CYS A C     1 
ATOM   1115 O O     . CYS A 1 147 ? 9.037   9.185   -5.683  1.00 21.26 ? 147  CYS A O     1 
ATOM   1116 C CB    . CYS A 1 147 ? 6.697   8.668   -7.486  1.00 18.86 ? 147  CYS A CB    1 
ATOM   1117 S SG    . CYS A 1 147 ? 5.565   10.031  -7.545  1.00 30.75 ? 147  CYS A SG    1 
ATOM   1118 N N     . ASP A 1 148 ? 8.666   11.139  -6.722  1.00 18.96 ? 148  ASP A N     1 
ATOM   1119 C CA    . ASP A 1 148 ? 9.155   11.928  -5.604  1.00 19.57 ? 148  ASP A CA    1 
ATOM   1120 C C     . ASP A 1 148 ? 8.391   11.570  -4.329  1.00 17.35 ? 148  ASP A C     1 
ATOM   1121 O O     . ASP A 1 148 ? 7.152   11.596  -4.311  1.00 19.22 ? 148  ASP A O     1 
ATOM   1122 C CB    . ASP A 1 148 ? 8.964   13.408  -5.929  1.00 22.44 ? 148  ASP A CB    1 
ATOM   1123 C CG    . ASP A 1 148 ? 9.381   14.294  -4.802  1.00 24.97 ? 148  ASP A CG    1 
ATOM   1124 O OD1   . ASP A 1 148 ? 8.498   14.796  -4.088  1.00 26.93 ? 148  ASP A OD1   1 
ATOM   1125 O OD2   . ASP A 1 148 ? 10.601  14.467  -4.616  1.00 30.32 ? 148  ASP A OD2   1 
ATOM   1126 N N     . LEU A 1 149 ? 9.125   11.242  -3.274  1.00 18.89 ? 149  LEU A N     1 
ATOM   1127 C CA    . LEU A 1 149 ? 8.484   10.835  -2.025  1.00 18.20 ? 149  LEU A CA    1 
ATOM   1128 C C     . LEU A 1 149 ? 7.485   11.843  -1.489  1.00 18.46 ? 149  LEU A C     1 
ATOM   1129 O O     . LEU A 1 149 ? 6.407   11.469  -1.052  1.00 17.82 ? 149  LEU A O     1 
ATOM   1130 C CB    . LEU A 1 149 ? 9.531   10.521  -0.955  1.00 19.57 ? 149  LEU A CB    1 
ATOM   1131 C CG    . LEU A 1 149 ? 8.972   10.008  0.379   1.00 22.07 ? 149  LEU A CG    1 
ATOM   1132 C CD1   . LEU A 1 149 ? 8.154   8.741   0.138   1.00 23.39 ? 149  LEU A CD1   1 
ATOM   1133 C CD2   . LEU A 1 149 ? 10.104  9.745   1.371   1.00 23.64 ? 149  LEU A CD2   1 
ATOM   1134 N N     . GLU A 1 150 ? 7.838   13.135  -1.474  1.00 18.80 ? 150  GLU A N     1 
ATOM   1135 C CA    . GLU A 1 150 ? 6.904   14.137  -0.969  1.00 20.39 ? 150  GLU A CA    1 
ATOM   1136 C C     . GLU A 1 150 ? 5.590   14.079  -1.727  1.00 18.62 ? 150  GLU A C     1 
ATOM   1137 O O     . GLU A 1 150 ? 4.522   14.147  -1.118  1.00 20.27 ? 150  GLU A O     1 
ATOM   1138 C CB    . GLU A 1 150 ? 7.452   15.558  -1.143  1.00 24.82 ? 150  GLU A CB    1 
ATOM   1139 C CG    . GLU A 1 150 ? 8.444   16.023  -0.145  1.00 33.12 ? 150  GLU A CG    1 
ATOM   1140 C CD    . GLU A 1 150 ? 8.820   17.462  -0.450  1.00 36.53 ? 150  GLU A CD    1 
ATOM   1141 O OE1   . GLU A 1 150 ? 7.901   18.311  -0.478  1.00 39.70 ? 150  GLU A OE1   1 
ATOM   1142 O OE2   . GLU A 1 150 ? 10.017  17.730  -0.685  1.00 41.09 ? 150  GLU A OE2   1 
ATOM   1143 N N     . LYS A 1 151 ? 5.666   13.991  -3.055  1.00 18.69 ? 151  LYS A N     1 
ATOM   1144 C CA    . LYS A 1 151 ? 4.468   13.932  -3.898  1.00 18.48 ? 151  LYS A CA    1 
ATOM   1145 C C     . LYS A 1 151 ? 3.683   12.637  -3.604  1.00 17.27 ? 151  LYS A C     1 
ATOM   1146 O O     . LYS A 1 151 ? 2.447   12.634  -3.610  1.00 17.93 ? 151  LYS A O     1 
ATOM   1147 C CB    . LYS A 1 151 ? 4.835   13.969  -5.388  1.00 19.20 ? 151  LYS A CB    1 
ATOM   1148 C CG    . LYS A 1 151 ? 5.582   15.242  -5.862  1.00 25.20 ? 151  LYS A CG    1 
ATOM   1149 C CD    . LYS A 1 151 ? 4.652   16.428  -5.831  1.00 27.48 ? 151  LYS A CD    1 
ATOM   1150 C CE    . LYS A 1 151 ? 5.339   17.667  -6.444  1.00 31.73 ? 151  LYS A CE    1 
ATOM   1151 N NZ    . LYS A 1 151 ? 4.416   18.834  -6.486  1.00 38.29 ? 151  LYS A NZ    1 
ATOM   1152 N N     . VAL A 1 152 ? 4.412   11.555  -3.341  1.00 16.32 ? 152  VAL A N     1 
ATOM   1153 C CA    . VAL A 1 152 ? 3.738   10.281  -3.026  1.00 14.02 ? 152  VAL A CA    1 
ATOM   1154 C C     . VAL A 1 152 ? 2.961   10.443  -1.729  1.00 16.46 ? 152  VAL A C     1 
ATOM   1155 O O     . VAL A 1 152 ? 1.786   10.063  -1.645  1.00 14.44 ? 152  VAL A O     1 
ATOM   1156 C CB    . VAL A 1 152 ? 4.759   9.135   -2.886  1.00 14.72 ? 152  VAL A CB    1 
ATOM   1157 C CG1   . VAL A 1 152 ? 4.081   7.836   -2.317  1.00 13.79 ? 152  VAL A CG1   1 
ATOM   1158 C CG2   . VAL A 1 152 ? 5.374   8.840   -4.231  1.00 16.53 ? 152  VAL A CG2   1 
ATOM   1159 N N     . VAL A 1 153 ? 3.598   11.012  -0.704  1.00 15.75 ? 153  VAL A N     1 
ATOM   1160 C CA    . VAL A 1 153 ? 2.905   11.156  0.572   1.00 16.23 ? 153  VAL A CA    1 
ATOM   1161 C C     . VAL A 1 153 ? 1.729   12.115  0.481   1.00 14.52 ? 153  VAL A C     1 
ATOM   1162 O O     . VAL A 1 153 ? 0.687   11.871  1.066   1.00 15.93 ? 153  VAL A O     1 
ATOM   1163 C CB    . VAL A 1 153 ? 3.884   11.591  1.683   1.00 17.65 ? 153  VAL A CB    1 
ATOM   1164 C CG1   . VAL A 1 153 ? 3.139   11.749  3.015   1.00 20.71 ? 153  VAL A CG1   1 
ATOM   1165 C CG2   . VAL A 1 153 ? 4.993   10.549  1.807   1.00 17.97 ? 153  VAL A CG2   1 
ATOM   1166 N N     . GLU A 1 154 ? 1.889   13.220  -0.248  1.00 15.69 ? 154  GLU A N     1 
ATOM   1167 C CA    . GLU A 1 154 ? 0.773   14.149  -0.403  1.00 16.54 ? 154  GLU A CA    1 
ATOM   1168 C C     . GLU A 1 154 ? -0.407  13.470  -1.115  1.00 16.48 ? 154  GLU A C     1 
ATOM   1169 O O     . GLU A 1 154 ? -1.562  13.719  -0.796  1.00 18.69 ? 154  GLU A O     1 
ATOM   1170 C CB    . GLU A 1 154 ? 1.216   15.368  -1.223  1.00 19.62 ? 154  GLU A CB    1 
ATOM   1171 C CG    . GLU A 1 154 ? 2.151   16.277  -0.436  1.00 23.47 ? 154  GLU A CG    1 
ATOM   1172 C CD    . GLU A 1 154 ? 2.745   17.397  -1.275  1.00 30.46 ? 154  GLU A CD    1 
ATOM   1173 O OE1   . GLU A 1 154 ? 3.313   18.330  -0.672  1.00 33.68 ? 154  GLU A OE1   1 
ATOM   1174 O OE2   . GLU A 1 154 ? 2.650   17.351  -2.519  1.00 32.34 ? 154  GLU A OE2   1 
ATOM   1175 N N     . THR A 1 155 ? -0.106  12.599  -2.074  1.00 16.11 ? 155  THR A N     1 
ATOM   1176 C CA    . THR A 1 155 ? -1.165  11.929  -2.819  1.00 15.75 ? 155  THR A CA    1 
ATOM   1177 C C     . THR A 1 155 ? -1.901  10.920  -1.929  1.00 15.18 ? 155  THR A C     1 
ATOM   1178 O O     . THR A 1 155 ? -3.133  10.826  -1.960  1.00 16.99 ? 155  THR A O     1 
ATOM   1179 C CB    . THR A 1 155 ? -0.584  11.251  -4.068  1.00 15.28 ? 155  THR A CB    1 
ATOM   1180 O OG1   . THR A 1 155 ? 0.087   12.244  -4.868  1.00 18.38 ? 155  THR A OG1   1 
ATOM   1181 C CG2   . THR A 1 155 ? -1.701  10.671  -4.924  1.00 17.14 ? 155  THR A CG2   1 
ATOM   1182 N N     . PHE A 1 156 ? -1.131  10.199  -1.124  1.00 15.30 ? 156  PHE A N     1 
ATOM   1183 C CA    . PHE A 1 156 ? -1.700  9.248   -0.176  1.00 15.40 ? 156  PHE A CA    1 
ATOM   1184 C C     . PHE A 1 156 ? -2.662  9.986   0.769   1.00 15.67 ? 156  PHE A C     1 
ATOM   1185 O O     . PHE A 1 156 ? -3.783  9.505   1.023   1.00 16.04 ? 156  PHE A O     1 
ATOM   1186 C CB    . PHE A 1 156 ? -0.556  8.602   0.621   1.00 14.16 ? 156  PHE A CB    1 
ATOM   1187 C CG    . PHE A 1 156 ? -0.999  7.892   1.873   1.00 16.74 ? 156  PHE A CG    1 
ATOM   1188 C CD1   . PHE A 1 156 ? -1.573  6.622   1.822   1.00 15.89 ? 156  PHE A CD1   1 
ATOM   1189 C CD2   . PHE A 1 156 ? -0.836  8.510   3.106   1.00 16.35 ? 156  PHE A CD2   1 
ATOM   1190 C CE1   . PHE A 1 156 ? -1.982  5.970   2.989   1.00 17.45 ? 156  PHE A CE1   1 
ATOM   1191 C CE2   . PHE A 1 156 ? -1.240  7.870   4.288   1.00 17.30 ? 156  PHE A CE2   1 
ATOM   1192 C CZ    . PHE A 1 156 ? -1.809  6.603   4.224   1.00 15.60 ? 156  PHE A CZ    1 
ATOM   1193 N N     . LEU A 1 157 ? -2.218  11.135  1.302   1.00 16.34 ? 157  LEU A N     1 
ATOM   1194 C CA    . LEU A 1 157 ? -3.052  11.899  2.229   1.00 17.76 ? 157  LEU A CA    1 
ATOM   1195 C C     . LEU A 1 157 ? -4.324  12.384  1.570   1.00 18.25 ? 157  LEU A C     1 
ATOM   1196 O O     . LEU A 1 157 ? -5.372  12.405  2.210   1.00 18.69 ? 157  LEU A O     1 
ATOM   1197 C CB    . LEU A 1 157 ? -2.254  13.069  2.828   1.00 17.02 ? 157  LEU A CB    1 
ATOM   1198 C CG    . LEU A 1 157 ? -1.121  12.621  3.778   1.00 20.12 ? 157  LEU A CG    1 
ATOM   1199 C CD1   . LEU A 1 157 ? -0.246  13.830  4.219   1.00 22.17 ? 157  LEU A CD1   1 
ATOM   1200 C CD2   . LEU A 1 157 ? -1.735  11.938  5.020   1.00 20.23 ? 157  LEU A CD2   1 
ATOM   1201 N N     . GLU A 1 158 ? -4.262  12.722  0.281   1.00 18.36 ? 158  GLU A N     1 
ATOM   1202 C CA    . GLU A 1 158 ? -5.465  13.165  -0.422  1.00 19.92 ? 158  GLU A CA    1 
ATOM   1203 C C     . GLU A 1 158 ? -6.457  12.002  -0.521  1.00 20.26 ? 158  GLU A C     1 
ATOM   1204 O O     . GLU A 1 158 ? -7.655  12.176  -0.325  1.00 19.99 ? 158  GLU A O     1 
ATOM   1205 C CB    . GLU A 1 158 ? -5.113  13.673  -1.818  1.00 24.94 ? 158  GLU A CB    1 
ATOM   1206 C CG    . GLU A 1 158 ? -6.281  14.326  -2.541  1.00 32.02 ? 158  GLU A CG    1 
ATOM   1207 C CD    . GLU A 1 158 ? -5.862  15.004  -3.835  1.00 38.51 ? 158  GLU A CD    1 
ATOM   1208 O OE1   . GLU A 1 158 ? -4.693  15.445  -3.919  1.00 40.43 ? 158  GLU A OE1   1 
ATOM   1209 O OE2   . GLU A 1 158 ? -6.709  15.107  -4.760  1.00 42.65 ? 158  GLU A OE2   1 
ATOM   1210 N N     . ALA A 1 159 ? -5.955  10.804  -0.816  1.00 18.21 ? 159  ALA A N     1 
ATOM   1211 C CA    . ALA A 1 159 ? -6.830  9.642   -0.915  1.00 19.33 ? 159  ALA A CA    1 
ATOM   1212 C C     . ALA A 1 159 ? -7.501  9.363   0.429   1.00 17.72 ? 159  ALA A C     1 
ATOM   1213 O O     . ALA A 1 159 ? -8.698  9.081   0.487   1.00 19.51 ? 159  ALA A O     1 
ATOM   1214 C CB    . ALA A 1 159 ? -6.019  8.403   -1.375  1.00 17.57 ? 159  ALA A CB    1 
ATOM   1215 N N     . VAL A 1 160 ? -6.739  9.447   1.522   1.00 17.36 ? 160  VAL A N     1 
ATOM   1216 C CA    . VAL A 1 160 ? -7.324  9.174   2.836   1.00 18.42 ? 160  VAL A CA    1 
ATOM   1217 C C     . VAL A 1 160 ? -8.387  10.219  3.172   1.00 19.55 ? 160  VAL A C     1 
ATOM   1218 O O     . VAL A 1 160 ? -9.441  9.884   3.721   1.00 20.62 ? 160  VAL A O     1 
ATOM   1219 C CB    . VAL A 1 160 ? -6.236  9.157   3.957   1.00 18.39 ? 160  VAL A CB    1 
ATOM   1220 C CG1   . VAL A 1 160 ? -6.876  9.015   5.341   1.00 24.15 ? 160  VAL A CG1   1 
ATOM   1221 C CG2   . VAL A 1 160 ? -5.251  8.018   3.704   1.00 20.99 ? 160  VAL A CG2   1 
ATOM   1222 N N     . LYS A 1 161 ? -8.123  11.471  2.819   1.00 20.44 ? 161  LYS A N     1 
ATOM   1223 C CA    . LYS A 1 161 ? -9.094  12.529  3.114   1.00 22.63 ? 161  LYS A CA    1 
ATOM   1224 C C     . LYS A 1 161 ? -10.391 12.428  2.340   1.00 24.02 ? 161  LYS A C     1 
ATOM   1225 O O     . LYS A 1 161 ? -11.457 12.781  2.864   1.00 25.67 ? 161  LYS A O     1 
ATOM   1226 C CB    . LYS A 1 161 ? -8.468  13.904  2.861   1.00 25.22 ? 161  LYS A CB    1 
ATOM   1227 C CG    . LYS A 1 161 ? -7.374  14.245  3.840   1.00 31.83 ? 161  LYS A CG    1 
ATOM   1228 C CD    . LYS A 1 161 ? -6.733  15.570  3.511   1.00 36.59 ? 161  LYS A CD    1 
ATOM   1229 C CE    . LYS A 1 161 ? -5.513  15.825  4.367   1.00 40.43 ? 161  LYS A CE    1 
ATOM   1230 N NZ    . LYS A 1 161 ? -4.861  17.105  3.968   1.00 43.98 ? 161  LYS A NZ    1 
ATOM   1231 N N     . ASN A 1 162 ? -10.312 11.943  1.106   1.00 20.83 ? 162  ASN A N     1 
ATOM   1232 C CA    . ASN A 1 162 ? -11.480 11.820  0.240   1.00 24.02 ? 162  ASN A CA    1 
ATOM   1233 C C     . ASN A 1 162 ? -12.264 10.524  0.434   1.00 23.20 ? 162  ASN A C     1 
ATOM   1234 O O     . ASN A 1 162 ? -13.435 10.436  0.079   1.00 25.80 ? 162  ASN A O     1 
ATOM   1235 C CB    . ASN A 1 162 ? -11.054 11.938  -1.225  1.00 23.39 ? 162  ASN A CB    1 
ATOM   1236 C CG    . ASN A 1 162 ? -10.507 13.315  -1.580  1.00 28.11 ? 162  ASN A CG    1 
ATOM   1237 O OD1   . ASN A 1 162 ? -9.824  13.480  -2.596  1.00 31.87 ? 162  ASN A OD1   1 
ATOM   1238 N ND2   . ASN A 1 162 ? -10.810 14.306  -0.753  1.00 28.87 ? 162  ASN A ND2   1 
ATOM   1239 N N     . PHE A 1 163 ? -11.613 9.514   0.989   1.00 23.17 ? 163  PHE A N     1 
ATOM   1240 C CA    . PHE A 1 163 ? -12.245 8.231   1.204   1.00 24.41 ? 163  PHE A CA    1 
ATOM   1241 C C     . PHE A 1 163 ? -13.465 8.364   2.104   1.00 26.95 ? 163  PHE A C     1 
ATOM   1242 O O     . PHE A 1 163 ? -13.435 9.084   3.100   1.00 26.41 ? 163  PHE A O     1 
ATOM   1243 C CB    . PHE A 1 163 ? -11.226 7.283   1.835   1.00 24.40 ? 163  PHE A CB    1 
ATOM   1244 C CG    . PHE A 1 163 ? -11.820 6.007   2.361   1.00 25.31 ? 163  PHE A CG    1 
ATOM   1245 C CD1   . PHE A 1 163 ? -12.315 5.034   1.495   1.00 25.79 ? 163  PHE A CD1   1 
ATOM   1246 C CD2   . PHE A 1 163 ? -11.890 5.787   3.730   1.00 28.82 ? 163  PHE A CD2   1 
ATOM   1247 C CE1   . PHE A 1 163 ? -12.878 3.850   2.004   1.00 23.69 ? 163  PHE A CE1   1 
ATOM   1248 C CE2   . PHE A 1 163 ? -12.449 4.612   4.241   1.00 30.93 ? 163  PHE A CE2   1 
ATOM   1249 C CZ    . PHE A 1 163 ? -12.941 3.648   3.369   1.00 27.54 ? 163  PHE A CZ    1 
ATOM   1250 N N     . LYS A 1 164 ? -14.538 7.673   1.733   1.00 30.00 ? 164  LYS A N     1 
ATOM   1251 C CA    . LYS A 1 164 ? -15.761 7.666   2.527   1.00 33.79 ? 164  LYS A CA    1 
ATOM   1252 C C     . LYS A 1 164 ? -16.042 6.204   2.859   1.00 34.05 ? 164  LYS A C     1 
ATOM   1253 O O     . LYS A 1 164 ? -16.123 5.357   1.966   1.00 36.55 ? 164  LYS A O     1 
ATOM   1254 C CB    . LYS A 1 164 ? -16.937 8.248   1.741   1.00 35.91 ? 164  LYS A CB    1 
ATOM   1255 C CG    . LYS A 1 164 ? -16.767 9.705   1.331   1.00 40.29 ? 164  LYS A CG    1 
ATOM   1256 C CD    . LYS A 1 164 ? -17.899 10.127  0.413   1.00 45.08 ? 164  LYS A CD    1 
ATOM   1257 C CE    . LYS A 1 164 ? -17.598 11.445  -0.280  1.00 47.80 ? 164  LYS A CE    1 
ATOM   1258 N NZ    . LYS A 1 164 ? -18.680 11.789  -1.262  1.00 49.11 ? 164  LYS A NZ    1 
ATOM   1259 N N     . GLY A 1 165 ? -16.166 5.911   4.144   1.00 37.15 ? 165  GLY A N     1 
ATOM   1260 C CA    . GLY A 1 165 ? -16.441 4.548   4.564   1.00 36.23 ? 165  GLY A CA    1 
ATOM   1261 C C     . GLY A 1 165 ? -16.746 4.499   6.046   1.00 36.39 ? 165  GLY A C     1 
ATOM   1262 O O     . GLY A 1 165 ? -16.504 5.470   6.771   1.00 37.68 ? 165  GLY A O     1 
ATOM   1263 N N     . SER A 1 166 ? -17.281 3.373   6.501   1.00 34.83 ? 166  SER A N     1 
ATOM   1264 C CA    . SER A 1 166 ? -17.610 3.209   7.907   1.00 34.32 ? 166  SER A CA    1 
ATOM   1265 C C     . SER A 1 166 ? -16.843 2.065   8.552   1.00 31.36 ? 166  SER A C     1 
ATOM   1266 O O     . SER A 1 166 ? -16.617 2.068   9.756   1.00 34.00 ? 166  SER A O     1 
ATOM   1267 C CB    . SER A 1 166 ? -19.115 2.952   8.073   1.00 34.58 ? 166  SER A CB    1 
ATOM   1268 O OG    . SER A 1 166 ? -19.867 3.959   7.429   1.00 41.76 ? 166  SER A OG    1 
ATOM   1269 N N     . ALA A 1 167 ? -16.422 1.085   7.755   1.00 26.68 ? 167  ALA A N     1 
ATOM   1270 C CA    . ALA A 1 167 ? -15.730 -0.070  8.301   1.00 25.26 ? 167  ALA A CA    1 
ATOM   1271 C C     . ALA A 1 167 ? -14.256 0.175   8.583   1.00 22.50 ? 167  ALA A C     1 
ATOM   1272 O O     . ALA A 1 167 ? -13.711 -0.317  9.568   1.00 22.19 ? 167  ALA A O     1 
ATOM   1273 C CB    . ALA A 1 167 ? -15.882 -1.250  7.360   1.00 25.78 ? 167  ALA A CB    1 
ATOM   1274 N N     . VAL A 1 168 ? -13.612 0.938   7.705   1.00 22.46 ? 168  VAL A N     1 
ATOM   1275 C CA    . VAL A 1 168 ? -12.199 1.226   7.898   1.00 22.07 ? 168  VAL A CA    1 
ATOM   1276 C C     . VAL A 1 168 ? -12.033 2.244   9.005   1.00 21.04 ? 168  VAL A C     1 
ATOM   1277 O O     . VAL A 1 168 ? -12.557 3.353   8.920   1.00 24.58 ? 168  VAL A O     1 
ATOM   1278 C CB    . VAL A 1 168 ? -11.574 1.759   6.609   1.00 21.57 ? 168  VAL A CB    1 
ATOM   1279 C CG1   . VAL A 1 168 ? -10.094 2.096   6.847   1.00 18.92 ? 168  VAL A CG1   1 
ATOM   1280 C CG2   . VAL A 1 168 ? -11.736 0.723   5.494   1.00 21.85 ? 168  VAL A CG2   1 
ATOM   1281 N N     . LYS A 1 169 ? -11.258 1.860   10.005  1.00 19.63 ? 169  LYS A N     1 
ATOM   1282 C CA    . LYS A 1 169 ? -11.030 2.699   11.171  1.00 22.38 ? 169  LYS A CA    1 
ATOM   1283 C C     . LYS A 1 169 ? -9.584  3.094   11.426  1.00 22.19 ? 169  LYS A C     1 
ATOM   1284 O O     . LYS A 1 169 ? -9.334  4.071   12.116  1.00 23.25 ? 169  LYS A O     1 
ATOM   1285 C CB    . LYS A 1 169 ? -11.567 1.989   12.424  1.00 26.81 ? 169  LYS A CB    1 
ATOM   1286 C CG    . LYS A 1 169 ? -13.036 1.583   12.353  1.00 32.04 ? 169  LYS A CG    1 
ATOM   1287 C CD    . LYS A 1 169 ? -13.945 2.778   12.145  1.00 34.34 ? 169  LYS A CD    1 
ATOM   1288 C CE    . LYS A 1 169 ? -15.413 2.373   12.271  1.00 40.10 ? 169  LYS A CE    1 
ATOM   1289 N NZ    . LYS A 1 169 ? -16.316 3.552   12.071  1.00 41.55 ? 169  LYS A NZ    1 
ATOM   1290 N N     . GLU A 1 170 ? -8.635  2.329   10.895  1.00 20.02 ? 170  GLU A N     1 
ATOM   1291 C CA    . GLU A 1 170 ? -7.221  2.614   11.122  1.00 20.10 ? 170  GLU A CA    1 
ATOM   1292 C C     . GLU A 1 170 ? -6.470  2.463   9.806   1.00 19.03 ? 170  GLU A C     1 
ATOM   1293 O O     . GLU A 1 170 ? -6.591  1.435   9.129   1.00 18.62 ? 170  GLU A O     1 
ATOM   1294 C CB    . GLU A 1 170 ? -6.601  1.631   12.120  1.00 22.15 ? 170  GLU A CB    1 
ATOM   1295 C CG    . GLU A 1 170 ? -7.327  1.507   13.464  1.00 30.50 ? 170  GLU A CG    1 
ATOM   1296 C CD    . GLU A 1 170 ? -6.934  0.237   14.206  1.00 36.42 ? 170  GLU A CD    1 
ATOM   1297 O OE1   . GLU A 1 170 ? -5.770  0.138   14.644  1.00 42.68 ? 170  GLU A OE1   1 
ATOM   1298 O OE2   . GLU A 1 170 ? -7.785  -0.673  14.347  1.00 41.78 ? 170  GLU A OE2   1 
ATOM   1299 N N     . VAL A 1 171 ? -5.704  3.492   9.460   1.00 17.50 ? 171  VAL A N     1 
ATOM   1300 C CA    . VAL A 1 171 ? -4.888  3.485   8.245   1.00 16.07 ? 171  VAL A CA    1 
ATOM   1301 C C     . VAL A 1 171 ? -3.489  3.912   8.629   1.00 17.40 ? 171  VAL A C     1 
ATOM   1302 O O     . VAL A 1 171 ? -3.303  4.820   9.445   1.00 18.06 ? 171  VAL A O     1 
ATOM   1303 C CB    . VAL A 1 171 ? -5.460  4.460   7.191   1.00 16.27 ? 171  VAL A CB    1 
ATOM   1304 C CG1   . VAL A 1 171 ? -4.535  4.485   5.904   1.00 15.50 ? 171  VAL A CG1   1 
ATOM   1305 C CG2   . VAL A 1 171 ? -6.876  4.038   6.825   1.00 17.42 ? 171  VAL A CG2   1 
ATOM   1306 N N     . ALA A 1 172 ? -2.481  3.249   8.091   1.00 15.94 ? 172  ALA A N     1 
ATOM   1307 C CA    . ALA A 1 172 ? -1.116  3.628   8.403   1.00 15.79 ? 172  ALA A CA    1 
ATOM   1308 C C     . ALA A 1 172 ? -0.311  3.670   7.123   1.00 15.18 ? 172  ALA A C     1 
ATOM   1309 O O     . ALA A 1 172 ? -0.609  2.954   6.159   1.00 16.09 ? 172  ALA A O     1 
ATOM   1310 C CB    . ALA A 1 172 ? -0.486  2.620   9.368   1.00 17.53 ? 172  ALA A CB    1 
ATOM   1311 N N     . LEU A 1 173 ? 0.672   4.562   7.103   1.00 14.27 ? 173  LEU A N     1 
ATOM   1312 C CA    . LEU A 1 173 ? 1.631   4.649   6.021   1.00 13.76 ? 173  LEU A CA    1 
ATOM   1313 C C     . LEU A 1 173 ? 2.920   4.211   6.687   1.00 14.81 ? 173  LEU A C     1 
ATOM   1314 O O     . LEU A 1 173 ? 3.335   4.798   7.710   1.00 16.01 ? 173  LEU A O     1 
ATOM   1315 C CB    . LEU A 1 173 ? 1.765   6.069   5.473   1.00 14.05 ? 173  LEU A CB    1 
ATOM   1316 C CG    . LEU A 1 173 ? 2.872   6.212   4.422   1.00 15.00 ? 173  LEU A CG    1 
ATOM   1317 C CD1   . LEU A 1 173 ? 2.503   5.393   3.167   1.00 17.41 ? 173  LEU A CD1   1 
ATOM   1318 C CD2   . LEU A 1 173 ? 3.044   7.691   4.012   1.00 16.02 ? 173  LEU A CD2   1 
ATOM   1319 N N     . VAL A 1 174 ? 3.554   3.170   6.160   1.00 14.87 ? 174  VAL A N     1 
ATOM   1320 C CA    . VAL A 1 174 ? 4.787   2.634   6.736   1.00 14.64 ? 174  VAL A CA    1 
ATOM   1321 C C     . VAL A 1 174 ? 5.940   2.944   5.792   1.00 18.28 ? 174  VAL A C     1 
ATOM   1322 O O     . VAL A 1 174 ? 5.941   2.489   4.650   1.00 16.65 ? 174  VAL A O     1 
ATOM   1323 C CB    . VAL A 1 174 ? 4.676   1.103   6.951   1.00 16.52 ? 174  VAL A CB    1 
ATOM   1324 C CG1   . VAL A 1 174 ? 5.938   0.551   7.652   1.00 17.66 ? 174  VAL A CG1   1 
ATOM   1325 C CG2   . VAL A 1 174 ? 3.442   0.804   7.756   1.00 16.76 ? 174  VAL A CG2   1 
ATOM   1326 N N     . ILE A 1 175 ? 6.915   3.706   6.291   1.00 19.92 ? 175  ILE A N     1 
ATOM   1327 C CA    . ILE A 1 175 ? 8.080   4.113   5.510   1.00 19.00 ? 175  ILE A CA    1 
ATOM   1328 C C     . ILE A 1 175 ? 9.268   3.313   6.017   1.00 19.95 ? 175  ILE A C     1 
ATOM   1329 O O     . ILE A 1 175 ? 9.484   3.181   7.229   1.00 20.06 ? 175  ILE A O     1 
ATOM   1330 C CB    . ILE A 1 175 ? 8.323   5.633   5.659   1.00 20.91 ? 175  ILE A CB    1 
ATOM   1331 C CG1   . ILE A 1 175 ? 7.104   6.429   5.172   1.00 20.82 ? 175  ILE A CG1   1 
ATOM   1332 C CG2   . ILE A 1 175 ? 9.585   6.030   4.909   1.00 21.74 ? 175  ILE A CG2   1 
ATOM   1333 C CD1   . ILE A 1 175 ? 6.719   6.243   3.722   1.00 22.06 ? 175  ILE A CD1   1 
ATOM   1334 N N     . TYR A 1 176 ? 10.051  2.801   5.080   1.00 23.03 ? 176  TYR A N     1 
ATOM   1335 C CA    . TYR A 1 176 ? 11.170  1.917   5.387   1.00 24.35 ? 176  TYR A CA    1 
ATOM   1336 C C     . TYR A 1 176 ? 12.471  2.487   5.927   1.00 26.00 ? 176  TYR A C     1 
ATOM   1337 O O     . TYR A 1 176 ? 12.934  2.085   6.995   1.00 28.27 ? 176  TYR A O     1 
ATOM   1338 C CB    . TYR A 1 176 ? 11.483  1.105   4.145   1.00 24.61 ? 176  TYR A CB    1 
ATOM   1339 C CG    . TYR A 1 176 ? 12.179  -0.197  4.398   1.00 27.42 ? 176  TYR A CG    1 
ATOM   1340 C CD1   . TYR A 1 176 ? 11.721  -1.073  5.380   1.00 27.57 ? 176  TYR A CD1   1 
ATOM   1341 C CD2   . TYR A 1 176 ? 13.262  -0.592  3.609   1.00 29.84 ? 176  TYR A CD2   1 
ATOM   1342 C CE1   . TYR A 1 176 ? 12.314  -2.311  5.571   1.00 29.87 ? 176  TYR A CE1   1 
ATOM   1343 C CE2   . TYR A 1 176 ? 13.865  -1.832  3.794   1.00 33.06 ? 176  TYR A CE2   1 
ATOM   1344 C CZ    . TYR A 1 176 ? 13.383  -2.687  4.778   1.00 33.00 ? 176  TYR A CZ    1 
ATOM   1345 O OH    . TYR A 1 176 ? 13.966  -3.919  4.951   1.00 35.88 ? 176  TYR A OH    1 
ATOM   1346 N N     . ASP A 1 177 ? 13.078  3.384   5.176   1.00 28.39 ? 177  ASP A N     1 
ATOM   1347 C CA    . ASP A 1 177 ? 14.350  3.931   5.619   1.00 30.26 ? 177  ASP A CA    1 
ATOM   1348 C C     . ASP A 1 177 ? 14.163  5.222   6.391   1.00 29.96 ? 177  ASP A C     1 
ATOM   1349 O O     . ASP A 1 177 ? 13.180  5.941   6.205   1.00 27.41 ? 177  ASP A O     1 
ATOM   1350 C CB    . ASP A 1 177 ? 15.296  4.116   4.426   1.00 35.53 ? 177  ASP A CB    1 
ATOM   1351 C CG    . ASP A 1 177 ? 14.973  5.332   3.593   1.00 39.31 ? 177  ASP A CG    1 
ATOM   1352 O OD1   . ASP A 1 177 ? 15.370  6.446   3.992   1.00 40.61 ? 177  ASP A OD1   1 
ATOM   1353 O OD2   . ASP A 1 177 ? 14.324  5.173   2.535   1.00 44.30 ? 177  ASP A OD2   1 
ATOM   1354 N N     . ARG A 1 178 ? 15.123  5.490   7.272   1.00 31.28 ? 178  ARG A N     1 
ATOM   1355 C CA    . ARG A 1 178 ? 15.112  6.672   8.131   1.00 33.63 ? 178  ARG A CA    1 
ATOM   1356 C C     . ARG A 1 178 ? 14.999  8.020   7.425   1.00 32.05 ? 178  ARG A C     1 
ATOM   1357 O O     . ARG A 1 178 ? 14.201  8.869   7.826   1.00 31.17 ? 178  ARG A O     1 
ATOM   1358 C CB    . ARG A 1 178 ? 16.367  6.680   9.006   1.00 37.16 ? 178  ARG A CB    1 
ATOM   1359 C CG    . ARG A 1 178 ? 16.445  7.886   9.936   1.00 43.16 ? 178  ARG A CG    1 
ATOM   1360 C CD    . ARG A 1 178 ? 17.790  7.976   10.645  1.00 49.16 ? 178  ARG A CD    1 
ATOM   1361 N NE    . ARG A 1 178 ? 17.894  9.192   11.453  1.00 54.74 ? 178  ARG A NE    1 
ATOM   1362 C CZ    . ARG A 1 178 ? 18.994  9.569   12.097  1.00 57.50 ? 178  ARG A CZ    1 
ATOM   1363 N NH1   . ARG A 1 178 ? 19.000  10.691  12.809  1.00 58.35 ? 178  ARG A NH1   1 
ATOM   1364 N NH2   . ARG A 1 178 ? 20.092  8.823   12.025  1.00 58.42 ? 178  ARG A NH2   1 
ATOM   1365 N N     . LYS A 1 179 ? 15.815  8.224   6.396   1.00 31.75 ? 179  LYS A N     1 
ATOM   1366 C CA    . LYS A 1 179 ? 15.807  9.470   5.639   1.00 32.58 ? 179  LYS A CA    1 
ATOM   1367 C C     . LYS A 1 179 ? 14.402  9.734   5.097   1.00 31.06 ? 179  LYS A C     1 
ATOM   1368 O O     . LYS A 1 179 ? 13.838  10.817  5.281   1.00 30.02 ? 179  LYS A O     1 
ATOM   1369 C CB    . LYS A 1 179 ? 16.816  9.376   4.484   1.00 35.95 ? 179  LYS A CB    1 
ATOM   1370 C CG    . LYS A 1 179 ? 17.082  10.684  3.749   1.00 42.66 ? 179  LYS A CG    1 
ATOM   1371 C CD    . LYS A 1 179 ? 18.214  10.514  2.733   1.00 46.89 ? 179  LYS A CD    1 
ATOM   1372 C CE    . LYS A 1 179 ? 18.527  11.821  2.012   1.00 50.49 ? 179  LYS A CE    1 
ATOM   1373 N NZ    . LYS A 1 179 ? 19.619  11.658  1.009   1.00 52.88 ? 179  LYS A NZ    1 
ATOM   1374 N N     . SER A 1 180 ? 13.836  8.725   4.440   1.00 29.03 ? 180  SER A N     1 
ATOM   1375 C CA    . SER A 1 180 ? 12.503  8.843   3.859   1.00 26.52 ? 180  SER A CA    1 
ATOM   1376 C C     . SER A 1 180 ? 11.425  9.113   4.903   1.00 24.03 ? 180  SER A C     1 
ATOM   1377 O O     . SER A 1 180 ? 10.494  9.869   4.652   1.00 22.02 ? 180  SER A O     1 
ATOM   1378 C CB    . SER A 1 180 ? 12.150  7.563   3.109   1.00 26.19 ? 180  SER A CB    1 
ATOM   1379 O OG    . SER A 1 180 ? 13.066  7.319   2.054   1.00 30.36 ? 180  SER A OG    1 
ATOM   1380 N N     . ALA A 1 181 ? 11.537  8.477   6.064   1.00 23.26 ? 181  ALA A N     1 
ATOM   1381 C CA    . ALA A 1 181 ? 10.534  8.670   7.100   1.00 23.63 ? 181  ALA A CA    1 
ATOM   1382 C C     . ALA A 1 181 ? 10.503  10.126  7.559   1.00 25.91 ? 181  ALA A C     1 
ATOM   1383 O O     . ALA A 1 181 ? 9.437   10.665  7.846   1.00 23.55 ? 181  ALA A O     1 
ATOM   1384 C CB    . ALA A 1 181 ? 10.783  7.712   8.289   1.00 25.53 ? 181  ALA A CB    1 
ATOM   1385 N N     . GLU A 1 182 ? 11.672  10.762  7.602   1.00 29.56 ? 182  GLU A N     1 
ATOM   1386 C CA    . GLU A 1 182 ? 11.747  12.170  7.998   1.00 29.97 ? 182  GLU A CA    1 
ATOM   1387 C C     . GLU A 1 182 ? 11.033  13.048  6.971   1.00 28.61 ? 182  GLU A C     1 
ATOM   1388 O O     . GLU A 1 182 ? 10.332  13.982  7.341   1.00 26.96 ? 182  GLU A O     1 
ATOM   1389 C CB    . GLU A 1 182 ? 13.210  12.612  8.151   1.00 33.61 ? 182  GLU A CB    1 
ATOM   1390 C CG    . GLU A 1 182 ? 13.926  11.932  9.313   1.00 39.00 ? 182  GLU A CG    1 
ATOM   1391 C CD    . GLU A 1 182 ? 15.408  12.274  9.400   1.00 43.94 ? 182  GLU A CD    1 
ATOM   1392 O OE1   . GLU A 1 182 ? 16.079  11.736  10.308  1.00 46.32 ? 182  GLU A OE1   1 
ATOM   1393 O OE2   . GLU A 1 182 ? 15.904  13.070  8.571   1.00 46.01 ? 182  GLU A OE2   1 
ATOM   1394 N N     . VAL A 1 183 ? 11.213  12.749  5.683   1.00 25.12 ? 183  VAL A N     1 
ATOM   1395 C CA    . VAL A 1 183 ? 10.535  13.494  4.633   1.00 24.70 ? 183  VAL A CA    1 
ATOM   1396 C C     . VAL A 1 183 ? 9.017   13.321  4.797   1.00 24.34 ? 183  VAL A C     1 
ATOM   1397 O O     . VAL A 1 183 ? 8.259   14.290  4.760   1.00 24.37 ? 183  VAL A O     1 
ATOM   1398 C CB    . VAL A 1 183 ? 10.962  12.994  3.241   1.00 25.21 ? 183  VAL A CB    1 
ATOM   1399 C CG1   . VAL A 1 183 ? 10.052  13.590  2.177   1.00 25.60 ? 183  VAL A CG1   1 
ATOM   1400 C CG2   . VAL A 1 183 ? 12.425  13.369  2.970   1.00 28.72 ? 183  VAL A CG2   1 
ATOM   1401 N N     . ALA A 1 184 ? 8.566   12.081  4.974   1.00 20.57 ? 184  ALA A N     1 
ATOM   1402 C CA    . ALA A 1 184 ? 7.146   11.836  5.139   1.00 21.69 ? 184  ALA A CA    1 
ATOM   1403 C C     . ALA A 1 184 ? 6.575   12.572  6.342   1.00 20.69 ? 184  ALA A C     1 
ATOM   1404 O O     . ALA A 1 184 ? 5.476   13.107  6.279   1.00 21.04 ? 184  ALA A O     1 
ATOM   1405 C CB    . ALA A 1 184 ? 6.890   10.337  5.290   1.00 20.38 ? 184  ALA A CB    1 
ATOM   1406 N N     . LEU A 1 185 ? 7.325   12.576  7.442   1.00 23.00 ? 185  LEU A N     1 
ATOM   1407 C CA    . LEU A 1 185 ? 6.852   13.243  8.651   1.00 22.37 ? 185  LEU A CA    1 
ATOM   1408 C C     . LEU A 1 185 ? 6.585   14.734  8.406   1.00 25.67 ? 185  LEU A C     1 
ATOM   1409 O O     . LEU A 1 185 ? 5.576   15.282  8.858   1.00 23.82 ? 185  LEU A O     1 
ATOM   1410 C CB    . LEU A 1 185 ? 7.880   13.065  9.769   1.00 24.50 ? 185  LEU A CB    1 
ATOM   1411 C CG    . LEU A 1 185 ? 7.550   13.785  11.076  1.00 24.14 ? 185  LEU A CG    1 
ATOM   1412 C CD1   . LEU A 1 185 ? 6.220   13.307  11.669  1.00 25.09 ? 185  LEU A CD1   1 
ATOM   1413 C CD2   . LEU A 1 185 ? 8.705   13.520  12.039  1.00 24.71 ? 185  LEU A CD2   1 
ATOM   1414 N N     . LYS A 1 186 ? 7.480   15.382  7.666   1.00 26.84 ? 186  LYS A N     1 
ATOM   1415 C CA    . LYS A 1 186 ? 7.295   16.792  7.385   1.00 29.26 ? 186  LYS A CA    1 
ATOM   1416 C C     . LYS A 1 186 ? 6.021   17.011  6.583   1.00 28.85 ? 186  LYS A C     1 
ATOM   1417 O O     . LYS A 1 186 ? 5.288   17.965  6.811   1.00 28.30 ? 186  LYS A O     1 
ATOM   1418 C CB    . LYS A 1 186 ? 8.522   17.343  6.658   1.00 31.61 ? 186  LYS A CB    1 
ATOM   1419 C CG    . LYS A 1 186 ? 9.751   17.377  7.555   1.00 36.66 ? 186  LYS A CG    1 
ATOM   1420 C CD    . LYS A 1 186 ? 10.892  18.171  6.943   1.00 40.10 ? 186  LYS A CD    1 
ATOM   1421 C CE    . LYS A 1 186 ? 12.047  18.300  7.930   1.00 43.40 ? 186  LYS A CE    1 
ATOM   1422 N NZ    . LYS A 1 186 ? 13.031  19.329  7.492   1.00 46.60 ? 186  LYS A NZ    1 
ATOM   1423 N N     . VAL A 1 187 ? 5.724   16.094  5.665   1.00 27.12 ? 187  VAL A N     1 
ATOM   1424 C CA    . VAL A 1 187 ? 4.524   16.238  4.865   1.00 25.64 ? 187  VAL A CA    1 
ATOM   1425 C C     . VAL A 1 187 ? 3.281   16.096  5.737   1.00 25.35 ? 187  VAL A C     1 
ATOM   1426 O O     . VAL A 1 187 ? 2.334   16.853  5.589   1.00 25.32 ? 187  VAL A O     1 
ATOM   1427 C CB    . VAL A 1 187 ? 4.502   15.199  3.689   1.00 24.97 ? 187  VAL A CB    1 
ATOM   1428 C CG1   . VAL A 1 187 ? 3.217   15.354  2.893   1.00 26.37 ? 187  VAL A CG1   1 
ATOM   1429 C CG2   . VAL A 1 187 ? 5.740   15.392  2.784   1.00 25.19 ? 187  VAL A CG2   1 
ATOM   1430 N N     . PHE A 1 188 ? 3.283   15.121  6.652   1.00 23.96 ? 188  PHE A N     1 
ATOM   1431 C CA    . PHE A 1 188 ? 2.160   14.904  7.559   1.00 25.33 ? 188  PHE A CA    1 
ATOM   1432 C C     . PHE A 1 188 ? 1.947   16.152  8.414   1.00 27.49 ? 188  PHE A C     1 
ATOM   1433 O O     . PHE A 1 188 ? 0.818   16.622  8.563   1.00 26.75 ? 188  PHE A O     1 
ATOM   1434 C CB    . PHE A 1 188 ? 2.445   13.705  8.480   1.00 25.45 ? 188  PHE A CB    1 
ATOM   1435 C CG    . PHE A 1 188 ? 1.921   12.387  7.967   1.00 21.75 ? 188  PHE A CG    1 
ATOM   1436 C CD1   . PHE A 1 188 ? 0.917   11.709  8.650   1.00 21.11 ? 188  PHE A CD1   1 
ATOM   1437 C CD2   . PHE A 1 188 ? 2.429   11.824  6.796   1.00 21.88 ? 188  PHE A CD2   1 
ATOM   1438 C CE1   . PHE A 1 188 ? 0.419   10.489  8.181   1.00 19.72 ? 188  PHE A CE1   1 
ATOM   1439 C CE2   . PHE A 1 188 ? 1.933   10.602  6.324   1.00 20.45 ? 188  PHE A CE2   1 
ATOM   1440 C CZ    . PHE A 1 188 ? 0.931   9.939   7.015   1.00 21.40 ? 188  PHE A CZ    1 
ATOM   1441 N N     . GLU A 1 189 ? 3.033   16.677  8.970   1.00 29.82 ? 189  GLU A N     1 
ATOM   1442 C CA    . GLU A 1 189 ? 2.927   17.858  9.822   1.00 34.50 ? 189  GLU A CA    1 
ATOM   1443 C C     . GLU A 1 189 ? 2.364   19.088  9.117   1.00 36.71 ? 189  GLU A C     1 
ATOM   1444 O O     . GLU A 1 189 ? 1.513   19.781  9.680   1.00 36.87 ? 189  GLU A O     1 
ATOM   1445 C CB    . GLU A 1 189 ? 4.289   18.167  10.458  1.00 34.80 ? 189  GLU A CB    1 
ATOM   1446 C CG    . GLU A 1 189 ? 4.754   17.034  11.368  1.00 38.63 ? 189  GLU A CG    1 
ATOM   1447 C CD    . GLU A 1 189 ? 6.133   17.242  11.963  1.00 41.33 ? 189  GLU A CD    1 
ATOM   1448 O OE1   . GLU A 1 189 ? 7.023   17.756  11.249  1.00 41.88 ? 189  GLU A OE1   1 
ATOM   1449 O OE2   . GLU A 1 189 ? 6.331   16.865  13.145  1.00 44.14 ? 189  GLU A OE2   1 
ATOM   1450 N N     . ARG A 1 190 ? 2.799   19.360  7.889   1.00 37.90 ? 190  ARG A N     1 
ATOM   1451 C CA    . ARG A 1 190 ? 2.292   20.539  7.199   1.00 41.54 ? 190  ARG A CA    1 
ATOM   1452 C C     . ARG A 1 190 ? 0.921   20.337  6.578   1.00 42.98 ? 190  ARG A C     1 
ATOM   1453 O O     . ARG A 1 190 ? 0.196   21.300  6.338   1.00 43.81 ? 190  ARG A O     1 
ATOM   1454 C CB    . ARG A 1 190 ? 3.277   21.021  6.129   1.00 44.19 ? 190  ARG A CB    1 
ATOM   1455 C CG    . ARG A 1 190 ? 3.368   20.162  4.882   1.00 46.86 ? 190  ARG A CG    1 
ATOM   1456 C CD    . ARG A 1 190 ? 3.995   20.974  3.753   1.00 50.14 ? 190  ARG A CD    1 
ATOM   1457 N NE    . ARG A 1 190 ? 4.201   20.199  2.533   1.00 52.32 ? 190  ARG A NE    1 
ATOM   1458 C CZ    . ARG A 1 190 ? 5.230   19.384  2.323   1.00 53.50 ? 190  ARG A CZ    1 
ATOM   1459 N NH1   . ARG A 1 190 ? 5.325   18.724  1.176   1.00 52.44 ? 190  ARG A NH1   1 
ATOM   1460 N NH2   . ARG A 1 190 ? 6.169   19.234  3.252   1.00 54.25 ? 190  ARG A NH2   1 
ATOM   1461 N N     . SER A 1 191 ? 0.548   19.090  6.314   1.00 44.43 ? 191  SER A N     1 
ATOM   1462 C CA    . SER A 1 191 ? -0.756  18.842  5.722   1.00 46.05 ? 191  SER A CA    1 
ATOM   1463 C C     . SER A 1 191 ? -1.838  18.906  6.789   1.00 46.79 ? 191  SER A C     1 
ATOM   1464 O O     . SER A 1 191 ? -2.939  19.392  6.540   1.00 49.16 ? 191  SER A O     1 
ATOM   1465 C CB    . SER A 1 191 ? -0.764  17.490  5.015   1.00 46.29 ? 191  SER A CB    1 
ATOM   1466 O OG    . SER A 1 191 ? 0.203   17.497  3.978   1.00 47.81 ? 191  SER A OG    1 
ATOM   1467 N N     . LEU A 1 192 ? -1.524  18.421  7.983   1.00 48.02 ? 192  LEU A N     1 
ATOM   1468 C CA    . LEU A 1 192 ? -2.484  18.471  9.073   1.00 49.71 ? 192  LEU A CA    1 
ATOM   1469 C C     . LEU A 1 192 ? -2.062  19.636  9.968   1.00 50.83 ? 192  LEU A C     1 
ATOM   1470 O O     . LEU A 1 192 ? -0.876  20.018  9.918   1.00 49.06 ? 192  LEU A O     1 
ATOM   1471 C CB    . LEU A 1 192 ? -2.464  17.150  9.852   1.00 51.03 ? 192  LEU A CB    1 
ATOM   1472 C CG    . LEU A 1 192 ? -2.595  15.864  9.023   1.00 54.23 ? 192  LEU A CG    1 
ATOM   1473 C CD1   . LEU A 1 192 ? -2.552  14.661  9.947   1.00 56.91 ? 192  LEU A CD1   1 
ATOM   1474 C CD2   . LEU A 1 192 ? -3.898  15.869  8.231   1.00 56.35 ? 192  LEU A CD2   1 
ATOM   1475 O OXT   . LEU A 1 192 ? -2.900  20.176  10.709  1.00 49.56 ? 192  LEU A OXT   1 
HETATM 1476 N N1    . AR6 B 2 .   ? 8.318   -2.172  4.251   1.00 16.54 ? 1193 AR6 A N1    1 
HETATM 1477 C C2    . AR6 B 2 .   ? 7.907   -0.889  3.915   1.00 16.99 ? 1193 AR6 A C2    1 
HETATM 1478 N N3    . AR6 B 2 .   ? 8.453   -0.253  2.857   1.00 16.33 ? 1193 AR6 A N3    1 
HETATM 1479 C C4    . AR6 B 2 .   ? 9.417   -0.869  2.113   1.00 16.78 ? 1193 AR6 A C4    1 
HETATM 1480 C C5    . AR6 B 2 .   ? 9.859   -2.136  2.409   1.00 15.53 ? 1193 AR6 A C5    1 
HETATM 1481 C C6    . AR6 B 2 .   ? 9.289   -2.843  3.529   1.00 16.62 ? 1193 AR6 A C6    1 
HETATM 1482 N N6    . AR6 B 2 .   ? 9.656   -4.049  3.859   1.00 18.74 ? 1193 AR6 A N6    1 
HETATM 1483 N N7    . AR6 B 2 .   ? 10.816  -2.447  1.483   1.00 18.50 ? 1193 AR6 A N7    1 
HETATM 1484 C C8    . AR6 B 2 .   ? 10.888  -1.369  0.690   1.00 19.82 ? 1193 AR6 A C8    1 
HETATM 1485 N N9    . AR6 B 2 .   ? 10.040  -0.346  1.027   1.00 18.73 ? 1193 AR6 A N9    1 
HETATM 1486 P PA    . AR6 B 2 .   ? 9.252   -0.151  -4.357  1.00 16.30 ? 1193 AR6 A PA    1 
HETATM 1487 P PB    . AR6 B 2 .   ? 7.635   0.923   -6.459  1.00 14.73 ? 1193 AR6 A PB    1 
HETATM 1488 C "C1'" . AR6 B 2 .   ? 9.723   0.982   0.478   1.00 17.24 ? 1193 AR6 A "C1'" 1 
HETATM 1489 O O1A   . AR6 B 2 .   ? 9.111   -1.451  -3.588  1.00 16.77 ? 1193 AR6 A O1A   1 
HETATM 1490 O O1B   . AR6 B 2 .   ? 8.448   2.224   -6.573  1.00 16.86 ? 1193 AR6 A O1B   1 
HETATM 1491 C C1D   . AR6 B 2 .   ? 8.971   -4.063  -7.329  1.00 22.99 ? 1193 AR6 A C1D   1 
HETATM 1492 O O1D   . AR6 B 2 .   ? 10.081  -4.762  -7.935  1.00 30.32 ? 1193 AR6 A O1D   1 
HETATM 1493 C "C2'" . AR6 B 2 .   ? 10.840  1.609   -0.376  1.00 18.91 ? 1193 AR6 A "C2'" 1 
HETATM 1494 O "O2'" . AR6 B 2 .   ? 11.953  2.082   0.386   1.00 19.97 ? 1193 AR6 A "O2'" 1 
HETATM 1495 O O2A   . AR6 B 2 .   ? 10.500  -0.139  -5.264  1.00 17.28 ? 1193 AR6 A O2A   1 
HETATM 1496 O O2B   . AR6 B 2 .   ? 6.154   1.130   -6.501  1.00 15.53 ? 1193 AR6 A O2B   1 
HETATM 1497 C C2D   . AR6 B 2 .   ? 7.606   -4.511  -7.806  1.00 22.77 ? 1193 AR6 A C2D   1 
HETATM 1498 O O2D   . AR6 B 2 .   ? 7.427   -5.907  -8.067  1.00 25.06 ? 1193 AR6 A O2D   1 
HETATM 1499 C "C3'" . AR6 B 2 .   ? 10.016  2.645   -1.128  1.00 19.00 ? 1193 AR6 A "C3'" 1 
HETATM 1500 O "O3'" . AR6 B 2 .   ? 9.956   3.881   -0.436  1.00 20.39 ? 1193 AR6 A "O3'" 1 
HETATM 1501 O O3A   . AR6 B 2 .   ? 7.968   0.051   -5.186  1.00 14.80 ? 1193 AR6 A O3A   1 
HETATM 1502 C C3D   . AR6 B 2 .   ? 7.426   -3.590  -8.999  1.00 21.26 ? 1193 AR6 A C3D   1 
HETATM 1503 O O3D   . AR6 B 2 .   ? 7.959   -4.097  -10.217 1.00 23.80 ? 1193 AR6 A O3D   1 
HETATM 1504 C "C4'" . AR6 B 2 .   ? 8.599   2.028   -1.263  1.00 16.97 ? 1193 AR6 A "C4'" 1 
HETATM 1505 O "O4'" . AR6 B 2 .   ? 8.653   0.857   -0.422  1.00 16.44 ? 1193 AR6 A "O4'" 1 
HETATM 1506 C C4D   . AR6 B 2 .   ? 7.981   -2.228  -8.601  1.00 19.30 ? 1193 AR6 A C4D   1 
HETATM 1507 O O4D   . AR6 B 2 .   ? 9.036   -2.686  -7.701  1.00 20.12 ? 1193 AR6 A O4D   1 
HETATM 1508 C "C5'" . AR6 B 2 .   ? 8.222   1.518   -2.647  1.00 18.93 ? 1193 AR6 A "C5'" 1 
HETATM 1509 O "O5'" . AR6 B 2 .   ? 9.417   0.992   -3.332  1.00 14.19 ? 1193 AR6 A "O5'" 1 
HETATM 1510 C C5D   . AR6 B 2 .   ? 7.130   -1.188  -7.893  1.00 16.43 ? 1193 AR6 A C5D   1 
HETATM 1511 O O5D   . AR6 B 2 .   ? 8.019   -0.085  -7.590  1.00 16.83 ? 1193 AR6 A O5D   1 
HETATM 1512 O O     . HOH C 3 .   ? 14.362  2.455   -4.144  1.00 42.67 ? 2001 HOH A O     1 
HETATM 1513 O O     . HOH C 3 .   ? 9.722   -2.939  11.591  1.00 31.13 ? 2002 HOH A O     1 
HETATM 1514 O O     . HOH C 3 .   ? 10.414  10.834  15.128  1.00 41.17 ? 2003 HOH A O     1 
HETATM 1515 O O     . HOH C 3 .   ? 6.077   3.607   18.487  1.00 35.93 ? 2004 HOH A O     1 
HETATM 1516 O O     . HOH C 3 .   ? 7.648   11.889  15.410  1.00 23.34 ? 2005 HOH A O     1 
HETATM 1517 O O     . HOH C 3 .   ? 0.754   7.438   18.193  1.00 28.61 ? 2006 HOH A O     1 
HETATM 1518 O O     . HOH C 3 .   ? -1.337  5.137   19.400  1.00 46.34 ? 2007 HOH A O     1 
HETATM 1519 O O     . HOH C 3 .   ? 9.266   -12.708 7.839   1.00 38.39 ? 2008 HOH A O     1 
HETATM 1520 O O     . HOH C 3 .   ? -12.695 9.663   7.734   1.00 40.49 ? 2009 HOH A O     1 
HETATM 1521 O O     . HOH C 3 .   ? 4.102   -2.785  16.357  1.00 42.31 ? 2010 HOH A O     1 
HETATM 1522 O O     . HOH C 3 .   ? 3.178   -0.087  15.947  1.00 37.74 ? 2011 HOH A O     1 
HETATM 1523 O O     . HOH C 3 .   ? -10.470 5.378   14.403  1.00 37.11 ? 2012 HOH A O     1 
HETATM 1524 O O     . HOH C 3 .   ? -4.046  3.959   12.827  1.00 25.45 ? 2013 HOH A O     1 
HETATM 1525 O O     . HOH C 3 .   ? 1.276   -0.419  -15.293 1.00 38.51 ? 2014 HOH A O     1 
HETATM 1526 O O     . HOH C 3 .   ? 13.631  -13.708 -6.472  1.00 38.75 ? 2015 HOH A O     1 
HETATM 1527 O O     . HOH C 3 .   ? 15.080  -1.744  -5.130  1.00 27.30 ? 2016 HOH A O     1 
HETATM 1528 O O     . HOH C 3 .   ? 14.917  -7.330  -1.943  1.00 22.95 ? 2017 HOH A O     1 
HETATM 1529 O O     . HOH C 3 .   ? 11.752  1.520   13.118  1.00 39.75 ? 2018 HOH A O     1 
HETATM 1530 O O     . HOH C 3 .   ? 10.783  -12.706 5.412   1.00 29.43 ? 2019 HOH A O     1 
HETATM 1531 O O     . HOH C 3 .   ? 13.109  -5.436  7.438   1.00 43.20 ? 2020 HOH A O     1 
HETATM 1532 O O     . HOH C 3 .   ? 11.127  -8.097  5.590   1.00 32.69 ? 2021 HOH A O     1 
HETATM 1533 O O     . HOH C 3 .   ? 8.769   -9.964  8.381   1.00 29.61 ? 2022 HOH A O     1 
HETATM 1534 O O     . HOH C 3 .   ? 5.801   -4.364  14.623  1.00 40.98 ? 2023 HOH A O     1 
HETATM 1535 O O     . HOH C 3 .   ? -3.145  -20.213 -5.048  1.00 38.26 ? 2024 HOH A O     1 
HETATM 1536 O O     . HOH C 3 .   ? 0.516   1.197   15.442  1.00 36.20 ? 2025 HOH A O     1 
HETATM 1537 O O     . HOH C 3 .   ? -2.452  1.762   12.314  1.00 28.44 ? 2026 HOH A O     1 
HETATM 1538 O O     . HOH C 3 .   ? -8.851  -18.192 -13.475 1.00 40.28 ? 2027 HOH A O     1 
HETATM 1539 O O     . HOH C 3 .   ? -3.958  -1.095  12.443  1.00 33.42 ? 2028 HOH A O     1 
HETATM 1540 O O     . HOH C 3 .   ? 3.565   0.094   -7.504  1.00 14.96 ? 2029 HOH A O     1 
HETATM 1541 O O     . HOH C 3 .   ? 2.472   -0.277  -18.094 1.00 43.83 ? 2030 HOH A O     1 
HETATM 1542 O O     . HOH C 3 .   ? 0.908   -11.612 -14.695 1.00 29.48 ? 2031 HOH A O     1 
HETATM 1543 O O     . HOH C 3 .   ? 4.424   -2.416  -16.434 1.00 38.14 ? 2032 HOH A O     1 
HETATM 1544 O O     . HOH C 3 .   ? 8.983   -8.025  -13.512 1.00 36.67 ? 2033 HOH A O     1 
HETATM 1545 O O     . HOH C 3 .   ? 9.392   -6.929  -9.870  1.00 32.56 ? 2034 HOH A O     1 
HETATM 1546 O O     . HOH C 3 .   ? 14.848  13.169  -10.501 1.00 46.75 ? 2035 HOH A O     1 
HETATM 1547 O O     . HOH C 3 .   ? 5.388   11.097  -18.172 1.00 47.93 ? 2036 HOH A O     1 
HETATM 1548 O O     . HOH C 3 .   ? 14.542  -7.798  -8.817  1.00 31.12 ? 2037 HOH A O     1 
HETATM 1549 O O     . HOH C 3 .   ? 13.376  -11.357 -8.157  1.00 46.39 ? 2038 HOH A O     1 
HETATM 1550 O O     . HOH C 3 .   ? 14.918  -3.778  -3.371  1.00 25.99 ? 2039 HOH A O     1 
HETATM 1551 O O     . HOH C 3 .   ? 13.001  -6.153  -0.344  1.00 23.91 ? 2040 HOH A O     1 
HETATM 1552 O O     . HOH C 3 .   ? -10.116 8.387   -8.950  1.00 40.22 ? 2041 HOH A O     1 
HETATM 1553 O O     . HOH C 3 .   ? 3.965   -9.417  -2.676  1.00 30.40 ? 2042 HOH A O     1 
HETATM 1554 O O     . HOH C 3 .   ? 12.649  -15.581 -2.076  1.00 27.55 ? 2043 HOH A O     1 
HETATM 1555 O O     . HOH C 3 .   ? 10.433  -10.273 4.023   1.00 22.34 ? 2044 HOH A O     1 
HETATM 1556 O O     . HOH C 3 .   ? -11.943 -9.652  -2.006  1.00 31.40 ? 2045 HOH A O     1 
HETATM 1557 O O     . HOH C 3 .   ? 7.998   -16.636 5.773   1.00 38.96 ? 2046 HOH A O     1 
HETATM 1558 O O     . HOH C 3 .   ? 6.970   -14.496 7.883   1.00 34.06 ? 2047 HOH A O     1 
HETATM 1559 O O     . HOH C 3 .   ? 4.694   -21.229 1.156   1.00 48.60 ? 2048 HOH A O     1 
HETATM 1560 O O     . HOH C 3 .   ? 8.667   -21.434 1.315   1.00 47.61 ? 2049 HOH A O     1 
HETATM 1561 O O     . HOH C 3 .   ? 9.891   -20.075 -6.855  1.00 49.97 ? 2050 HOH A O     1 
HETATM 1562 O O     . HOH C 3 .   ? 8.556   -1.379  -15.984 1.00 38.84 ? 2051 HOH A O     1 
HETATM 1563 O O     . HOH C 3 .   ? 12.077  -16.202 -4.844  1.00 36.26 ? 2052 HOH A O     1 
HETATM 1564 O O     . HOH C 3 .   ? 3.038   -20.994 -5.676  1.00 33.77 ? 2053 HOH A O     1 
HETATM 1565 O O     . HOH C 3 .   ? 9.098   -13.168 -7.340  1.00 33.49 ? 2054 HOH A O     1 
HETATM 1566 O O     . HOH C 3 .   ? 0.462   -18.827 -11.463 1.00 37.44 ? 2055 HOH A O     1 
HETATM 1567 O O     . HOH C 3 .   ? -4.180  -17.671 -5.729  1.00 24.19 ? 2056 HOH A O     1 
HETATM 1568 O O     . HOH C 3 .   ? -2.261  -13.656 -14.003 1.00 34.32 ? 2057 HOH A O     1 
HETATM 1569 O O     . HOH C 3 .   ? -6.775  -18.697 -11.214 1.00 34.26 ? 2058 HOH A O     1 
HETATM 1570 O O     . HOH C 3 .   ? -14.135 -13.521 -11.003 1.00 45.54 ? 2059 HOH A O     1 
HETATM 1571 O O     . HOH C 3 .   ? -8.285  -15.475 -5.418  1.00 23.79 ? 2060 HOH A O     1 
HETATM 1572 O O     . HOH C 3 .   ? -6.461  -18.093 -7.413  1.00 31.58 ? 2061 HOH A O     1 
HETATM 1573 O O     . HOH C 3 .   ? -13.146 -14.134 -14.603 1.00 44.73 ? 2062 HOH A O     1 
HETATM 1574 O O     . HOH C 3 .   ? -13.171 -7.953  -11.239 1.00 40.19 ? 2063 HOH A O     1 
HETATM 1575 O O     . HOH C 3 .   ? -9.968  -14.490 -3.216  1.00 28.75 ? 2064 HOH A O     1 
HETATM 1576 O O     . HOH C 3 .   ? -10.069 -8.208  -6.329  1.00 24.25 ? 2065 HOH A O     1 
HETATM 1577 O O     . HOH C 3 .   ? 0.255   -9.245  -18.701 1.00 42.42 ? 2066 HOH A O     1 
HETATM 1578 O O     . HOH C 3 .   ? -4.287  -10.449 -20.132 1.00 42.26 ? 2067 HOH A O     1 
HETATM 1579 O O     . HOH C 3 .   ? -7.518  -2.988  -19.244 1.00 44.07 ? 2068 HOH A O     1 
HETATM 1580 O O     . HOH C 3 .   ? -1.453  -0.846  -14.685 1.00 42.22 ? 2069 HOH A O     1 
HETATM 1581 O O     . HOH C 3 .   ? -3.558  0.993   -15.787 1.00 31.48 ? 2070 HOH A O     1 
HETATM 1582 O O     . HOH C 3 .   ? -9.547  -1.743  -15.738 1.00 33.75 ? 2071 HOH A O     1 
HETATM 1583 O O     . HOH C 3 .   ? -6.910  2.970   -14.195 1.00 30.00 ? 2072 HOH A O     1 
HETATM 1584 O O     . HOH C 3 .   ? 0.461   3.654   -16.466 1.00 29.77 ? 2073 HOH A O     1 
HETATM 1585 O O     . HOH C 3 .   ? -9.328  1.326   -12.009 1.00 40.83 ? 2074 HOH A O     1 
HETATM 1586 O O     . HOH C 3 .   ? -12.117 -3.468  -12.614 1.00 34.74 ? 2075 HOH A O     1 
HETATM 1587 O O     . HOH C 3 .   ? -10.379 -3.536  -7.410  1.00 23.35 ? 2076 HOH A O     1 
HETATM 1588 O O     . HOH C 3 .   ? -7.404  -14.267 -2.251  1.00 27.08 ? 2077 HOH A O     1 
HETATM 1589 O O     . HOH C 3 .   ? -7.338  -13.732 0.499   1.00 30.80 ? 2078 HOH A O     1 
HETATM 1590 O O     . HOH C 3 .   ? 3.372   -21.335 3.839   1.00 47.21 ? 2079 HOH A O     1 
HETATM 1591 O O     . HOH C 3 .   ? -1.215  -19.354 7.854   1.00 37.41 ? 2080 HOH A O     1 
HETATM 1592 O O     . HOH C 3 .   ? -4.874  -13.233 10.506  1.00 37.07 ? 2081 HOH A O     1 
HETATM 1593 O O     . HOH C 3 .   ? -5.838  -15.034 4.911   1.00 20.73 ? 2082 HOH A O     1 
HETATM 1594 O O     . HOH C 3 .   ? 0.644   -17.791 9.878   1.00 36.75 ? 2083 HOH A O     1 
HETATM 1595 O O     . HOH C 3 .   ? 1.606   -7.701  12.381  1.00 40.09 ? 2084 HOH A O     1 
HETATM 1596 O O     . HOH C 3 .   ? -1.785  -7.458  12.537  1.00 34.60 ? 2085 HOH A O     1 
HETATM 1597 O O     . HOH C 3 .   ? -7.585  -18.472 7.460   1.00 42.99 ? 2086 HOH A O     1 
HETATM 1598 O O     . HOH C 3 .   ? -11.699 -10.424 7.409   1.00 37.77 ? 2087 HOH A O     1 
HETATM 1599 O O     . HOH C 3 .   ? -11.629 -13.468 2.788   1.00 29.20 ? 2088 HOH A O     1 
HETATM 1600 O O     . HOH C 3 .   ? -3.980  -0.446  -8.348  1.00 16.03 ? 2089 HOH A O     1 
HETATM 1601 O O     . HOH C 3 .   ? 2.829   1.044   -13.494 1.00 26.03 ? 2090 HOH A O     1 
HETATM 1602 O O     . HOH C 3 .   ? 5.628   7.603   -9.143  1.00 25.71 ? 2091 HOH A O     1 
HETATM 1603 O O     . HOH C 3 .   ? 3.162   3.607   -15.307 1.00 36.49 ? 2092 HOH A O     1 
HETATM 1604 O O     . HOH C 3 .   ? 13.621  14.209  -13.266 1.00 30.30 ? 2093 HOH A O     1 
HETATM 1605 O O     . HOH C 3 .   ? 9.483   15.454  -10.289 1.00 40.45 ? 2094 HOH A O     1 
HETATM 1606 O O     . HOH C 3 .   ? 8.153   12.549  -9.209  1.00 30.29 ? 2095 HOH A O     1 
HETATM 1607 O O     . HOH C 3 .   ? 3.939   18.701  -12.035 1.00 29.30 ? 2096 HOH A O     1 
HETATM 1608 O O     . HOH C 3 .   ? 0.928   17.905  -7.241  1.00 47.97 ? 2097 HOH A O     1 
HETATM 1609 O O     . HOH C 3 .   ? 3.012   12.523  -17.467 1.00 30.15 ? 2098 HOH A O     1 
HETATM 1610 O O     . HOH C 3 .   ? 1.070   18.542  -12.225 1.00 30.33 ? 2099 HOH A O     1 
HETATM 1611 O O     . HOH C 3 .   ? -4.545  14.629  -11.081 1.00 35.52 ? 2100 HOH A O     1 
HETATM 1612 O O     . HOH C 3 .   ? -0.675  14.962  -17.195 1.00 26.85 ? 2101 HOH A O     1 
HETATM 1613 O O     . HOH C 3 .   ? -4.101  9.480   -15.413 1.00 29.82 ? 2102 HOH A O     1 
HETATM 1614 O O     . HOH C 3 .   ? 1.699   8.005   -16.929 1.00 40.03 ? 2103 HOH A O     1 
HETATM 1615 O O     . HOH C 3 .   ? -12.134 10.407  -4.955  1.00 30.31 ? 2104 HOH A O     1 
HETATM 1616 O O     . HOH C 3 .   ? -5.869  7.381   -14.175 1.00 35.47 ? 2105 HOH A O     1 
HETATM 1617 O O     . HOH C 3 .   ? -10.967 -1.605  -4.861  1.00 27.07 ? 2106 HOH A O     1 
HETATM 1618 O O     . HOH C 3 .   ? -11.235 2.612   -6.442  1.00 47.02 ? 2107 HOH A O     1 
HETATM 1619 O O     . HOH C 3 .   ? -15.847 0.252   -1.216  1.00 29.01 ? 2108 HOH A O     1 
HETATM 1620 O O     . HOH C 3 .   ? -12.380 -8.678  -4.688  1.00 44.16 ? 2109 HOH A O     1 
HETATM 1621 O O     . HOH C 3 .   ? -18.565 -3.047  4.283   1.00 37.19 ? 2110 HOH A O     1 
HETATM 1622 O O     . HOH C 3 .   ? -19.128 -0.477  5.880   1.00 39.42 ? 2111 HOH A O     1 
HETATM 1623 O O     . HOH C 3 .   ? -19.242 -5.634  2.750   1.00 46.27 ? 2112 HOH A O     1 
HETATM 1624 O O     . HOH C 3 .   ? -13.607 -2.344  -4.045  1.00 29.52 ? 2113 HOH A O     1 
HETATM 1625 O O     . HOH C 3 .   ? -16.099 -8.841  0.466   1.00 43.84 ? 2114 HOH A O     1 
HETATM 1626 O O     . HOH C 3 .   ? -14.506 -10.007 4.891   1.00 40.99 ? 2115 HOH A O     1 
HETATM 1627 O O     . HOH C 3 .   ? -15.984 -4.508  10.002  1.00 49.40 ? 2116 HOH A O     1 
HETATM 1628 O O     . HOH C 3 .   ? -11.473 -5.868  10.426  1.00 34.90 ? 2117 HOH A O     1 
HETATM 1629 O O     . HOH C 3 .   ? -3.643  0.378   10.093  1.00 27.28 ? 2118 HOH A O     1 
HETATM 1630 O O     . HOH C 3 .   ? 13.194  6.556   -6.097  1.00 36.64 ? 2119 HOH A O     1 
HETATM 1631 O O     . HOH C 3 .   ? 14.558  2.790   -10.847 1.00 24.99 ? 2120 HOH A O     1 
HETATM 1632 O O     . HOH C 3 .   ? 11.682  5.035   -12.420 1.00 38.64 ? 2121 HOH A O     1 
HETATM 1633 O O     . HOH C 3 .   ? 7.582   -2.934  -13.707 1.00 26.80 ? 2122 HOH A O     1 
HETATM 1634 O O     . HOH C 3 .   ? 3.581   -1.836  -13.728 1.00 22.70 ? 2123 HOH A O     1 
HETATM 1635 O O     . HOH C 3 .   ? 11.150  11.914  -8.440  1.00 37.43 ? 2124 HOH A O     1 
HETATM 1636 O O     . HOH C 3 .   ? 8.386   17.510  -3.936  1.00 40.44 ? 2125 HOH A O     1 
HETATM 1637 O O     . HOH C 3 .   ? 10.812  13.956  -1.912  1.00 30.37 ? 2126 HOH A O     1 
HETATM 1638 O O     . HOH C 3 .   ? 12.090  10.774  -3.462  1.00 32.30 ? 2127 HOH A O     1 
HETATM 1639 O O     . HOH C 3 .   ? 12.087  16.081  -0.096  1.00 45.45 ? 2128 HOH A O     1 
HETATM 1640 O O     . HOH C 3 .   ? 1.091   16.963  -4.424  1.00 37.18 ? 2129 HOH A O     1 
HETATM 1641 O O     . HOH C 3 .   ? -2.258  16.062  0.655   1.00 32.42 ? 2130 HOH A O     1 
HETATM 1642 O O     . HOH C 3 .   ? -0.928  14.859  -4.682  1.00 34.99 ? 2131 HOH A O     1 
HETATM 1643 O O     . HOH C 3 .   ? -14.267 11.942  3.153   1.00 44.71 ? 2132 HOH A O     1 
HETATM 1644 O O     . HOH C 3 .   ? -11.762 9.800   4.960   1.00 36.05 ? 2133 HOH A O     1 
HETATM 1645 O O     . HOH C 3 .   ? -14.409 6.446   -1.024  1.00 33.31 ? 2134 HOH A O     1 
HETATM 1646 O O     . HOH C 3 .   ? -16.505 8.512   5.684   1.00 48.82 ? 2135 HOH A O     1 
HETATM 1647 O O     . HOH C 3 .   ? -15.180 -1.578  11.440  1.00 34.44 ? 2136 HOH A O     1 
HETATM 1648 O O     . HOH C 3 .   ? 7.113   2.322   2.281   1.00 15.47 ? 2137 HOH A O     1 
HETATM 1649 O O     . HOH C 3 .   ? 12.925  -0.547  8.491   1.00 45.12 ? 2138 HOH A O     1 
HETATM 1650 O O     . HOH C 3 .   ? 12.349  -6.027  4.026   1.00 33.66 ? 2139 HOH A O     1 
HETATM 1651 O O     . HOH C 3 .   ? 18.350  6.251   5.422   1.00 38.97 ? 2140 HOH A O     1 
HETATM 1652 O O     . HOH C 3 .   ? 17.322  3.301   7.553   1.00 42.09 ? 2141 HOH A O     1 
HETATM 1653 O O     . HOH C 3 .   ? 15.066  13.315  5.756   1.00 40.06 ? 2142 HOH A O     1 
HETATM 1654 O O     . HOH C 3 .   ? 21.641  9.563   -0.667  1.00 37.62 ? 2143 HOH A O     1 
HETATM 1655 O O     . HOH C 3 .   ? 11.218  15.329  9.642   1.00 37.03 ? 2144 HOH A O     1 
HETATM 1656 O O     . HOH C 3 .   ? 9.284   16.686  3.355   1.00 39.24 ? 2145 HOH A O     1 
HETATM 1657 O O     . HOH C 3 .   ? 6.352   20.282  7.998   1.00 42.19 ? 2146 HOH A O     1 
HETATM 1658 O O     . HOH C 3 .   ? 7.598   -3.428  -4.574  1.00 16.14 ? 2147 HOH A O     1 
HETATM 1659 O O     . HOH C 3 .   ? 4.809   -7.020  -8.198  1.00 17.67 ? 2148 HOH A O     1 
HETATM 1660 O O     . HOH C 3 .   ? 9.296   3.985   2.294   1.00 24.12 ? 2149 HOH A O     1 
HETATM 1661 O O     . HOH C 3 .   ? 13.014  -0.131  -4.027  1.00 22.42 ? 2150 HOH A O     1 
HETATM 1662 O O     . HOH C 3 .   ? 11.973  5.446   -1.420  1.00 31.03 ? 2151 HOH A O     1 
HETATM 1663 O O     . HOH C 3 .   ? 11.485  -2.660  -5.880  1.00 28.88 ? 2152 HOH A O     1 
HETATM 1664 O O     . HOH C 3 .   ? 14.444  1.367   0.065   1.00 39.87 ? 2153 HOH A O     1 
HETATM 1665 O O     . HOH C 3 .   ? 13.364  -0.803  -1.325  1.00 26.89 ? 2154 HOH A O     1 
HETATM 1666 O O     . HOH C 3 .   ? 12.855  -4.234  1.823   1.00 40.18 ? 2155 HOH A O     1 
# 
